data_6YAH
#
_entry.id   6YAH
#
loop_
_entity.id
_entity.type
_entity.pdbx_description
1 polymer 'AP-2 complex subunit alpha-2'
2 polymer 'AP-2 complex subunit beta'
3 polymer 'AP-2 complex subunit mu'
4 polymer 'AP-2 complex subunit sigma'
#
loop_
_entity_poly.entity_id
_entity_poly.type
_entity_poly.pdbx_seq_one_letter_code
_entity_poly.pdbx_strand_id
1 'polypeptide(L)'
;MPAVSKGDGMRGLAVFISDIRNCKSKEAEIKRINKELANIRSKFKGDKALDGYSKKKYVCKLLFIFLLGHDIDFGHMEAV
NLLSSNRYTEKQIGYLFISVLVNSNSELIRLINNAIKNDLASRNPTFMGLALHCIANVGSREMAEAFAGEIPKILVAGDT
MDSVKQSAALCLLRLYRTSPDLVPMGDWTSRVVHLLNDQHLGVVTAATSLITTLAQKNPEEFKTSVSLAVSRLSRIVTSA
STDLQDYTYYFVPAPWLSVKLLRLLQCYPPPEDPAVRGRLTECLETILNKAQEPPKSKKVQHSNAKNAVLFEAISLIIHH
DSEPNLLVRACNQLGQFLQHRETNLRYLALESMCTLASSEFSHEAVKTHIETVINALKTERDVSVRQRAVDLLYAMCDRS
NAQQIVAEMLSYLETADYSIREEIVLKVAILAEKYAVDYTWYVDTILNLIRIAGDYVSEEVWYRVIQIVINRDDVQGYAA
KTVFEALQAPACHENLVKVGGYILGEFGNLIAGDPRSSPLIQFNLLHSKFHLCSVPTRALLLSTYIKFVNLFPEVKATIQ
DVLRSDSQLKNADVELQQRAVEYLRLSTVASTDILATVLEEMPPFPERESSILAKLKKKKGGSGLVPR
;
A
2 'polypeptide(L)'
;MHHHHHHMTDSKYFTTNKKGEIFELKAELNNEKKEKRKEAVKKVIAAMTVGKDVSSLFPDVVNCMQTDNLELKKLVYLYL
MNYAKSQPDMAIMAVNSFVKDCEDPNPLIRALAVRTMGCIRVDKITEYLCEPLRKCLKDEDPYVRKTAAVCVAKLHDINA
QMVEDQGFLDSLRDLIADSNPMVVANAVAALSEISESHPNSNLLDLNPQNINKLLTALNECTEWGQIFILDCLSNYNPKD
DREAQSICERVTPRLSHANSAVVLSAVKVLMKFLELLPKDSDYYNMLLKKLAPPLVTLLSGEPEVQYVALRNINLIVQKR
PEILKQEIKVFFVKYNDPIYVKLEKLDIMIRLASQANIAQVLAELKEYATEVDVDFVRKAVRAIGRCAIKVEQSAERCVS
TLLDLIQTKVNYVVQEAIVVIRDIFRKYPNKYESIIATLCENLDSLDEPDARAAMIWIVGEYAERIDNADELLESFLEGF
HDESTQVQLTLLTAIVKLFLKKPSETQELVQQVLSLATQDSDNPDLRDRGYIYWRLLSTDPVTAKEVVLSEKPLISEETD
LIEPTLLDELICHIGSLASVYHKPPNAFVEGSHGIHRKHLPIHHGSTDAGDSPVGTTTATNLEQPQVIPSQGDLLGDLLN
LDLGPPVNVPQVSSMQMGAVDLLGGGLDSLVGQSFIPSSVPATFAPSPTPAVVSSGLNDLFELSTGIGMAPGGYVAPKAV
WLPAVKAKGLEISGTFTHRQGHIYMEMNFTNKALQHMTDFAIQFNKNSFGVIPSTPLAIHTPLMPNQSIDVSLPLNTLGP
VMKMEPLNNLQVAVKNNIDVFYFSCLIPLNVLFVEDGKMERQVFLATWKDIPNENELQFQIKECHLNADTVSSKLQNNNV
YTIAKRNVEGQDMLYQSLKLTNGIWILAELRIQPGNPNYTLSLKCRAPEVSQYIYQVYDSILKN
;
B
3 'polypeptide(L)'
;MIGGLFIYNHKGEVLISRVYRDDIGRNAVDAFRVNVIHARQQVRSPVTNIARTSFFHVKRSNIWLAAVTKQNVNAAMVFE
FLYKMCDVMAAYFGKISEENIKNNFVLIYELLDEILDFGYPQNSETGALKTFITQQGIKSQHQTKEEQSQITSQVTGQIG
WRREGIKYRRNELFLDVLESVNLLMSPQGQVLSAHVSGRVVMKSYLSGMPECKFGMNDKIVIEKQGKGTADETSKSMEQK
LISEEDLGKQSIAIDDCTFHQCVRLSKFDSERSISFIPPDGEFELMRYRTTKDIILPFRVIPLVREVGRTKLEVKVVIKS
NFKPSLLAQKIEVRIPTPLNTSGVQVICMKGKAKYKASENAIVWKIKRMAGMKESQISAEIELLPTNDKKKWARPPISMN
FEVPFAPSGLKVRYLKVFEPKLNYSDHDVIKWVRYIGRSGIYETRC
;
M
4 'polypeptide(L)'
;MIRFILIQNRAGKTRLAKWYMQFDDDEKQKLIEEVHAVVTVRDAKHTNFVEFRNFKIIYRRYAGLYFCICVDVNDNNLAY
LEAIHNFVEVLNEYFHNVCELDLVFNFYKVYTVVDEMFLAGEIRETSQTKVLKQLLMLQSLE
;
S
#
# COMPACT_ATOMS: atom_id res chain seq x y z
N GLY A 9 -28.33 -11.84 42.94
CA GLY A 9 -28.62 -10.94 44.04
C GLY A 9 -28.96 -9.54 43.57
N MET A 10 -29.08 -9.39 42.25
CA MET A 10 -29.37 -8.10 41.65
C MET A 10 -29.88 -8.31 40.23
N ARG A 11 -31.07 -7.79 39.93
CA ARG A 11 -31.74 -8.16 38.69
C ARG A 11 -31.09 -7.52 37.48
N GLY A 12 -31.06 -6.19 37.43
CA GLY A 12 -30.58 -5.43 36.29
C GLY A 12 -29.36 -6.01 35.62
N LEU A 13 -28.32 -6.32 36.39
CA LEU A 13 -27.09 -6.88 35.84
C LEU A 13 -27.35 -8.17 35.07
N ALA A 14 -27.94 -9.16 35.74
CA ALA A 14 -28.10 -10.47 35.14
C ALA A 14 -29.10 -10.42 33.97
N VAL A 15 -30.22 -9.74 34.17
CA VAL A 15 -31.23 -9.65 33.12
C VAL A 15 -30.67 -8.92 31.92
N PHE A 16 -29.77 -7.96 32.18
CA PHE A 16 -29.15 -7.20 31.11
C PHE A 16 -28.18 -8.07 30.32
N ILE A 17 -27.36 -8.84 31.04
CA ILE A 17 -26.50 -9.81 30.36
C ILE A 17 -27.35 -10.72 29.48
N SER A 18 -28.42 -11.26 30.06
CA SER A 18 -29.34 -12.11 29.32
C SER A 18 -29.80 -11.44 28.04
N ASP A 19 -30.46 -10.29 28.16
CA ASP A 19 -31.11 -9.68 27.01
C ASP A 19 -30.09 -9.23 25.97
N ILE A 20 -29.13 -8.40 26.38
CA ILE A 20 -28.21 -7.82 25.41
C ILE A 20 -27.38 -8.93 24.77
N ARG A 21 -27.18 -10.05 25.48
CA ARG A 21 -26.58 -11.20 24.83
C ARG A 21 -27.46 -11.69 23.69
N ASN A 22 -28.77 -11.61 23.87
CA ASN A 22 -29.71 -12.04 22.84
C ASN A 22 -29.98 -10.95 21.82
N CYS A 23 -29.71 -9.68 22.15
CA CYS A 23 -29.77 -8.63 21.15
C CYS A 23 -28.64 -8.84 20.15
N LYS A 24 -28.98 -8.73 18.86
CA LYS A 24 -28.00 -8.90 17.79
C LYS A 24 -27.91 -7.72 16.83
N SER A 25 -29.01 -7.11 16.43
CA SER A 25 -28.99 -5.92 15.58
C SER A 25 -28.47 -4.76 16.41
N LYS A 26 -27.25 -4.33 16.11
CA LYS A 26 -26.50 -3.38 16.93
C LYS A 26 -27.36 -2.22 17.41
N GLU A 27 -28.38 -1.85 16.65
CA GLU A 27 -29.32 -0.86 17.14
C GLU A 27 -30.06 -1.35 18.37
N ALA A 28 -30.42 -2.63 18.40
CA ALA A 28 -31.06 -3.18 19.59
C ALA A 28 -30.10 -3.19 20.77
N GLU A 29 -28.84 -3.54 20.52
CA GLU A 29 -27.81 -3.37 21.54
C GLU A 29 -27.81 -1.94 22.07
N ILE A 30 -27.82 -0.97 21.16
CA ILE A 30 -27.82 0.44 21.56
C ILE A 30 -29.03 0.74 22.41
N LYS A 31 -30.19 0.23 22.02
CA LYS A 31 -31.42 0.48 22.76
C LYS A 31 -31.30 -0.06 24.17
N ARG A 32 -30.83 -1.29 24.31
CA ARG A 32 -30.66 -1.88 25.63
C ARG A 32 -29.63 -1.09 26.44
N ILE A 33 -28.58 -0.62 25.76
CA ILE A 33 -27.57 0.20 26.40
C ILE A 33 -28.20 1.47 26.96
N ASN A 34 -29.01 2.15 26.15
CA ASN A 34 -29.64 3.38 26.59
C ASN A 34 -30.65 3.13 27.71
N LYS A 35 -31.30 1.96 27.69
CA LYS A 35 -32.19 1.61 28.78
C LYS A 35 -31.41 1.48 30.08
N GLU A 36 -30.31 0.70 30.04
CA GLU A 36 -29.44 0.64 31.21
C GLU A 36 -28.87 2.01 31.55
N LEU A 37 -28.72 2.88 30.55
CA LEU A 37 -28.18 4.21 30.79
C LEU A 37 -29.14 5.04 31.60
N ALA A 38 -30.37 5.18 31.12
CA ALA A 38 -31.43 5.76 31.95
C ALA A 38 -31.39 5.15 33.34
N ASN A 39 -31.51 3.82 33.43
CA ASN A 39 -31.51 3.13 34.72
C ASN A 39 -30.39 3.62 35.62
N ILE A 40 -29.14 3.39 35.21
CA ILE A 40 -28.00 3.60 36.09
C ILE A 40 -27.70 5.06 36.30
N ARG A 41 -27.63 5.85 35.22
CA ARG A 41 -27.42 7.29 35.35
C ARG A 41 -28.46 7.91 36.27
N SER A 42 -29.75 7.85 35.89
CA SER A 42 -30.79 8.39 36.74
C SER A 42 -30.74 7.83 38.15
N LYS A 43 -30.39 6.56 38.31
CA LYS A 43 -30.23 5.99 39.65
C LYS A 43 -29.10 6.66 40.39
N PHE A 44 -28.16 7.25 39.66
CA PHE A 44 -27.05 7.93 40.29
C PHE A 44 -27.24 9.43 40.10
N LYS A 45 -27.72 9.82 38.92
CA LYS A 45 -28.18 11.18 38.69
C LYS A 45 -29.62 11.29 39.18
N GLY A 46 -29.73 11.40 40.50
CA GLY A 46 -31.01 11.30 41.16
C GLY A 46 -31.20 9.89 41.67
N ASP A 47 -32.38 9.58 42.19
CA ASP A 47 -32.76 8.24 42.58
C ASP A 47 -31.65 7.56 43.39
N LYS A 48 -31.28 8.15 44.52
CA LYS A 48 -30.03 7.86 45.22
C LYS A 48 -29.67 6.38 45.28
N ALA A 49 -28.39 6.08 45.17
CA ALA A 49 -27.91 4.71 44.97
C ALA A 49 -28.03 3.92 46.27
N LEU A 50 -28.34 2.64 46.13
CA LEU A 50 -28.48 1.73 47.26
C LEU A 50 -27.23 0.85 47.34
N ASP A 51 -27.04 0.24 48.50
CA ASP A 51 -25.70 -0.18 48.90
C ASP A 51 -25.20 -1.48 48.27
N GLY A 52 -25.83 -2.61 48.55
CA GLY A 52 -25.22 -3.84 48.12
C GLY A 52 -25.51 -4.25 46.69
N TYR A 53 -26.76 -4.62 46.45
CA TYR A 53 -27.18 -5.23 45.20
C TYR A 53 -27.10 -4.21 44.07
N SER A 54 -27.66 -3.03 44.28
CA SER A 54 -27.75 -2.04 43.23
C SER A 54 -26.35 -1.57 42.85
N LYS A 55 -25.55 -1.19 43.84
CA LYS A 55 -24.18 -0.77 43.56
C LYS A 55 -23.41 -1.87 42.84
N LYS A 56 -23.42 -3.09 43.37
CA LYS A 56 -22.65 -4.15 42.73
C LYS A 56 -23.09 -4.38 41.30
N LYS A 57 -24.40 -4.59 41.10
CA LYS A 57 -24.96 -4.78 39.77
C LYS A 57 -24.53 -3.69 38.81
N TYR A 58 -24.84 -2.43 39.17
CA TYR A 58 -24.61 -1.33 38.25
C TYR A 58 -23.13 -1.11 38.02
N VAL A 59 -22.29 -1.35 39.03
CA VAL A 59 -20.87 -1.04 38.90
C VAL A 59 -20.17 -2.12 38.08
N CYS A 60 -20.54 -3.39 38.29
CA CYS A 60 -20.05 -4.43 37.40
C CYS A 60 -20.49 -4.17 35.97
N LYS A 61 -21.73 -3.73 35.79
CA LYS A 61 -22.18 -3.32 34.46
C LYS A 61 -21.31 -2.19 33.92
N LEU A 62 -21.05 -1.17 34.73
CA LEU A 62 -20.27 -0.03 34.29
C LEU A 62 -18.87 -0.44 33.90
N LEU A 63 -18.24 -1.27 34.72
CA LEU A 63 -16.90 -1.76 34.43
C LEU A 63 -16.88 -2.52 33.12
N PHE A 64 -17.78 -3.50 32.99
CA PHE A 64 -17.73 -4.34 31.79
C PHE A 64 -18.14 -3.56 30.55
N ILE A 65 -18.92 -2.50 30.72
CA ILE A 65 -19.30 -1.67 29.58
C ILE A 65 -18.12 -0.79 29.16
N PHE A 66 -17.49 -0.15 30.15
CA PHE A 66 -16.19 0.48 29.93
C PHE A 66 -15.28 -0.44 29.14
N LEU A 67 -15.27 -1.72 29.47
CA LEU A 67 -14.55 -2.71 28.69
C LEU A 67 -15.18 -2.95 27.32
N LEU A 68 -16.50 -2.82 27.22
CA LEU A 68 -17.23 -3.06 26.00
C LEU A 68 -17.04 -1.95 24.99
N GLY A 69 -16.33 -0.89 25.37
CA GLY A 69 -16.02 0.15 24.42
C GLY A 69 -16.53 1.48 24.89
N HIS A 70 -16.62 1.64 26.20
CA HIS A 70 -17.24 2.82 26.80
C HIS A 70 -16.38 3.25 27.98
N ASP A 71 -16.92 4.15 28.80
CA ASP A 71 -16.18 4.65 29.95
C ASP A 71 -17.18 5.18 30.97
N ILE A 72 -16.73 5.24 32.21
CA ILE A 72 -17.55 5.75 33.30
C ILE A 72 -16.92 7.05 33.80
N ASP A 73 -17.71 8.12 33.76
CA ASP A 73 -17.23 9.41 34.23
C ASP A 73 -17.83 9.79 35.58
N PHE A 74 -18.08 8.83 36.47
CA PHE A 74 -18.74 9.10 37.73
C PHE A 74 -18.59 7.86 38.60
N GLY A 75 -19.26 7.88 39.75
CA GLY A 75 -19.29 6.72 40.60
C GLY A 75 -17.94 6.28 41.11
N HIS A 76 -16.90 7.07 40.89
CA HIS A 76 -15.56 6.72 41.34
C HIS A 76 -15.29 7.14 42.78
N MET A 77 -15.70 8.35 43.17
CA MET A 77 -15.84 8.63 44.59
C MET A 77 -16.82 7.64 45.21
N GLU A 78 -17.81 7.24 44.44
CA GLU A 78 -18.77 6.24 44.86
C GLU A 78 -18.15 4.86 44.70
N ALA A 79 -17.06 4.77 43.94
CA ALA A 79 -16.30 3.53 43.90
C ALA A 79 -15.45 3.46 45.16
N VAL A 80 -14.99 4.63 45.65
CA VAL A 80 -14.45 4.68 46.99
C VAL A 80 -15.52 4.25 47.98
N ASN A 81 -16.77 4.65 47.72
CA ASN A 81 -17.90 4.20 48.51
C ASN A 81 -18.05 2.69 48.41
N LEU A 82 -17.67 2.12 47.26
CA LEU A 82 -17.63 0.66 47.16
C LEU A 82 -16.54 0.08 48.04
N LEU A 83 -15.34 0.64 47.95
CA LEU A 83 -14.28 0.27 48.89
C LEU A 83 -14.72 0.50 50.32
N SER A 84 -15.45 1.58 50.57
CA SER A 84 -16.11 1.76 51.87
C SER A 84 -17.52 1.20 51.84
N SER A 85 -17.66 -0.05 51.39
CA SER A 85 -18.97 -0.69 51.35
C SER A 85 -18.83 -2.12 51.84
N ASN A 86 -19.82 -2.59 52.59
CA ASN A 86 -19.76 -3.83 53.36
C ASN A 86 -19.29 -5.04 52.56
N ARG A 87 -20.03 -5.42 51.52
CA ARG A 87 -19.71 -6.64 50.80
C ARG A 87 -18.31 -6.56 50.23
N TYR A 88 -17.53 -7.62 50.45
CA TYR A 88 -16.21 -7.71 49.86
C TYR A 88 -16.29 -7.54 48.35
N THR A 89 -17.39 -7.99 47.75
CA THR A 89 -17.56 -7.83 46.31
C THR A 89 -17.63 -6.37 45.91
N GLU A 90 -18.21 -5.52 46.76
CA GLU A 90 -18.23 -4.10 46.46
C GLU A 90 -16.83 -3.51 46.51
N LYS A 91 -16.11 -3.78 47.60
CA LYS A 91 -14.74 -3.31 47.71
C LYS A 91 -13.88 -3.87 46.59
N GLN A 92 -14.19 -5.09 46.15
CA GLN A 92 -13.40 -5.75 45.13
C GLN A 92 -13.68 -5.18 43.76
N ILE A 93 -14.94 -4.89 43.46
CA ILE A 93 -15.28 -4.28 42.18
C ILE A 93 -14.74 -2.86 42.15
N GLY A 94 -14.66 -2.20 43.30
CA GLY A 94 -13.97 -0.92 43.34
C GLY A 94 -12.49 -1.06 43.07
N TYR A 95 -11.84 -1.99 43.77
CA TYR A 95 -10.46 -2.37 43.50
C TYR A 95 -10.23 -2.51 42.01
N LEU A 96 -11.03 -3.35 41.35
CA LEU A 96 -10.84 -3.63 39.94
C LEU A 96 -11.11 -2.40 39.09
N PHE A 97 -12.29 -1.79 39.27
CA PHE A 97 -12.66 -0.58 38.54
C PHE A 97 -11.53 0.44 38.54
N ILE A 98 -11.11 0.89 39.73
CA ILE A 98 -10.03 1.86 39.79
C ILE A 98 -8.75 1.26 39.22
N SER A 99 -8.57 -0.05 39.36
CA SER A 99 -7.43 -0.71 38.75
C SER A 99 -7.60 -0.81 37.25
N VAL A 100 -8.85 -1.01 36.80
CA VAL A 100 -9.12 -1.05 35.38
C VAL A 100 -9.26 0.35 34.79
N LEU A 101 -10.08 1.20 35.40
CA LEU A 101 -10.24 2.58 34.95
C LEU A 101 -9.17 3.41 35.62
N VAL A 102 -8.17 3.82 34.84
CA VAL A 102 -7.14 4.74 35.32
C VAL A 102 -7.84 6.00 35.79
N ASN A 103 -7.36 6.58 36.88
CA ASN A 103 -8.11 7.58 37.61
C ASN A 103 -7.62 8.98 37.27
N SER A 104 -8.36 9.96 37.77
CA SER A 104 -7.99 11.36 37.75
C SER A 104 -8.44 11.97 39.07
N ASN A 105 -8.44 13.30 39.12
CA ASN A 105 -9.02 14.00 40.26
C ASN A 105 -8.35 13.60 41.56
N SER A 106 -7.09 14.00 41.74
CA SER A 106 -6.21 13.47 42.79
C SER A 106 -6.86 13.32 44.14
N GLU A 107 -7.91 14.09 44.44
CA GLU A 107 -8.66 13.83 45.66
C GLU A 107 -9.25 12.43 45.64
N LEU A 108 -9.75 12.01 44.48
CA LEU A 108 -10.06 10.60 44.29
C LEU A 108 -8.85 9.77 44.66
N ILE A 109 -7.71 10.10 44.04
CA ILE A 109 -6.48 9.35 44.28
C ILE A 109 -6.06 9.47 45.74
N ARG A 110 -6.33 10.62 46.35
CA ARG A 110 -6.03 10.78 47.76
C ARG A 110 -6.82 9.80 48.61
N LEU A 111 -8.15 9.80 48.47
CA LEU A 111 -8.97 8.83 49.18
C LEU A 111 -8.53 7.42 48.86
N ILE A 112 -8.10 7.18 47.61
CA ILE A 112 -7.66 5.85 47.21
C ILE A 112 -6.46 5.43 48.03
N ASN A 113 -5.42 6.27 48.07
CA ASN A 113 -4.20 5.90 48.79
C ASN A 113 -4.46 5.80 50.28
N ASN A 114 -5.37 6.63 50.80
CA ASN A 114 -5.74 6.53 52.20
C ASN A 114 -6.39 5.19 52.49
N ALA A 115 -7.38 4.82 51.67
CA ALA A 115 -8.02 3.51 51.82
C ALA A 115 -7.01 2.39 51.65
N ILE A 116 -6.01 2.58 50.79
CA ILE A 116 -4.97 1.59 50.61
C ILE A 116 -4.19 1.42 51.91
N LYS A 117 -3.77 2.52 52.51
CA LYS A 117 -3.06 2.43 53.77
C LYS A 117 -3.94 1.81 54.85
N ASN A 118 -5.26 2.00 54.74
CA ASN A 118 -6.17 1.32 55.66
C ASN A 118 -6.21 -0.18 55.41
N ASP A 119 -6.30 -0.60 54.16
CA ASP A 119 -6.29 -2.01 53.79
C ASP A 119 -4.97 -2.67 54.14
N LEU A 120 -3.92 -1.86 54.28
CA LEU A 120 -2.69 -2.35 54.87
C LEU A 120 -2.84 -2.47 56.38
N ALA A 121 -3.29 -1.40 57.02
CA ALA A 121 -3.62 -1.45 58.44
C ALA A 121 -4.56 -2.61 58.74
N SER A 122 -5.51 -2.85 57.85
CA SER A 122 -6.26 -4.09 57.91
C SER A 122 -5.33 -5.20 57.44
N ARG A 123 -4.65 -5.83 58.38
CA ARG A 123 -3.55 -6.72 58.04
C ARG A 123 -4.04 -8.10 57.61
N ASN A 124 -5.29 -8.17 57.21
CA ASN A 124 -5.86 -9.36 56.60
C ASN A 124 -5.29 -9.53 55.20
N PRO A 125 -5.24 -10.75 54.70
CA PRO A 125 -4.61 -10.99 53.39
C PRO A 125 -5.25 -10.23 52.25
N THR A 126 -6.55 -10.45 52.05
CA THR A 126 -7.24 -9.97 50.85
C THR A 126 -7.09 -8.47 50.64
N PHE A 127 -7.30 -7.67 51.68
CA PHE A 127 -7.22 -6.22 51.56
C PHE A 127 -5.86 -5.83 51.01
N MET A 128 -4.80 -6.26 51.70
CA MET A 128 -3.43 -5.91 51.33
C MET A 128 -3.10 -6.40 49.93
N GLY A 129 -3.52 -7.62 49.61
CA GLY A 129 -3.25 -8.19 48.31
C GLY A 129 -3.86 -7.36 47.19
N LEU A 130 -5.17 -7.16 47.26
CA LEU A 130 -5.85 -6.36 46.24
C LEU A 130 -5.29 -4.94 46.19
N ALA A 131 -4.91 -4.41 47.35
CA ALA A 131 -4.31 -3.09 47.40
C ALA A 131 -3.01 -3.06 46.60
N LEU A 132 -2.13 -4.03 46.84
CA LEU A 132 -0.90 -4.12 46.07
C LEU A 132 -1.19 -4.28 44.58
N HIS A 133 -2.24 -5.02 44.26
CA HIS A 133 -2.59 -5.23 42.87
C HIS A 133 -2.96 -3.91 42.20
N CYS A 134 -3.76 -3.09 42.89
CA CYS A 134 -4.10 -1.77 42.35
C CYS A 134 -2.90 -0.85 42.36
N ILE A 135 -2.00 -1.01 43.32
CA ILE A 135 -0.80 -0.18 43.37
C ILE A 135 0.07 -0.45 42.16
N ALA A 136 0.25 -1.73 41.84
CA ALA A 136 1.06 -2.09 40.68
C ALA A 136 0.47 -1.57 39.38
N ASN A 137 -0.83 -1.79 39.16
CA ASN A 137 -1.39 -1.48 37.86
C ASN A 137 -1.70 0.01 37.72
N VAL A 138 -2.39 0.59 38.70
CA VAL A 138 -2.59 2.03 38.69
C VAL A 138 -1.25 2.75 38.73
N GLY A 139 -0.32 2.26 39.55
CA GLY A 139 1.05 2.72 39.54
C GLY A 139 1.26 4.22 39.64
N SER A 140 0.52 4.88 40.52
CA SER A 140 0.75 6.29 40.78
C SER A 140 2.02 6.44 41.60
N ARG A 141 2.81 7.46 41.26
CA ARG A 141 4.09 7.66 41.92
C ARG A 141 3.90 7.83 43.42
N GLU A 142 2.75 8.36 43.83
CA GLU A 142 2.48 8.60 45.24
C GLU A 142 2.48 7.31 46.04
N MET A 143 2.17 6.19 45.40
CA MET A 143 2.29 4.90 46.08
C MET A 143 3.73 4.68 46.53
N ALA A 144 4.65 4.54 45.58
CA ALA A 144 6.04 4.34 45.93
C ALA A 144 6.62 5.52 46.70
N GLU A 145 5.93 6.67 46.70
CA GLU A 145 6.31 7.76 47.58
C GLU A 145 6.00 7.40 49.02
N ALA A 146 4.72 7.19 49.33
CA ALA A 146 4.31 6.77 50.66
C ALA A 146 4.77 5.37 51.01
N PHE A 147 5.17 4.58 50.03
CA PHE A 147 5.51 3.18 50.25
C PHE A 147 6.89 2.85 49.69
N ALA A 148 7.79 3.84 49.71
CA ALA A 148 9.19 3.57 49.37
C ALA A 148 9.77 2.48 50.25
N GLY A 149 9.74 2.69 51.56
CA GLY A 149 10.11 1.68 52.53
C GLY A 149 8.93 0.96 53.14
N GLU A 150 7.71 1.40 52.87
CA GLU A 150 6.54 0.78 53.47
C GLU A 150 6.25 -0.59 52.89
N ILE A 151 6.32 -0.72 51.56
CA ILE A 151 6.19 -2.04 50.94
C ILE A 151 7.31 -2.96 51.39
N PRO A 152 8.56 -2.51 51.57
CA PRO A 152 9.51 -3.33 52.32
C PRO A 152 8.95 -3.78 53.67
N LYS A 153 8.44 -2.84 54.46
CA LYS A 153 7.84 -3.20 55.73
C LYS A 153 6.69 -4.18 55.56
N ILE A 154 6.17 -4.30 54.35
CA ILE A 154 5.16 -5.31 54.06
C ILE A 154 5.82 -6.66 53.81
N LEU A 155 6.67 -6.73 52.79
CA LEU A 155 7.31 -7.96 52.37
C LEU A 155 8.32 -8.48 53.38
N VAL A 156 8.95 -7.59 54.13
CA VAL A 156 9.81 -7.97 55.24
C VAL A 156 9.37 -7.17 56.45
N ALA A 157 10.15 -7.28 57.54
CA ALA A 157 9.74 -6.73 58.82
C ALA A 157 8.37 -7.31 59.16
N GLY A 158 8.33 -8.62 59.36
CA GLY A 158 7.08 -9.33 59.39
C GLY A 158 7.04 -10.27 58.20
N ASP A 159 7.15 -11.58 58.46
CA ASP A 159 7.34 -12.55 57.41
C ASP A 159 6.47 -13.76 57.73
N THR A 160 5.29 -13.80 57.11
CA THR A 160 4.26 -14.74 57.55
C THR A 160 3.93 -15.81 56.52
N MET A 161 3.53 -15.40 55.32
CA MET A 161 2.97 -16.34 54.36
C MET A 161 3.50 -16.03 52.97
N ASP A 162 3.14 -16.88 52.01
CA ASP A 162 3.66 -16.71 50.66
C ASP A 162 2.79 -15.79 49.82
N SER A 163 1.54 -16.17 49.59
CA SER A 163 0.74 -15.58 48.51
C SER A 163 0.78 -14.06 48.54
N VAL A 164 0.35 -13.46 49.65
CA VAL A 164 0.31 -12.01 49.72
C VAL A 164 1.72 -11.43 49.65
N LYS A 165 2.71 -12.23 50.04
CA LYS A 165 4.07 -11.70 50.05
C LYS A 165 4.64 -11.62 48.65
N GLN A 166 4.41 -12.63 47.82
CA GLN A 166 4.81 -12.50 46.42
C GLN A 166 3.90 -11.53 45.69
N SER A 167 2.70 -11.32 46.22
CA SER A 167 1.88 -10.21 45.73
C SER A 167 2.60 -8.89 45.92
N ALA A 168 3.03 -8.62 47.15
CA ALA A 168 3.80 -7.41 47.44
C ALA A 168 5.10 -7.40 46.66
N ALA A 169 5.68 -8.58 46.44
CA ALA A 169 6.94 -8.68 45.72
C ALA A 169 6.78 -8.22 44.28
N LEU A 170 5.73 -8.72 43.61
CA LEU A 170 5.48 -8.32 42.24
C LEU A 170 5.05 -6.85 42.18
N CYS A 171 4.27 -6.39 43.16
CA CYS A 171 3.94 -4.98 43.24
C CYS A 171 5.19 -4.13 43.31
N LEU A 172 6.05 -4.40 44.29
CA LEU A 172 7.25 -3.60 44.49
C LEU A 172 8.22 -3.77 43.33
N LEU A 173 8.21 -4.93 42.68
CA LEU A 173 9.05 -5.13 41.51
C LEU A 173 8.56 -4.27 40.36
N ARG A 174 7.25 -4.12 40.23
CA ARG A 174 6.71 -3.15 39.28
C ARG A 174 7.16 -1.75 39.65
N LEU A 175 6.95 -1.36 40.89
CA LEU A 175 7.29 -0.01 41.32
C LEU A 175 8.78 0.26 41.23
N TYR A 176 9.60 -0.79 41.20
CA TYR A 176 11.05 -0.67 41.10
C TYR A 176 11.52 -0.64 39.67
N ARG A 177 11.01 -1.55 38.84
CA ARG A 177 11.30 -1.51 37.41
C ARG A 177 10.76 -0.23 36.80
N THR A 178 9.78 0.39 37.45
CA THR A 178 9.22 1.65 37.00
C THR A 178 9.77 2.86 37.74
N SER A 179 10.03 2.74 39.04
CA SER A 179 10.50 3.86 39.85
C SER A 179 11.47 3.35 40.90
N PRO A 180 12.67 2.97 40.50
CA PRO A 180 13.68 2.58 41.48
C PRO A 180 14.19 3.81 42.23
N ASP A 181 13.98 4.97 41.61
CA ASP A 181 14.30 6.23 42.26
C ASP A 181 13.62 6.35 43.62
N LEU A 182 12.38 5.87 43.71
CA LEU A 182 11.65 5.86 44.97
C LEU A 182 11.99 4.64 45.79
N VAL A 183 13.14 4.04 45.53
CA VAL A 183 13.61 2.88 46.29
C VAL A 183 14.98 3.20 46.86
N PRO A 184 15.09 3.50 48.15
CA PRO A 184 16.40 3.49 48.80
C PRO A 184 16.68 2.11 49.37
N MET A 185 17.89 1.60 49.16
CA MET A 185 18.15 0.20 49.49
C MET A 185 18.90 0.03 50.80
N GLY A 186 20.04 0.69 50.94
CA GLY A 186 20.92 0.34 52.04
C GLY A 186 21.38 -1.09 51.83
N ASP A 187 20.87 -1.99 52.65
CA ASP A 187 21.17 -3.40 52.50
C ASP A 187 20.09 -4.24 53.15
N TRP A 188 19.52 -5.14 52.35
CA TRP A 188 18.60 -6.14 52.83
C TRP A 188 18.97 -7.54 52.37
N THR A 189 20.26 -7.80 52.11
CA THR A 189 20.68 -9.03 51.45
C THR A 189 20.24 -10.27 52.22
N SER A 190 20.58 -10.33 53.51
CA SER A 190 20.37 -11.54 54.30
C SER A 190 18.94 -12.07 54.19
N ARG A 191 17.94 -11.20 54.28
CA ARG A 191 16.56 -11.67 54.31
C ARG A 191 16.20 -12.39 53.01
N VAL A 192 16.49 -11.77 51.87
CA VAL A 192 16.07 -12.35 50.60
C VAL A 192 16.89 -13.59 50.27
N VAL A 193 18.15 -13.63 50.71
CA VAL A 193 18.97 -14.81 50.41
C VAL A 193 18.57 -15.96 51.31
N HIS A 194 18.06 -15.66 52.51
CA HIS A 194 17.46 -16.71 53.31
C HIS A 194 16.14 -17.18 52.69
N LEU A 195 15.42 -16.26 52.07
CA LEU A 195 14.27 -16.65 51.27
C LEU A 195 14.69 -17.61 50.16
N LEU A 196 15.88 -17.37 49.59
CA LEU A 196 16.43 -18.31 48.62
C LEU A 196 16.69 -19.64 49.26
N ASN A 197 16.83 -19.66 50.60
CA ASN A 197 16.97 -20.90 51.32
C ASN A 197 15.62 -21.38 51.86
N ASP A 198 14.57 -20.60 51.62
CA ASP A 198 13.22 -20.98 52.01
C ASP A 198 12.70 -22.04 51.06
N GLN A 199 12.20 -23.13 51.63
CA GLN A 199 11.60 -24.22 50.86
C GLN A 199 10.17 -23.91 50.47
N HIS A 200 9.58 -22.85 51.01
CA HIS A 200 8.25 -22.41 50.63
C HIS A 200 8.42 -21.55 49.37
N LEU A 201 8.53 -22.22 48.23
CA LEU A 201 8.92 -21.56 46.99
C LEU A 201 7.87 -20.57 46.50
N GLY A 202 6.71 -20.51 47.14
CA GLY A 202 5.71 -19.53 46.75
C GLY A 202 6.27 -18.13 46.73
N VAL A 203 6.93 -17.72 47.81
CA VAL A 203 7.67 -16.46 47.79
C VAL A 203 8.90 -16.59 46.90
N VAL A 204 9.66 -17.67 47.07
CA VAL A 204 11.03 -17.73 46.58
C VAL A 204 11.12 -17.44 45.08
N THR A 205 10.07 -17.78 44.34
CA THR A 205 10.06 -17.49 42.91
C THR A 205 10.09 -16.00 42.62
N ALA A 206 9.05 -15.28 43.04
CA ALA A 206 9.00 -13.84 42.84
C ALA A 206 10.15 -13.15 43.55
N ALA A 207 10.58 -13.73 44.67
CA ALA A 207 11.78 -13.25 45.34
C ALA A 207 12.94 -13.25 44.37
N THR A 208 13.35 -14.44 43.92
CA THR A 208 14.44 -14.58 42.98
C THR A 208 14.28 -13.67 41.78
N SER A 209 13.04 -13.43 41.36
CA SER A 209 12.81 -12.50 40.27
C SER A 209 13.27 -11.09 40.63
N LEU A 210 12.73 -10.54 41.72
CA LEU A 210 13.09 -9.19 42.12
C LEU A 210 14.57 -9.10 42.51
N ILE A 211 15.07 -10.17 43.13
CA ILE A 211 16.48 -10.25 43.48
C ILE A 211 17.33 -10.24 42.23
N THR A 212 16.85 -10.88 41.17
CA THR A 212 17.54 -10.86 39.89
C THR A 212 17.55 -9.45 39.33
N THR A 213 16.44 -8.74 39.51
CA THR A 213 16.40 -7.33 39.16
C THR A 213 17.52 -6.57 39.88
N LEU A 214 17.53 -6.66 41.21
CA LEU A 214 18.50 -5.92 42.00
C LEU A 214 19.92 -6.34 41.66
N ALA A 215 20.10 -7.60 41.27
CA ALA A 215 21.42 -8.07 40.88
C ALA A 215 21.80 -7.58 39.50
N GLN A 216 20.83 -7.36 38.61
CA GLN A 216 21.11 -6.58 37.41
C GLN A 216 21.59 -5.21 37.82
N LYS A 217 21.04 -4.67 38.91
CA LYS A 217 21.55 -3.44 39.46
C LYS A 217 22.82 -3.64 40.29
N ASN A 218 22.97 -4.79 40.93
CA ASN A 218 24.07 -5.02 41.87
C ASN A 218 24.37 -6.51 41.96
N PRO A 219 25.15 -7.05 41.04
CA PRO A 219 25.59 -8.45 41.17
C PRO A 219 26.54 -8.60 42.34
N GLU A 220 27.51 -7.68 42.41
CA GLU A 220 28.52 -7.66 43.46
C GLU A 220 27.87 -7.68 44.83
N GLU A 221 26.68 -7.11 44.94
CA GLU A 221 25.99 -7.07 46.23
C GLU A 221 25.73 -8.47 46.75
N PHE A 222 25.72 -9.47 45.87
CA PHE A 222 25.30 -10.81 46.25
C PHE A 222 26.32 -11.84 45.76
N LYS A 223 27.37 -12.02 46.54
CA LYS A 223 28.21 -13.21 46.43
C LYS A 223 27.87 -14.21 47.52
N THR A 224 27.41 -13.73 48.67
CA THR A 224 26.86 -14.60 49.69
C THR A 224 25.74 -15.45 49.11
N SER A 225 24.98 -14.88 48.18
CA SER A 225 23.97 -15.62 47.45
C SER A 225 24.56 -16.90 46.89
N VAL A 226 25.64 -16.75 46.11
CA VAL A 226 26.18 -17.79 45.24
C VAL A 226 26.22 -19.16 45.90
N SER A 227 26.85 -19.25 47.08
CA SER A 227 27.05 -20.56 47.71
C SER A 227 25.72 -21.20 48.10
N LEU A 228 24.90 -20.48 48.86
CA LEU A 228 23.62 -21.02 49.29
C LEU A 228 22.74 -21.33 48.09
N ALA A 229 22.80 -20.47 47.07
CA ALA A 229 21.98 -20.66 45.89
C ALA A 229 22.39 -21.90 45.12
N VAL A 230 23.69 -22.13 44.96
CA VAL A 230 24.14 -23.29 44.20
C VAL A 230 23.88 -24.56 44.97
N SER A 231 24.01 -24.50 46.30
CA SER A 231 23.63 -25.65 47.11
C SER A 231 22.16 -25.99 46.92
N ARG A 232 21.29 -25.00 47.14
CA ARG A 232 19.85 -25.21 47.04
C ARG A 232 19.46 -25.65 45.63
N LEU A 233 20.19 -25.17 44.62
CA LEU A 233 19.83 -25.47 43.24
C LEU A 233 20.28 -26.87 42.86
N SER A 234 21.49 -27.25 43.28
CA SER A 234 21.91 -28.64 43.18
C SER A 234 20.89 -29.54 43.85
N ARG A 235 20.33 -29.09 44.97
CA ARG A 235 19.26 -29.84 45.61
C ARG A 235 18.05 -29.95 44.70
N ILE A 236 17.57 -28.81 44.19
CA ILE A 236 16.41 -28.80 43.32
C ILE A 236 16.58 -29.79 42.18
N VAL A 237 17.73 -29.75 41.52
CA VAL A 237 18.02 -30.72 40.48
C VAL A 237 17.96 -32.14 41.03
N THR A 238 18.58 -32.37 42.18
CA THR A 238 18.61 -33.72 42.74
C THR A 238 17.32 -34.08 43.45
N SER A 239 16.66 -33.11 44.06
CA SER A 239 15.35 -33.34 44.66
C SER A 239 14.28 -32.88 43.69
N ALA A 240 13.76 -33.80 42.88
CA ALA A 240 12.93 -33.37 41.78
C ALA A 240 11.49 -33.08 42.18
N SER A 241 10.72 -34.11 42.54
CA SER A 241 9.29 -33.88 42.71
C SER A 241 8.61 -34.71 43.79
N THR A 242 9.38 -35.53 44.51
CA THR A 242 8.77 -36.50 45.42
C THR A 242 7.88 -35.85 46.48
N ASP A 243 8.18 -34.61 46.85
CA ASP A 243 7.35 -33.92 47.83
C ASP A 243 7.18 -32.48 47.41
N LEU A 244 6.48 -31.71 48.23
CA LEU A 244 5.98 -30.40 47.83
C LEU A 244 5.18 -30.55 46.53
N GLN A 245 4.21 -31.47 46.57
CA GLN A 245 3.57 -32.00 45.37
C GLN A 245 2.75 -30.97 44.63
N ASP A 246 2.34 -29.88 45.27
CA ASP A 246 1.70 -28.81 44.51
C ASP A 246 2.67 -27.68 44.20
N TYR A 247 3.87 -27.71 44.80
CA TYR A 247 5.03 -27.10 44.16
C TYR A 247 5.50 -27.91 42.97
N THR A 248 4.86 -29.05 42.75
CA THR A 248 5.24 -30.01 41.72
C THR A 248 4.19 -30.03 40.62
N TYR A 249 4.62 -29.76 39.39
CA TYR A 249 3.76 -29.77 38.22
C TYR A 249 4.32 -30.75 37.20
N TYR A 250 3.58 -31.84 36.95
CA TYR A 250 4.03 -32.87 36.02
C TYR A 250 5.40 -33.38 36.42
N PHE A 251 5.59 -33.55 37.73
CA PHE A 251 6.82 -33.99 38.38
C PHE A 251 8.07 -33.31 37.86
N VAL A 252 8.03 -32.01 37.60
CA VAL A 252 9.26 -31.28 37.28
C VAL A 252 9.74 -30.57 38.54
N PRO A 253 11.04 -30.47 38.77
CA PRO A 253 11.56 -29.72 39.93
C PRO A 253 11.66 -28.23 39.65
N ALA A 254 10.73 -27.47 40.25
CA ALA A 254 10.73 -26.01 40.30
C ALA A 254 11.28 -25.38 39.03
N PRO A 255 10.61 -25.55 37.89
CA PRO A 255 11.19 -25.11 36.62
C PRO A 255 11.43 -23.62 36.59
N TRP A 256 10.39 -22.84 36.92
CA TRP A 256 10.50 -21.40 36.87
C TRP A 256 11.54 -20.88 37.85
N LEU A 257 11.51 -21.36 39.09
CA LEU A 257 12.46 -20.87 40.09
C LEU A 257 13.87 -21.30 39.76
N SER A 258 14.04 -22.54 39.30
CA SER A 258 15.36 -23.00 38.90
C SER A 258 15.92 -22.16 37.76
N VAL A 259 15.08 -21.87 36.77
CA VAL A 259 15.53 -21.05 35.64
C VAL A 259 15.87 -19.65 36.11
N LYS A 260 15.04 -19.08 36.99
CA LYS A 260 15.37 -17.81 37.64
C LYS A 260 16.77 -17.85 38.23
N LEU A 261 17.05 -18.85 39.05
CA LEU A 261 18.33 -18.95 39.73
C LEU A 261 19.47 -19.07 38.74
N LEU A 262 19.31 -19.93 37.74
CA LEU A 262 20.38 -20.17 36.77
C LEU A 262 20.67 -18.92 35.96
N ARG A 263 19.63 -18.24 35.48
CA ARG A 263 19.83 -17.03 34.70
C ARG A 263 20.38 -15.91 35.57
N LEU A 264 19.97 -15.85 36.83
CA LEU A 264 20.58 -14.92 37.77
C LEU A 264 22.08 -15.16 37.87
N LEU A 265 22.47 -16.37 38.26
CA LEU A 265 23.87 -16.72 38.33
C LEU A 265 24.59 -16.47 37.02
N GLN A 266 23.88 -16.53 35.91
CA GLN A 266 24.47 -16.27 34.61
C GLN A 266 25.00 -14.85 34.49
N CYS A 267 24.43 -13.89 35.23
CA CYS A 267 25.05 -12.57 35.28
C CYS A 267 26.44 -12.68 35.87
N TYR A 268 26.59 -13.50 36.91
CA TYR A 268 27.89 -13.71 37.52
C TYR A 268 28.84 -14.38 36.53
N PRO A 269 30.15 -14.25 36.74
CA PRO A 269 31.13 -14.64 35.71
C PRO A 269 31.10 -16.13 35.42
N PRO A 270 31.89 -16.57 34.44
CA PRO A 270 32.05 -18.01 34.15
C PRO A 270 32.49 -18.78 35.38
N PRO A 271 32.54 -20.10 35.28
CA PRO A 271 33.13 -20.91 36.35
C PRO A 271 34.59 -20.55 36.60
N GLU A 272 34.91 -20.30 37.86
CA GLU A 272 36.28 -20.10 38.33
C GLU A 272 36.59 -20.93 39.56
N ASP A 273 35.57 -21.26 40.34
CA ASP A 273 35.79 -21.96 41.60
C ASP A 273 36.09 -23.43 41.35
N PRO A 274 36.96 -24.05 42.15
CA PRO A 274 37.17 -25.49 42.06
C PRO A 274 36.06 -26.33 42.66
N ALA A 275 35.54 -25.98 43.83
CA ALA A 275 34.70 -26.91 44.57
C ALA A 275 33.23 -26.53 44.49
N VAL A 276 32.89 -25.31 44.90
CA VAL A 276 31.54 -24.80 44.68
C VAL A 276 31.15 -24.96 43.23
N ARG A 277 31.97 -24.44 42.32
CA ARG A 277 31.70 -24.65 40.91
C ARG A 277 32.07 -26.07 40.49
N GLY A 278 32.78 -26.79 41.34
CA GLY A 278 32.85 -28.24 41.16
C GLY A 278 31.48 -28.85 41.34
N ARG A 279 30.78 -28.43 42.39
CA ARG A 279 29.41 -28.90 42.57
C ARG A 279 28.55 -28.44 41.41
N LEU A 280 28.84 -27.25 40.87
CA LEU A 280 28.20 -26.79 39.65
C LEU A 280 28.40 -27.79 38.52
N THR A 281 29.65 -28.21 38.30
CA THR A 281 29.99 -29.21 37.30
C THR A 281 29.16 -30.46 37.50
N GLU A 282 29.03 -30.86 38.76
CA GLU A 282 28.20 -32.01 39.11
C GLU A 282 26.78 -31.80 38.60
N CYS A 283 26.22 -30.62 38.85
CA CYS A 283 24.87 -30.32 38.38
C CYS A 283 24.81 -30.34 36.85
N LEU A 284 25.88 -29.90 36.18
CA LEU A 284 25.90 -29.91 34.73
C LEU A 284 25.79 -31.34 34.22
N GLU A 285 26.63 -32.21 34.76
CA GLU A 285 26.57 -33.62 34.40
C GLU A 285 25.19 -34.17 34.69
N THR A 286 24.63 -33.82 35.85
CA THR A 286 23.31 -34.25 36.23
C THR A 286 22.29 -33.89 35.16
N ILE A 287 22.24 -32.60 34.83
CA ILE A 287 21.31 -32.03 33.87
C ILE A 287 21.40 -32.77 32.55
N LEU A 288 22.61 -32.81 31.99
CA LEU A 288 22.76 -33.41 30.66
C LEU A 288 22.46 -34.89 30.69
N ASN A 289 23.01 -35.60 31.69
CA ASN A 289 22.82 -37.03 31.78
C ASN A 289 21.37 -37.39 32.11
N LYS A 290 20.58 -36.42 32.54
CA LYS A 290 19.17 -36.71 32.79
C LYS A 290 18.32 -36.34 31.58
N ALA A 291 18.70 -35.29 30.86
CA ALA A 291 17.94 -34.91 29.68
C ALA A 291 18.05 -35.96 28.58
N GLN A 292 19.15 -36.71 28.56
CA GLN A 292 19.41 -37.65 27.48
C GLN A 292 18.39 -38.77 27.43
N GLU A 293 17.81 -39.12 28.57
CA GLU A 293 16.92 -40.27 28.62
C GLU A 293 15.64 -40.02 27.85
N PRO A 294 15.12 -41.04 27.18
CA PRO A 294 13.78 -40.95 26.61
C PRO A 294 12.75 -40.91 27.73
N PRO A 295 11.54 -40.41 27.45
CA PRO A 295 10.59 -40.19 28.54
C PRO A 295 9.81 -41.45 28.87
N LYS A 296 9.91 -41.85 30.14
CA LYS A 296 8.97 -42.83 30.68
C LYS A 296 7.55 -42.26 30.65
N SER A 297 7.43 -40.96 30.90
CA SER A 297 6.19 -40.27 30.66
C SER A 297 5.92 -40.20 29.16
N LYS A 298 4.69 -39.82 28.82
CA LYS A 298 4.32 -39.72 27.41
C LYS A 298 3.61 -38.41 27.10
N LYS A 299 3.96 -37.32 27.76
CA LYS A 299 3.30 -36.04 27.58
C LYS A 299 4.36 -34.98 27.28
N VAL A 300 4.09 -34.19 26.24
CA VAL A 300 5.08 -33.25 25.73
C VAL A 300 5.44 -32.19 26.77
N GLN A 301 4.50 -31.88 27.67
CA GLN A 301 4.75 -30.86 28.69
C GLN A 301 6.00 -31.18 29.50
N HIS A 302 6.19 -32.44 29.85
CA HIS A 302 7.42 -32.85 30.51
C HIS A 302 8.63 -32.51 29.65
N SER A 303 8.56 -32.90 28.38
CA SER A 303 9.60 -32.54 27.42
C SER A 303 9.77 -31.03 27.36
N ASN A 304 8.67 -30.30 27.38
CA ASN A 304 8.74 -28.85 27.31
C ASN A 304 9.54 -28.29 28.47
N ALA A 305 9.17 -28.67 29.69
CA ALA A 305 9.86 -28.17 30.87
C ALA A 305 11.33 -28.59 30.88
N LYS A 306 11.60 -29.85 30.55
CA LYS A 306 12.97 -30.34 30.58
C LYS A 306 13.83 -29.57 29.57
N ASN A 307 13.30 -29.37 28.36
CA ASN A 307 14.07 -28.66 27.35
C ASN A 307 14.21 -27.19 27.71
N ALA A 308 13.20 -26.62 28.38
CA ALA A 308 13.29 -25.24 28.81
C ALA A 308 14.44 -25.04 29.80
N VAL A 309 14.43 -25.84 30.86
CA VAL A 309 15.51 -25.74 31.84
C VAL A 309 16.83 -26.16 31.22
N LEU A 310 16.76 -27.00 30.18
CA LEU A 310 17.96 -27.37 29.43
C LEU A 310 18.56 -26.15 28.76
N PHE A 311 17.72 -25.39 28.04
CA PHE A 311 18.17 -24.15 27.44
C PHE A 311 18.77 -23.25 28.49
N GLU A 312 18.08 -23.12 29.63
CA GLU A 312 18.57 -22.25 30.69
C GLU A 312 19.95 -22.67 31.18
N ALA A 313 20.13 -23.95 31.50
CA ALA A 313 21.41 -24.43 32.01
C ALA A 313 22.50 -24.27 30.97
N ILE A 314 22.22 -24.64 29.73
CA ILE A 314 23.21 -24.58 28.67
C ILE A 314 23.63 -23.13 28.46
N SER A 315 22.65 -22.23 28.31
CA SER A 315 22.94 -20.81 28.20
C SER A 315 23.83 -20.36 29.35
N LEU A 316 23.51 -20.79 30.57
CA LEU A 316 24.38 -20.51 31.70
C LEU A 316 25.80 -20.99 31.40
N ILE A 317 25.93 -22.13 30.75
CA ILE A 317 27.23 -22.67 30.36
C ILE A 317 27.72 -21.97 29.10
N ILE A 318 26.79 -21.53 28.25
CA ILE A 318 27.16 -20.81 27.04
C ILE A 318 27.97 -19.56 27.41
N HIS A 319 28.79 -19.11 26.45
CA HIS A 319 29.62 -17.91 26.55
C HIS A 319 30.85 -18.15 27.43
N HIS A 320 30.93 -19.31 28.05
CA HIS A 320 32.15 -19.62 28.79
C HIS A 320 33.08 -20.47 27.94
N ASP A 321 32.59 -21.61 27.48
CA ASP A 321 33.27 -22.45 26.51
C ASP A 321 34.66 -22.87 26.98
N SER A 322 34.96 -22.65 28.25
CA SER A 322 36.15 -23.21 28.87
C SER A 322 35.94 -24.66 29.24
N GLU A 323 34.85 -25.26 28.78
CA GLU A 323 34.43 -26.59 29.20
C GLU A 323 34.40 -27.49 27.98
N PRO A 324 35.56 -27.93 27.48
CA PRO A 324 35.62 -28.63 26.20
C PRO A 324 34.73 -29.86 26.13
N ASN A 325 34.82 -30.71 27.15
CA ASN A 325 33.98 -31.90 27.21
C ASN A 325 32.50 -31.54 27.21
N LEU A 326 32.11 -30.58 28.03
CA LEU A 326 30.73 -30.14 28.07
C LEU A 326 30.32 -29.55 26.72
N LEU A 327 31.24 -28.82 26.08
CA LEU A 327 30.96 -28.30 24.75
C LEU A 327 30.71 -29.44 23.77
N VAL A 328 31.44 -30.53 23.92
CA VAL A 328 31.23 -31.70 23.08
C VAL A 328 29.84 -32.27 23.31
N ARG A 329 29.48 -32.47 24.58
CA ARG A 329 28.14 -32.94 24.91
C ARG A 329 27.09 -32.04 24.28
N ALA A 330 27.27 -30.73 24.37
CA ALA A 330 26.31 -29.80 23.80
C ALA A 330 26.24 -29.94 22.29
N CYS A 331 27.39 -30.11 21.64
CA CYS A 331 27.41 -30.27 20.20
C CYS A 331 26.66 -31.52 19.78
N ASN A 332 26.90 -32.63 20.49
CA ASN A 332 26.17 -33.86 20.21
C ASN A 332 24.68 -33.65 20.36
N GLN A 333 24.28 -33.10 21.51
CA GLN A 333 22.87 -32.85 21.78
C GLN A 333 22.25 -32.03 20.64
N LEU A 334 22.87 -30.90 20.31
CA LEU A 334 22.37 -30.07 19.22
C LEU A 334 22.29 -30.84 17.91
N GLY A 335 23.28 -31.68 17.63
CA GLY A 335 23.27 -32.49 16.43
C GLY A 335 22.02 -33.33 16.37
N GLN A 336 21.66 -33.93 17.49
CA GLN A 336 20.41 -34.68 17.53
C GLN A 336 19.23 -33.74 17.41
N PHE A 337 19.39 -32.50 17.90
CA PHE A 337 18.26 -31.61 18.05
C PHE A 337 17.72 -31.10 16.73
N LEU A 338 18.54 -31.04 15.69
CA LEU A 338 18.08 -30.58 14.39
C LEU A 338 17.50 -31.74 13.59
N GLN A 339 16.67 -32.51 14.28
CA GLN A 339 15.95 -33.60 13.65
C GLN A 339 14.53 -33.74 14.18
N HIS A 340 14.10 -32.85 15.08
CA HIS A 340 12.88 -33.04 15.86
C HIS A 340 11.71 -32.44 15.08
N ARG A 341 10.78 -33.31 14.71
CA ARG A 341 9.84 -33.11 13.62
C ARG A 341 9.09 -31.80 13.69
N GLU A 342 8.81 -31.31 14.89
CA GLU A 342 8.19 -30.00 15.03
C GLU A 342 9.22 -28.93 14.72
N THR A 343 8.87 -28.07 13.76
CA THR A 343 9.75 -26.98 13.35
C THR A 343 10.23 -26.16 14.54
N ASN A 344 9.38 -25.97 15.54
CA ASN A 344 9.76 -25.14 16.68
C ASN A 344 10.90 -25.76 17.46
N LEU A 345 10.92 -27.08 17.56
CA LEU A 345 12.00 -27.76 18.28
C LEU A 345 13.35 -27.44 17.67
N ARG A 346 13.55 -27.85 16.41
CA ARG A 346 14.81 -27.60 15.74
C ARG A 346 15.06 -26.10 15.57
N TYR A 347 13.99 -25.31 15.56
CA TYR A 347 14.13 -23.87 15.45
C TYR A 347 14.84 -23.30 16.67
N LEU A 348 14.25 -23.51 17.84
CA LEU A 348 14.87 -23.04 19.07
C LEU A 348 16.24 -23.67 19.24
N ALA A 349 16.40 -24.91 18.75
CA ALA A 349 17.71 -25.52 18.71
C ALA A 349 18.66 -24.68 17.87
N LEU A 350 18.16 -24.13 16.76
CA LEU A 350 18.96 -23.28 15.90
C LEU A 350 19.36 -22.00 16.60
N GLU A 351 18.42 -21.39 17.32
CA GLU A 351 18.75 -20.24 18.16
C GLU A 351 19.86 -20.57 19.15
N SER A 352 19.67 -21.63 19.94
CA SER A 352 20.67 -22.02 20.93
C SER A 352 22.03 -22.26 20.26
N MET A 353 22.01 -22.87 19.08
CA MET A 353 23.25 -23.21 18.41
C MET A 353 23.95 -21.96 17.87
N CYS A 354 23.22 -21.11 17.15
CA CYS A 354 23.82 -19.88 16.63
C CYS A 354 24.29 -19.00 17.78
N THR A 355 23.65 -19.13 18.94
CA THR A 355 24.13 -18.53 20.16
C THR A 355 25.50 -19.10 20.49
N LEU A 356 25.58 -20.42 20.55
CA LEU A 356 26.83 -21.08 20.88
C LEU A 356 27.81 -21.03 19.71
N ALA A 357 27.30 -20.71 18.53
CA ALA A 357 28.03 -20.86 17.27
C ALA A 357 29.46 -20.31 17.28
N SER A 358 29.71 -19.30 18.11
CA SER A 358 31.00 -18.60 18.09
C SER A 358 32.08 -19.34 18.89
N SER A 359 31.86 -20.60 19.21
CA SER A 359 32.77 -21.36 20.04
C SER A 359 34.05 -21.69 19.28
N GLU A 360 35.08 -20.89 19.50
CA GLU A 360 36.41 -21.24 19.01
C GLU A 360 36.77 -22.67 19.36
N PHE A 361 36.30 -23.14 20.51
CA PHE A 361 36.48 -24.53 20.91
C PHE A 361 35.79 -25.46 19.92
N SER A 362 34.49 -25.28 19.75
CA SER A 362 33.66 -26.21 19.00
C SER A 362 33.24 -25.66 17.64
N HIS A 363 33.96 -24.64 17.16
CA HIS A 363 33.65 -24.11 15.83
C HIS A 363 33.63 -25.22 14.79
N GLU A 364 34.71 -26.00 14.72
CA GLU A 364 34.81 -27.09 13.77
C GLU A 364 33.71 -28.13 13.99
N ALA A 365 33.40 -28.42 15.25
CA ALA A 365 32.41 -29.43 15.58
C ALA A 365 31.05 -29.02 15.05
N VAL A 366 30.75 -27.73 15.10
CA VAL A 366 29.51 -27.23 14.53
C VAL A 366 29.62 -27.27 13.00
N LYS A 367 30.75 -26.81 12.48
CA LYS A 367 30.96 -26.74 11.03
C LYS A 367 30.76 -28.10 10.40
N THR A 368 30.97 -29.16 11.18
CA THR A 368 30.65 -30.50 10.73
C THR A 368 29.22 -30.60 10.21
N HIS A 369 28.29 -29.87 10.82
CA HIS A 369 26.88 -29.94 10.48
C HIS A 369 26.52 -29.02 9.34
N ILE A 370 27.49 -28.58 8.55
CA ILE A 370 27.26 -27.56 7.53
C ILE A 370 26.23 -28.05 6.51
N GLU A 371 26.37 -29.29 6.04
CA GLU A 371 25.46 -29.77 5.03
C GLU A 371 24.09 -30.07 5.62
N THR A 372 24.06 -30.53 6.87
CA THR A 372 22.81 -30.60 7.60
C THR A 372 22.06 -29.29 7.45
N VAL A 373 22.74 -28.21 7.86
CA VAL A 373 22.18 -26.86 7.71
C VAL A 373 21.76 -26.60 6.28
N ILE A 374 22.64 -26.93 5.33
CA ILE A 374 22.40 -26.60 3.93
C ILE A 374 21.12 -27.22 3.42
N ASN A 375 21.03 -28.55 3.45
CA ASN A 375 19.83 -29.19 2.96
C ASN A 375 18.60 -28.80 3.77
N ALA A 376 18.77 -28.62 5.08
CA ALA A 376 17.64 -28.21 5.91
C ALA A 376 17.06 -26.90 5.42
N LEU A 377 17.90 -25.88 5.29
CA LEU A 377 17.40 -24.57 4.86
C LEU A 377 16.89 -24.64 3.44
N LYS A 378 17.52 -25.45 2.58
CA LYS A 378 16.98 -25.65 1.26
C LYS A 378 15.65 -26.35 1.30
N THR A 379 15.52 -27.40 2.11
CA THR A 379 14.26 -28.10 2.30
C THR A 379 13.59 -27.56 3.55
N GLU A 380 13.34 -26.24 3.57
CA GLU A 380 12.85 -25.63 4.80
C GLU A 380 11.48 -25.01 4.66
N ARG A 381 11.31 -24.13 3.68
CA ARG A 381 10.06 -23.42 3.44
C ARG A 381 9.75 -22.48 4.60
N ASP A 382 10.77 -22.10 5.35
CA ASP A 382 10.66 -21.06 6.37
C ASP A 382 11.97 -20.27 6.38
N VAL A 383 11.95 -19.11 7.03
CA VAL A 383 13.10 -18.22 7.01
C VAL A 383 13.68 -18.04 8.41
N SER A 384 12.81 -17.95 9.43
CA SER A 384 13.26 -17.75 10.81
C SER A 384 14.41 -18.71 11.13
N VAL A 385 14.11 -20.00 11.07
CA VAL A 385 15.10 -21.06 11.16
C VAL A 385 16.30 -20.72 10.28
N ARG A 386 16.04 -20.24 9.07
CA ARG A 386 17.11 -20.00 8.12
C ARG A 386 18.02 -18.87 8.58
N GLN A 387 17.45 -17.82 9.19
CA GLN A 387 18.31 -16.76 9.71
C GLN A 387 19.10 -17.23 10.92
N ARG A 388 18.48 -18.05 11.77
CA ARG A 388 19.24 -18.66 12.86
C ARG A 388 20.42 -19.42 12.31
N ALA A 389 20.19 -20.21 11.26
CA ALA A 389 21.27 -20.99 10.66
C ALA A 389 22.31 -20.08 10.01
N VAL A 390 21.87 -18.98 9.41
CA VAL A 390 22.80 -18.02 8.83
C VAL A 390 23.72 -17.46 9.90
N ASP A 391 23.14 -17.07 11.03
CA ASP A 391 23.94 -16.57 12.14
C ASP A 391 24.89 -17.65 12.66
N LEU A 392 24.38 -18.88 12.74
CA LEU A 392 25.19 -20.01 13.16
C LEU A 392 26.42 -20.17 12.30
N LEU A 393 26.22 -20.41 11.01
CA LEU A 393 27.34 -20.55 10.08
C LEU A 393 28.20 -19.29 10.08
N TYR A 394 27.56 -18.14 10.31
CA TYR A 394 28.26 -16.86 10.29
C TYR A 394 29.33 -16.81 11.37
N ALA A 395 28.93 -17.10 12.60
CA ALA A 395 29.86 -17.09 13.72
C ALA A 395 31.03 -18.05 13.46
N MET A 396 30.77 -19.12 12.72
CA MET A 396 31.76 -20.16 12.52
C MET A 396 32.40 -20.15 11.14
N CYS A 397 32.04 -19.21 10.28
CA CYS A 397 32.48 -19.27 8.89
C CYS A 397 33.99 -19.06 8.78
N ASP A 398 34.53 -19.48 7.64
CA ASP A 398 35.95 -19.33 7.33
C ASP A 398 36.11 -19.46 5.82
N ARG A 399 37.30 -19.10 5.34
CA ARG A 399 37.66 -19.14 3.93
C ARG A 399 37.19 -20.42 3.23
N SER A 400 37.66 -21.56 3.74
CA SER A 400 37.40 -22.86 3.14
C SER A 400 35.92 -23.07 2.86
N ASN A 401 35.11 -23.04 3.92
CA ASN A 401 33.67 -23.15 3.75
C ASN A 401 33.16 -22.02 2.88
N ALA A 402 33.65 -20.80 3.13
CA ALA A 402 33.12 -19.61 2.45
C ALA A 402 33.12 -19.79 0.94
N GLN A 403 34.15 -20.46 0.41
CA GLN A 403 34.21 -20.72 -1.03
C GLN A 403 32.88 -21.22 -1.57
N GLN A 404 32.36 -22.29 -0.97
CA GLN A 404 31.10 -22.84 -1.41
C GLN A 404 29.94 -22.03 -0.86
N ILE A 405 30.06 -21.60 0.40
CA ILE A 405 29.06 -20.81 1.09
C ILE A 405 28.54 -19.70 0.18
N VAL A 406 29.46 -19.05 -0.53
CA VAL A 406 29.03 -18.05 -1.52
C VAL A 406 28.00 -18.65 -2.46
N ALA A 407 28.36 -19.77 -3.10
CA ALA A 407 27.48 -20.36 -4.10
C ALA A 407 26.12 -20.71 -3.51
N GLU A 408 26.12 -21.47 -2.41
CA GLU A 408 24.84 -21.93 -1.88
C GLU A 408 24.01 -20.77 -1.33
N MET A 409 24.65 -19.85 -0.60
CA MET A 409 23.92 -18.70 -0.09
C MET A 409 23.30 -17.91 -1.22
N LEU A 410 24.06 -17.65 -2.28
CA LEU A 410 23.52 -16.89 -3.40
C LEU A 410 22.38 -17.64 -4.08
N SER A 411 22.57 -18.94 -4.29
CA SER A 411 21.50 -19.73 -4.91
C SER A 411 20.24 -19.67 -4.08
N TYR A 412 20.37 -19.47 -2.77
CA TYR A 412 19.19 -19.29 -1.95
C TYR A 412 18.64 -17.87 -2.06
N LEU A 413 19.54 -16.89 -2.09
CA LEU A 413 19.13 -15.49 -1.92
C LEU A 413 18.34 -14.99 -3.12
N GLU A 414 18.69 -15.46 -4.32
CA GLU A 414 18.02 -15.07 -5.54
C GLU A 414 16.52 -15.21 -5.41
N THR A 415 16.08 -16.12 -4.54
CA THR A 415 14.68 -16.20 -4.12
C THR A 415 14.60 -15.93 -2.63
N ALA A 416 14.19 -14.70 -2.28
CA ALA A 416 14.06 -14.33 -0.88
C ALA A 416 13.28 -13.03 -0.79
N ASP A 417 13.11 -12.55 0.44
CA ASP A 417 12.52 -11.24 0.65
C ASP A 417 13.59 -10.19 0.38
N TYR A 418 13.34 -8.94 0.72
CA TYR A 418 14.02 -7.84 0.03
C TYR A 418 14.93 -7.08 0.97
N SER A 419 14.39 -6.60 2.09
CA SER A 419 15.24 -6.01 3.12
C SER A 419 16.26 -7.03 3.61
N ILE A 420 15.77 -8.18 4.07
CA ILE A 420 16.61 -9.27 4.53
C ILE A 420 17.62 -9.62 3.45
N ARG A 421 17.21 -9.52 2.19
CA ARG A 421 18.17 -9.70 1.11
C ARG A 421 19.34 -8.75 1.28
N GLU A 422 19.06 -7.47 1.52
CA GLU A 422 20.12 -6.50 1.71
C GLU A 422 20.98 -6.86 2.92
N GLU A 423 20.35 -7.11 4.06
CA GLU A 423 21.15 -7.42 5.25
C GLU A 423 22.02 -8.64 5.03
N ILE A 424 21.50 -9.66 4.36
CA ILE A 424 22.25 -10.89 4.18
C ILE A 424 23.38 -10.69 3.20
N VAL A 425 23.13 -10.02 2.09
CA VAL A 425 24.21 -9.82 1.13
C VAL A 425 25.30 -8.95 1.75
N LEU A 426 24.89 -7.99 2.57
CA LEU A 426 25.88 -7.15 3.24
C LEU A 426 26.70 -7.94 4.26
N LYS A 427 26.03 -8.78 5.05
CA LYS A 427 26.74 -9.54 6.07
C LYS A 427 27.66 -10.58 5.43
N VAL A 428 27.23 -11.16 4.31
CA VAL A 428 28.08 -12.17 3.68
C VAL A 428 29.22 -11.48 2.96
N ALA A 429 29.00 -10.25 2.47
CA ALA A 429 30.09 -9.51 1.87
C ALA A 429 31.15 -9.14 2.91
N ILE A 430 30.70 -8.75 4.10
CA ILE A 430 31.67 -8.41 5.12
C ILE A 430 32.32 -9.68 5.66
N LEU A 431 31.61 -10.81 5.64
CA LEU A 431 32.28 -12.09 5.86
C LEU A 431 33.39 -12.29 4.84
N ALA A 432 33.06 -12.13 3.56
CA ALA A 432 34.06 -12.26 2.50
C ALA A 432 35.29 -11.42 2.80
N GLU A 433 35.09 -10.15 3.13
CA GLU A 433 36.25 -9.30 3.42
C GLU A 433 36.97 -9.77 4.67
N LYS A 434 36.24 -10.38 5.62
CA LYS A 434 36.92 -11.02 6.74
C LYS A 434 37.80 -12.16 6.28
N TYR A 435 37.52 -12.71 5.10
CA TYR A 435 38.29 -13.80 4.54
C TYR A 435 38.89 -13.48 3.19
N ALA A 436 38.67 -12.28 2.67
CA ALA A 436 39.14 -11.93 1.34
C ALA A 436 40.66 -11.94 1.29
N VAL A 437 41.20 -12.96 0.64
CA VAL A 437 42.62 -13.03 0.33
C VAL A 437 42.72 -13.33 -1.16
N ASP A 438 41.68 -13.93 -1.71
CA ASP A 438 41.61 -14.23 -3.13
C ASP A 438 40.91 -13.05 -3.79
N TYR A 439 41.55 -11.89 -3.70
CA TYR A 439 40.97 -10.61 -4.08
C TYR A 439 40.48 -10.59 -5.52
N THR A 440 41.16 -11.25 -6.45
CA THR A 440 40.62 -11.35 -7.79
C THR A 440 39.32 -12.16 -7.80
N TRP A 441 39.33 -13.33 -7.16
CA TRP A 441 38.13 -14.13 -7.06
C TRP A 441 37.06 -13.44 -6.22
N TYR A 442 37.47 -12.68 -5.20
CA TYR A 442 36.50 -11.92 -4.42
C TYR A 442 35.85 -10.85 -5.28
N VAL A 443 36.63 -10.20 -6.14
CA VAL A 443 36.11 -9.21 -7.06
C VAL A 443 35.09 -9.90 -7.96
N ASP A 444 35.43 -11.08 -8.46
CA ASP A 444 34.49 -11.85 -9.25
C ASP A 444 33.21 -12.12 -8.48
N THR A 445 33.34 -12.50 -7.22
CA THR A 445 32.18 -12.71 -6.37
C THR A 445 31.31 -11.46 -6.31
N ILE A 446 31.94 -10.30 -6.13
CA ILE A 446 31.21 -9.04 -6.07
C ILE A 446 30.51 -8.78 -7.40
N LEU A 447 31.19 -9.10 -8.50
CA LEU A 447 30.58 -8.98 -9.81
C LEU A 447 29.32 -9.81 -9.89
N ASN A 448 29.38 -11.05 -9.39
CA ASN A 448 28.20 -11.90 -9.37
C ASN A 448 27.10 -11.27 -8.53
N LEU A 449 27.45 -10.78 -7.34
CA LEU A 449 26.48 -10.13 -6.47
C LEU A 449 25.75 -9.01 -7.21
N ILE A 450 26.52 -8.10 -7.80
CA ILE A 450 25.92 -6.98 -8.53
C ILE A 450 25.07 -7.51 -9.68
N ARG A 451 25.57 -8.54 -10.36
CA ARG A 451 24.84 -9.11 -11.48
C ARG A 451 23.50 -9.65 -11.04
N ILE A 452 23.41 -10.15 -9.80
CA ILE A 452 22.13 -10.55 -9.27
C ILE A 452 21.14 -9.39 -9.29
N ALA A 453 21.44 -8.33 -8.52
CA ALA A 453 20.56 -7.18 -8.49
C ALA A 453 21.32 -5.91 -8.86
N GLY A 454 22.41 -5.64 -8.15
CA GLY A 454 23.22 -4.43 -8.33
C GLY A 454 22.43 -3.16 -8.50
N ASP A 455 21.24 -3.11 -7.92
CA ASP A 455 20.39 -1.95 -8.08
C ASP A 455 19.65 -1.64 -6.79
N TYR A 456 19.95 -2.42 -5.75
CA TYR A 456 19.38 -2.20 -4.43
C TYR A 456 20.43 -2.00 -3.37
N VAL A 457 21.68 -2.35 -3.63
CA VAL A 457 22.77 -2.20 -2.67
C VAL A 457 22.91 -0.75 -2.28
N SER A 458 23.17 -0.50 -1.00
CA SER A 458 23.37 0.83 -0.46
C SER A 458 24.78 1.33 -0.81
N GLU A 459 25.03 2.59 -0.47
CA GLU A 459 26.25 3.27 -0.88
C GLU A 459 27.52 2.77 -0.23
N GLU A 460 27.55 2.67 1.09
CA GLU A 460 28.78 2.33 1.79
C GLU A 460 29.30 0.96 1.41
N VAL A 461 28.44 0.11 0.85
CA VAL A 461 28.88 -1.23 0.47
C VAL A 461 29.81 -1.16 -0.73
N TRP A 462 29.30 -0.63 -1.84
CA TRP A 462 30.16 -0.47 -2.99
C TRP A 462 31.23 0.58 -2.72
N TYR A 463 30.94 1.56 -1.86
CA TYR A 463 32.00 2.43 -1.39
C TYR A 463 33.15 1.63 -0.83
N ARG A 464 32.84 0.71 0.08
CA ARG A 464 33.85 -0.12 0.72
C ARG A 464 34.59 -0.96 -0.30
N VAL A 465 33.88 -1.56 -1.25
CA VAL A 465 34.59 -2.43 -2.19
C VAL A 465 35.48 -1.60 -3.09
N ILE A 466 35.07 -0.38 -3.44
CA ILE A 466 35.93 0.51 -4.21
C ILE A 466 37.18 0.85 -3.42
N GLN A 467 37.00 1.20 -2.14
CA GLN A 467 38.14 1.44 -1.27
C GLN A 467 39.07 0.26 -1.26
N ILE A 468 38.52 -0.93 -1.03
CA ILE A 468 39.28 -2.17 -1.09
C ILE A 468 40.11 -2.20 -2.36
N VAL A 469 39.47 -2.01 -3.50
CA VAL A 469 40.11 -2.02 -4.80
C VAL A 469 41.31 -1.07 -4.79
N ILE A 470 41.05 0.21 -4.51
CA ILE A 470 42.13 1.19 -4.53
C ILE A 470 43.13 0.89 -3.43
N ASN A 471 42.67 0.18 -2.39
CA ASN A 471 43.59 -0.30 -1.36
C ASN A 471 44.21 -1.64 -1.72
N ARG A 472 43.65 -2.37 -2.68
CA ARG A 472 44.13 -3.71 -3.01
C ARG A 472 45.44 -3.71 -3.76
N ASP A 473 45.52 -2.96 -4.86
CA ASP A 473 46.80 -2.69 -5.54
C ASP A 473 47.36 -3.96 -6.18
N ASP A 474 46.50 -4.95 -6.38
CA ASP A 474 46.98 -6.22 -6.93
C ASP A 474 46.23 -6.63 -8.18
N VAL A 475 44.90 -6.45 -8.20
CA VAL A 475 44.09 -6.95 -9.29
C VAL A 475 43.55 -5.82 -10.14
N GLN A 476 44.07 -4.61 -9.95
CA GLN A 476 43.45 -3.41 -10.52
C GLN A 476 43.42 -3.48 -12.05
N GLY A 477 44.43 -4.09 -12.65
CA GLY A 477 44.35 -4.37 -14.07
C GLY A 477 43.29 -5.40 -14.39
N TYR A 478 43.36 -6.56 -13.75
CA TYR A 478 42.28 -7.54 -13.77
C TYR A 478 40.94 -6.91 -13.49
N ALA A 479 40.89 -6.12 -12.41
CA ALA A 479 39.65 -5.50 -11.99
C ALA A 479 39.08 -4.63 -13.10
N ALA A 480 39.92 -3.77 -13.67
CA ALA A 480 39.52 -2.89 -14.75
C ALA A 480 39.01 -3.68 -15.95
N LYS A 481 39.76 -4.71 -16.33
CA LYS A 481 39.38 -5.54 -17.46
C LYS A 481 38.01 -6.19 -17.24
N THR A 482 37.81 -6.75 -16.05
CA THR A 482 36.54 -7.39 -15.72
C THR A 482 35.42 -6.38 -15.63
N VAL A 483 35.74 -5.18 -15.18
CA VAL A 483 34.77 -4.10 -15.11
C VAL A 483 34.32 -3.79 -16.53
N PHE A 484 35.29 -3.67 -17.44
CA PHE A 484 34.96 -3.51 -18.85
C PHE A 484 34.03 -4.61 -19.31
N GLU A 485 34.36 -5.86 -18.98
CA GLU A 485 33.48 -6.97 -19.32
C GLU A 485 32.05 -6.69 -18.88
N ALA A 486 31.89 -6.37 -17.60
CA ALA A 486 30.58 -6.04 -17.07
C ALA A 486 29.97 -4.85 -17.80
N LEU A 487 30.80 -4.00 -18.39
CA LEU A 487 30.27 -2.83 -19.06
C LEU A 487 29.70 -3.18 -20.42
N GLN A 488 30.35 -4.07 -21.17
CA GLN A 488 29.72 -4.47 -22.42
C GLN A 488 28.51 -5.37 -22.20
N ALA A 489 28.23 -5.75 -20.96
CA ALA A 489 26.95 -6.37 -20.67
C ALA A 489 25.84 -5.39 -21.05
N PRO A 490 24.90 -5.79 -21.90
CA PRO A 490 23.90 -4.85 -22.41
C PRO A 490 23.03 -4.23 -21.34
N ALA A 491 22.71 -4.99 -20.29
CA ALA A 491 21.82 -4.50 -19.26
C ALA A 491 22.47 -3.41 -18.43
N CYS A 492 21.76 -2.89 -17.44
CA CYS A 492 22.27 -1.79 -16.64
C CYS A 492 21.92 -1.98 -15.18
N HIS A 493 22.90 -1.75 -14.33
CA HIS A 493 22.69 -1.65 -12.89
C HIS A 493 23.47 -0.45 -12.40
N GLU A 494 22.73 0.59 -11.98
CA GLU A 494 23.33 1.90 -11.73
C GLU A 494 24.50 1.83 -10.76
N ASN A 495 24.43 0.94 -9.78
CA ASN A 495 25.56 0.75 -8.87
C ASN A 495 26.78 0.23 -9.62
N LEU A 496 26.60 -0.83 -10.41
CA LEU A 496 27.65 -1.25 -11.33
C LEU A 496 28.12 -0.09 -12.18
N VAL A 497 27.19 0.67 -12.74
CA VAL A 497 27.56 1.82 -13.56
C VAL A 497 28.52 2.72 -12.80
N LYS A 498 28.07 3.26 -11.66
CA LYS A 498 28.90 4.14 -10.86
C LYS A 498 30.28 3.53 -10.60
N VAL A 499 30.29 2.38 -9.95
CA VAL A 499 31.52 1.78 -9.46
C VAL A 499 32.47 1.51 -10.64
N GLY A 500 32.04 0.66 -11.57
CA GLY A 500 32.92 0.26 -12.64
C GLY A 500 33.30 1.41 -13.56
N GLY A 501 32.39 2.36 -13.75
CA GLY A 501 32.71 3.52 -14.54
C GLY A 501 33.86 4.26 -13.91
N TYR A 502 33.74 4.62 -12.63
CA TYR A 502 34.84 5.29 -11.95
C TYR A 502 36.13 4.47 -12.04
N ILE A 503 36.01 3.17 -11.82
CA ILE A 503 37.18 2.30 -11.84
C ILE A 503 37.91 2.41 -13.16
N LEU A 504 37.20 2.15 -14.26
CA LEU A 504 37.83 2.29 -15.56
C LEU A 504 38.30 3.72 -15.82
N GLY A 505 37.63 4.71 -15.25
CA GLY A 505 38.07 6.08 -15.38
C GLY A 505 39.44 6.23 -14.78
N GLU A 506 39.71 5.49 -13.71
CA GLU A 506 41.02 5.47 -13.09
C GLU A 506 41.86 4.26 -13.49
N PHE A 507 41.23 3.17 -13.94
CA PHE A 507 41.97 1.95 -14.24
C PHE A 507 41.80 1.47 -15.67
N GLY A 508 41.03 2.16 -16.51
CA GLY A 508 40.91 1.73 -17.89
C GLY A 508 42.21 1.64 -18.64
N ASN A 509 43.21 2.44 -18.25
CA ASN A 509 44.53 2.29 -18.82
C ASN A 509 45.10 0.91 -18.52
N LEU A 510 44.72 0.33 -17.38
CA LEU A 510 45.23 -0.97 -16.99
C LEU A 510 44.63 -2.06 -17.87
N ILE A 511 43.58 -1.72 -18.60
CA ILE A 511 43.08 -2.60 -19.66
C ILE A 511 42.97 -1.78 -20.93
N ALA A 512 44.06 -1.70 -21.68
CA ALA A 512 44.11 -0.80 -22.83
C ALA A 512 44.66 -1.41 -24.11
N GLY A 513 45.49 -2.45 -24.03
CA GLY A 513 46.06 -3.04 -25.22
C GLY A 513 45.10 -3.96 -25.93
N ASP A 514 43.82 -3.67 -25.81
CA ASP A 514 42.78 -4.51 -26.37
C ASP A 514 41.85 -3.71 -27.28
N PRO A 515 41.34 -4.32 -28.35
CA PRO A 515 40.43 -3.58 -29.23
C PRO A 515 39.22 -3.03 -28.53
N ARG A 516 38.59 -3.81 -27.65
CA ARG A 516 37.48 -3.28 -26.87
C ARG A 516 37.90 -2.04 -26.09
N SER A 517 39.11 -2.01 -25.56
CA SER A 517 39.63 -0.79 -24.99
C SER A 517 39.73 0.25 -26.10
N SER A 518 38.82 1.19 -26.05
CA SER A 518 38.59 2.16 -27.10
C SER A 518 37.76 3.28 -26.47
N PRO A 519 38.41 4.16 -25.70
CA PRO A 519 37.64 5.14 -24.92
C PRO A 519 36.65 5.93 -25.75
N LEU A 520 36.85 5.99 -27.07
CA LEU A 520 35.86 6.58 -27.96
C LEU A 520 34.53 5.84 -27.81
N ILE A 521 34.59 4.53 -28.03
CA ILE A 521 33.38 3.73 -28.07
C ILE A 521 32.72 3.68 -26.70
N GLN A 522 33.49 3.30 -25.68
CA GLN A 522 32.92 3.21 -24.35
C GLN A 522 32.51 4.58 -23.84
N PHE A 523 33.18 5.62 -24.32
CA PHE A 523 32.84 6.99 -23.96
C PHE A 523 31.45 7.35 -24.48
N ASN A 524 31.23 7.16 -25.77
CA ASN A 524 29.93 7.46 -26.34
C ASN A 524 28.87 6.54 -25.76
N LEU A 525 29.29 5.34 -25.37
CA LEU A 525 28.41 4.36 -24.74
C LEU A 525 27.91 4.91 -23.41
N LEU A 526 28.84 5.27 -22.54
CA LEU A 526 28.51 5.87 -21.25
C LEU A 526 27.67 7.11 -21.48
N HIS A 527 27.94 7.84 -22.55
CA HIS A 527 27.12 8.98 -22.92
C HIS A 527 25.68 8.59 -23.18
N SER A 528 25.48 7.48 -23.89
CA SER A 528 24.12 6.95 -24.05
C SER A 528 23.52 6.63 -22.69
N LYS A 529 24.35 6.30 -21.71
CA LYS A 529 23.86 6.06 -20.37
C LYS A 529 23.94 7.32 -19.52
N PHE A 530 24.67 8.32 -20.01
CA PHE A 530 25.05 9.47 -19.19
C PHE A 530 23.86 10.16 -18.54
N HIS A 531 22.78 10.35 -19.29
CA HIS A 531 21.72 11.22 -18.83
C HIS A 531 20.48 10.42 -18.47
N LEU A 532 20.67 9.13 -18.19
CA LEU A 532 19.56 8.30 -17.73
C LEU A 532 20.04 7.62 -16.46
N CYS A 533 19.92 8.34 -15.34
CA CYS A 533 20.42 7.88 -14.05
C CYS A 533 19.95 8.83 -12.96
N SER A 534 20.48 8.67 -11.75
CA SER A 534 20.28 9.65 -10.70
C SER A 534 21.39 10.69 -10.76
N VAL A 535 21.17 11.80 -10.06
CA VAL A 535 22.07 12.95 -10.08
C VAL A 535 23.48 12.61 -9.60
N PRO A 536 23.67 11.95 -8.45
CA PRO A 536 25.04 11.74 -7.95
C PRO A 536 25.86 10.90 -8.92
N THR A 537 25.18 9.96 -9.59
CA THR A 537 25.81 9.20 -10.64
C THR A 537 26.38 10.13 -11.72
N ARG A 538 25.67 11.21 -12.02
CA ARG A 538 26.14 12.14 -13.03
C ARG A 538 27.42 12.83 -12.57
N ALA A 539 27.50 13.20 -11.29
CA ALA A 539 28.73 13.78 -10.78
C ALA A 539 29.89 12.79 -10.86
N LEU A 540 29.62 11.55 -10.49
CA LEU A 540 30.62 10.49 -10.62
C LEU A 540 31.11 10.39 -12.06
N LEU A 541 30.15 10.34 -13.00
CA LEU A 541 30.51 10.19 -14.40
C LEU A 541 31.21 11.43 -14.92
N LEU A 542 30.96 12.59 -14.33
CA LEU A 542 31.68 13.79 -14.70
C LEU A 542 33.14 13.69 -14.29
N SER A 543 33.37 13.26 -13.05
CA SER A 543 34.73 12.95 -12.62
C SER A 543 35.37 11.91 -13.54
N THR A 544 34.62 10.88 -13.91
CA THR A 544 35.16 9.83 -14.77
C THR A 544 35.53 10.39 -16.14
N TYR A 545 34.65 11.22 -16.70
CA TYR A 545 34.88 11.80 -18.01
C TYR A 545 36.08 12.73 -18.00
N ILE A 546 36.25 13.48 -16.92
CA ILE A 546 37.41 14.35 -16.85
C ILE A 546 38.67 13.53 -16.62
N LYS A 547 38.54 12.34 -16.01
CA LYS A 547 39.67 11.43 -15.94
C LYS A 547 40.06 10.95 -17.34
N PHE A 548 39.05 10.65 -18.15
CA PHE A 548 39.23 10.05 -19.46
C PHE A 548 40.31 10.72 -20.28
N VAL A 549 40.12 12.01 -20.57
CA VAL A 549 41.06 12.75 -21.41
C VAL A 549 42.47 12.61 -20.88
N ASN A 550 42.70 13.10 -19.66
CA ASN A 550 44.04 13.15 -19.11
C ASN A 550 44.63 11.76 -18.95
N LEU A 551 43.81 10.71 -19.04
CA LEU A 551 44.32 9.36 -19.12
C LEU A 551 44.19 8.76 -20.51
N PHE A 552 43.40 9.36 -21.38
CA PHE A 552 43.22 8.86 -22.73
C PHE A 552 43.04 10.04 -23.67
N PRO A 553 44.12 10.64 -24.13
CA PRO A 553 44.02 11.88 -24.92
C PRO A 553 43.32 11.71 -26.24
N GLU A 554 43.46 10.54 -26.86
CA GLU A 554 42.91 10.28 -28.19
C GLU A 554 41.44 10.69 -28.31
N VAL A 555 40.69 10.54 -27.22
CA VAL A 555 39.27 10.80 -27.25
C VAL A 555 38.97 12.27 -26.94
N LYS A 556 40.00 13.03 -26.55
CA LYS A 556 39.83 14.38 -26.02
C LYS A 556 38.97 15.28 -26.89
N ALA A 557 39.38 15.50 -28.14
CA ALA A 557 38.69 16.42 -29.02
C ALA A 557 37.20 16.13 -29.06
N THR A 558 36.85 14.86 -29.21
CA THR A 558 35.45 14.45 -29.15
C THR A 558 34.84 14.80 -27.80
N ILE A 559 35.52 14.44 -26.72
CA ILE A 559 35.05 14.78 -25.38
C ILE A 559 34.86 16.29 -25.29
N GLN A 560 35.80 17.05 -25.82
CA GLN A 560 35.67 18.49 -25.85
C GLN A 560 34.36 18.89 -26.51
N ASP A 561 34.17 18.49 -27.76
CA ASP A 561 32.96 18.80 -28.49
C ASP A 561 31.71 18.48 -27.67
N VAL A 562 31.70 17.32 -27.01
CA VAL A 562 30.45 16.84 -26.42
C VAL A 562 30.16 17.55 -25.11
N LEU A 563 31.18 17.89 -24.32
CA LEU A 563 30.84 18.45 -23.01
C LEU A 563 30.33 19.87 -23.15
N ARG A 564 30.24 20.37 -24.38
CA ARG A 564 29.71 21.70 -24.64
C ARG A 564 28.24 21.69 -24.98
N SER A 565 27.56 20.55 -24.88
CA SER A 565 26.17 20.48 -25.31
C SER A 565 25.28 21.26 -24.34
N ASP A 566 24.25 21.89 -24.91
CA ASP A 566 23.31 22.70 -24.14
C ASP A 566 22.85 22.03 -22.85
N SER A 567 22.70 20.70 -22.90
CA SER A 567 22.22 19.93 -21.77
C SER A 567 22.97 20.29 -20.49
N GLN A 568 24.27 20.04 -20.46
CA GLN A 568 25.09 20.45 -19.32
C GLN A 568 25.15 21.95 -19.15
N LEU A 569 24.93 22.71 -20.21
CA LEU A 569 24.80 24.16 -20.10
C LEU A 569 23.47 24.57 -19.52
N LYS A 570 22.43 23.76 -19.68
CA LYS A 570 21.10 24.09 -19.18
C LYS A 570 20.64 23.18 -18.06
N ASN A 571 21.51 22.30 -17.55
CA ASN A 571 21.12 21.44 -16.44
C ASN A 571 20.61 22.27 -15.27
N ALA A 572 19.36 22.00 -14.89
CA ALA A 572 18.60 22.93 -14.06
C ALA A 572 19.31 23.22 -12.74
N ASP A 573 19.89 22.19 -12.13
CA ASP A 573 20.47 22.34 -10.80
C ASP A 573 21.59 23.38 -10.81
N VAL A 574 21.96 23.82 -9.62
CA VAL A 574 23.14 24.66 -9.48
C VAL A 574 24.40 23.82 -9.59
N GLU A 575 24.43 22.68 -8.88
CA GLU A 575 25.66 21.92 -8.74
C GLU A 575 26.18 21.46 -10.08
N LEU A 576 25.44 20.58 -10.76
CA LEU A 576 25.90 20.07 -12.04
C LEU A 576 26.22 21.18 -13.01
N GLN A 577 25.49 22.29 -12.97
CA GLN A 577 25.91 23.49 -13.68
C GLN A 577 27.38 23.75 -13.37
N GLN A 578 27.71 23.96 -12.10
CA GLN A 578 29.07 24.33 -11.73
C GLN A 578 30.09 23.22 -12.01
N ARG A 579 29.68 21.97 -11.81
CA ARG A 579 30.57 20.84 -12.07
C ARG A 579 30.98 20.81 -13.53
N ALA A 580 29.98 20.77 -14.42
CA ALA A 580 30.24 20.88 -15.85
C ALA A 580 31.01 22.16 -16.16
N VAL A 581 30.81 23.20 -15.37
CA VAL A 581 31.49 24.48 -15.62
C VAL A 581 32.98 24.34 -15.35
N GLU A 582 33.33 23.86 -14.16
CA GLU A 582 34.74 23.73 -13.81
C GLU A 582 35.41 22.69 -14.69
N TYR A 583 34.62 21.76 -15.24
CA TYR A 583 35.21 20.81 -16.17
C TYR A 583 35.42 21.44 -17.55
N LEU A 584 34.42 22.17 -18.05
CA LEU A 584 34.50 22.72 -19.39
C LEU A 584 35.52 23.85 -19.46
N ARG A 585 35.36 24.85 -18.59
CA ARG A 585 36.28 25.99 -18.61
C ARG A 585 37.72 25.54 -18.43
N LEU A 586 37.93 24.30 -18.01
CA LEU A 586 39.27 23.74 -17.97
C LEU A 586 39.57 22.81 -19.15
N SER A 587 38.55 22.33 -19.85
CA SER A 587 38.78 21.50 -21.02
C SER A 587 38.83 22.32 -22.30
N THR A 588 37.74 23.00 -22.61
CA THR A 588 37.68 24.02 -23.64
C THR A 588 38.84 24.98 -23.48
N VAL A 589 38.87 25.68 -22.38
CA VAL A 589 40.02 26.51 -22.05
C VAL A 589 40.96 25.69 -21.17
N ALA A 590 42.10 25.33 -21.73
CA ALA A 590 42.92 24.34 -21.05
C ALA A 590 44.37 24.79 -21.02
N SER A 591 44.90 24.99 -19.81
CA SER A 591 46.33 25.13 -19.62
C SER A 591 47.07 23.85 -19.98
N THR A 592 46.37 22.71 -19.98
CA THR A 592 46.85 21.42 -20.44
C THR A 592 47.91 20.85 -19.50
N ASP A 593 48.34 21.64 -18.53
CA ASP A 593 49.22 21.14 -17.49
C ASP A 593 48.48 20.94 -16.19
N ILE A 594 47.52 21.82 -15.90
CA ILE A 594 46.72 21.69 -14.70
C ILE A 594 45.89 20.41 -14.76
N LEU A 595 45.70 19.88 -15.96
CA LEU A 595 44.95 18.64 -16.12
C LEU A 595 45.66 17.51 -15.40
N ALA A 596 46.87 17.18 -15.85
CA ALA A 596 47.65 16.14 -15.20
C ALA A 596 47.99 16.54 -13.78
N THR A 597 48.31 17.82 -13.60
CA THR A 597 48.62 18.36 -12.28
C THR A 597 47.56 17.95 -11.27
N VAL A 598 46.30 18.26 -11.57
CA VAL A 598 45.18 17.94 -10.71
C VAL A 598 44.98 16.43 -10.69
N LEU A 599 44.90 15.81 -11.87
CA LEU A 599 44.67 14.37 -11.92
C LEU A 599 45.69 13.63 -11.09
N GLU A 600 45.20 12.64 -10.35
CA GLU A 600 46.02 11.91 -9.40
C GLU A 600 45.40 10.54 -9.21
N GLU A 601 46.24 9.54 -8.99
CA GLU A 601 45.79 8.16 -8.96
C GLU A 601 44.82 7.86 -7.83
N MET A 602 44.45 8.87 -7.03
CA MET A 602 43.53 8.70 -5.91
C MET A 602 44.04 7.60 -5.00
N PRO A 603 45.02 7.89 -4.17
CA PRO A 603 45.78 6.85 -3.48
C PRO A 603 44.88 5.93 -2.69
N PRO A 604 45.37 4.73 -2.36
CA PRO A 604 44.63 3.84 -1.47
C PRO A 604 44.10 4.60 -0.25
N PHE A 605 42.84 4.38 0.08
CA PHE A 605 42.21 5.17 1.13
C PHE A 605 42.87 4.88 2.47
N PRO A 606 42.97 5.89 3.34
CA PRO A 606 43.52 5.66 4.68
C PRO A 606 42.70 4.64 5.45
N GLU A 607 43.31 4.11 6.51
CA GLU A 607 42.72 3.00 7.24
C GLU A 607 41.42 3.41 7.91
N ARG A 608 40.47 2.47 7.94
CA ARG A 608 39.18 2.67 8.59
C ARG A 608 38.81 1.39 9.33
N GLU A 609 37.55 1.25 9.74
CA GLU A 609 37.16 0.07 10.48
C GLU A 609 35.93 -0.62 9.88
N SER A 610 35.54 -0.20 8.67
CA SER A 610 34.40 -0.80 7.98
C SER A 610 33.14 -0.69 8.83
N SER A 611 32.69 0.55 9.06
CA SER A 611 31.54 0.79 9.92
C SER A 611 30.28 0.08 9.42
N ILE A 612 30.37 -0.55 8.25
CA ILE A 612 29.29 -1.41 7.77
C ILE A 612 28.87 -2.39 8.86
N LEU A 613 29.83 -2.88 9.63
CA LEU A 613 29.51 -3.82 10.70
C LEU A 613 28.62 -3.17 11.75
N ALA A 614 29.00 -1.99 12.24
CA ALA A 614 28.21 -1.33 13.28
C ALA A 614 26.86 -0.91 12.74
N LYS A 615 26.82 -0.55 11.46
CA LYS A 615 25.57 -0.20 10.81
C LYS A 615 24.62 -1.40 10.76
N LEU A 616 25.13 -2.55 10.33
CA LEU A 616 24.32 -3.76 10.36
C LEU A 616 23.89 -4.08 11.79
N LYS A 617 24.77 -3.81 12.75
CA LYS A 617 24.45 -4.07 14.15
C LYS A 617 23.32 -3.20 14.65
N LYS A 618 23.33 -1.91 14.32
CA LYS A 618 22.22 -1.05 14.69
C LYS A 618 20.97 -1.49 13.96
N LYS A 619 21.11 -1.96 12.71
CA LYS A 619 19.99 -2.60 12.04
C LYS A 619 19.60 -3.87 12.77
N LYS A 620 20.57 -4.58 13.32
CA LYS A 620 20.27 -5.75 14.14
C LYS A 620 19.49 -5.32 15.38
N GLY A 621 18.35 -5.97 15.58
CA GLY A 621 17.53 -5.69 16.75
C GLY A 621 17.75 -6.71 17.84
N SER B 11 -26.26 -21.97 -6.03
CA SER B 11 -25.23 -20.96 -6.13
C SER B 11 -24.98 -20.31 -4.77
N LYS B 12 -26.00 -20.35 -3.92
CA LYS B 12 -25.98 -19.69 -2.62
C LYS B 12 -24.70 -19.98 -1.84
N TYR B 13 -24.26 -19.01 -1.05
CA TYR B 13 -23.00 -19.07 -0.31
C TYR B 13 -22.91 -20.33 0.55
N PHE B 14 -21.70 -20.87 0.64
CA PHE B 14 -21.47 -21.93 1.62
C PHE B 14 -20.40 -21.47 2.60
N THR B 15 -19.23 -21.12 2.09
CA THR B 15 -18.18 -20.45 2.86
C THR B 15 -17.88 -21.16 4.18
N THR B 16 -17.76 -22.49 4.11
CA THR B 16 -17.47 -23.29 5.29
C THR B 16 -16.58 -24.47 4.91
N ASN B 17 -15.47 -24.60 5.63
CA ASN B 17 -14.61 -25.78 5.55
C ASN B 17 -13.70 -25.81 6.78
N LYS B 18 -13.92 -26.79 7.67
CA LYS B 18 -13.01 -27.00 8.78
C LYS B 18 -13.46 -28.19 9.61
N LYS B 19 -12.71 -28.50 10.67
CA LYS B 19 -13.22 -29.16 11.87
C LYS B 19 -14.03 -30.41 11.55
N GLY B 20 -13.45 -31.37 10.84
CA GLY B 20 -14.12 -32.61 10.59
C GLY B 20 -15.28 -32.53 9.62
N GLU B 21 -15.82 -31.34 9.38
CA GLU B 21 -16.81 -31.16 8.34
C GLU B 21 -16.27 -31.53 6.97
N ILE B 22 -14.97 -31.79 6.87
CA ILE B 22 -14.45 -32.50 5.70
C ILE B 22 -15.01 -33.91 5.67
N PHE B 23 -15.22 -34.51 6.82
CA PHE B 23 -15.79 -35.85 6.86
C PHE B 23 -17.30 -35.82 6.67
N GLU B 24 -17.93 -34.70 7.02
CA GLU B 24 -19.32 -34.51 6.62
C GLU B 24 -19.40 -34.29 5.11
N LEU B 25 -18.44 -33.56 4.56
CA LEU B 25 -18.30 -33.46 3.12
C LEU B 25 -18.19 -34.84 2.49
N LYS B 26 -17.44 -35.72 3.15
CA LYS B 26 -17.42 -37.12 2.73
C LYS B 26 -18.81 -37.72 2.81
N ALA B 27 -19.44 -37.63 3.97
CA ALA B 27 -20.75 -38.22 4.22
C ALA B 27 -21.75 -37.87 3.12
N GLU B 28 -21.83 -36.59 2.77
CA GLU B 28 -22.66 -36.20 1.65
C GLU B 28 -22.10 -36.70 0.32
N LEU B 29 -20.78 -36.69 0.17
CA LEU B 29 -20.17 -37.40 -0.94
C LEU B 29 -20.41 -38.90 -0.83
N ASN B 30 -20.62 -39.40 0.38
CA ASN B 30 -21.15 -40.76 0.55
C ASN B 30 -22.66 -40.73 0.37
N ASN B 31 -23.05 -40.02 -0.69
CA ASN B 31 -24.38 -40.02 -1.24
C ASN B 31 -24.24 -39.57 -2.69
N GLU B 32 -24.28 -40.52 -3.63
CA GLU B 32 -24.15 -40.16 -5.02
C GLU B 32 -25.26 -39.23 -5.48
N LYS B 33 -26.35 -39.15 -4.72
CA LYS B 33 -27.53 -38.42 -5.18
C LYS B 33 -27.20 -36.94 -5.35
N LYS B 34 -27.87 -36.33 -6.33
CA LYS B 34 -27.50 -35.03 -6.85
C LYS B 34 -27.41 -33.95 -5.79
N GLU B 35 -28.29 -33.99 -4.78
CA GLU B 35 -28.35 -32.87 -3.84
C GLU B 35 -27.10 -32.79 -2.99
N LYS B 36 -26.87 -33.80 -2.13
CA LYS B 36 -25.66 -33.84 -1.33
C LYS B 36 -24.42 -33.59 -2.18
N ARG B 37 -24.42 -34.12 -3.41
CA ARG B 37 -23.31 -33.87 -4.33
C ARG B 37 -23.13 -32.38 -4.60
N LYS B 38 -24.21 -31.69 -4.96
CA LYS B 38 -24.11 -30.29 -5.34
C LYS B 38 -23.74 -29.42 -4.15
N GLU B 39 -24.39 -29.64 -3.02
CA GLU B 39 -24.07 -28.86 -1.84
C GLU B 39 -22.64 -29.13 -1.37
N ALA B 40 -22.20 -30.38 -1.42
CA ALA B 40 -20.82 -30.71 -1.12
C ALA B 40 -19.90 -29.97 -2.06
N VAL B 41 -20.26 -29.91 -3.34
CA VAL B 41 -19.51 -29.16 -4.35
C VAL B 41 -19.43 -27.70 -3.95
N LYS B 42 -20.52 -27.17 -3.42
CA LYS B 42 -20.53 -25.76 -3.05
C LYS B 42 -19.63 -25.50 -1.86
N LYS B 43 -19.56 -26.46 -0.94
CA LYS B 43 -18.58 -26.39 0.13
C LYS B 43 -17.15 -26.48 -0.44
N VAL B 44 -16.98 -27.28 -1.49
CA VAL B 44 -15.68 -27.38 -2.14
C VAL B 44 -15.30 -26.04 -2.74
N ILE B 45 -16.27 -25.37 -3.36
CA ILE B 45 -16.02 -24.05 -3.92
C ILE B 45 -15.71 -23.06 -2.81
N ALA B 46 -16.39 -23.20 -1.69
CA ALA B 46 -16.08 -22.41 -0.51
C ALA B 46 -14.61 -22.59 -0.12
N ALA B 47 -14.19 -23.85 0.00
CA ALA B 47 -12.80 -24.16 0.31
C ALA B 47 -11.83 -23.56 -0.69
N MET B 48 -12.17 -23.64 -1.97
CA MET B 48 -11.28 -23.14 -3.01
C MET B 48 -11.18 -21.62 -2.95
N THR B 49 -12.30 -20.96 -2.66
CA THR B 49 -12.28 -19.51 -2.49
C THR B 49 -11.44 -19.11 -1.29
N VAL B 50 -11.73 -19.70 -0.13
CA VAL B 50 -10.96 -19.38 1.07
C VAL B 50 -9.56 -19.95 0.98
N GLY B 51 -9.26 -20.68 -0.10
CA GLY B 51 -7.91 -21.12 -0.34
C GLY B 51 -7.49 -22.28 0.54
N LYS B 52 -8.38 -23.25 0.72
CA LYS B 52 -8.07 -24.45 1.48
C LYS B 52 -8.17 -25.64 0.52
N ASP B 53 -7.06 -26.36 0.38
CA ASP B 53 -6.98 -27.44 -0.59
C ASP B 53 -7.99 -28.54 -0.31
N VAL B 54 -8.63 -29.02 -1.37
CA VAL B 54 -9.53 -30.16 -1.28
C VAL B 54 -9.09 -31.19 -2.31
N SER B 55 -7.78 -31.21 -2.58
CA SER B 55 -7.22 -32.18 -3.50
C SER B 55 -7.51 -33.61 -3.08
N SER B 56 -7.72 -33.83 -1.78
CA SER B 56 -8.03 -35.15 -1.26
C SER B 56 -9.29 -35.71 -1.90
N LEU B 57 -10.14 -34.82 -2.42
CA LEU B 57 -11.38 -35.24 -3.04
C LEU B 57 -11.21 -35.66 -4.48
N PHE B 58 -10.04 -35.43 -5.07
CA PHE B 58 -9.79 -35.81 -6.46
C PHE B 58 -10.21 -37.26 -6.74
N PRO B 59 -10.00 -38.20 -5.82
CA PRO B 59 -10.65 -39.50 -5.98
C PRO B 59 -12.17 -39.41 -5.95
N ASP B 60 -12.72 -38.79 -4.90
CA ASP B 60 -14.15 -38.55 -4.85
C ASP B 60 -14.60 -37.75 -6.05
N VAL B 61 -13.85 -36.69 -6.38
CA VAL B 61 -14.22 -35.81 -7.48
C VAL B 61 -14.25 -36.58 -8.78
N VAL B 62 -13.32 -37.51 -8.96
CA VAL B 62 -13.23 -38.21 -10.24
C VAL B 62 -14.28 -39.30 -10.33
N ASN B 63 -14.60 -39.95 -9.21
CA ASN B 63 -15.59 -41.02 -9.28
C ASN B 63 -16.99 -40.45 -9.43
N CYS B 64 -17.33 -39.39 -8.69
CA CYS B 64 -18.59 -38.71 -8.96
C CYS B 64 -18.53 -37.99 -10.29
N MET B 65 -17.32 -37.73 -10.78
CA MET B 65 -17.12 -36.94 -11.99
C MET B 65 -17.59 -37.70 -13.21
N GLN B 66 -17.80 -39.00 -13.09
CA GLN B 66 -18.47 -39.71 -14.16
C GLN B 66 -19.91 -39.24 -14.19
N THR B 67 -20.23 -38.36 -15.14
CA THR B 67 -21.54 -37.71 -15.13
C THR B 67 -21.75 -37.06 -16.50
N ASP B 68 -22.82 -36.27 -16.61
CA ASP B 68 -23.02 -35.49 -17.84
C ASP B 68 -23.57 -34.10 -17.56
N ASN B 69 -23.47 -33.60 -16.33
CA ASN B 69 -24.05 -32.30 -16.00
C ASN B 69 -23.11 -31.17 -16.39
N LEU B 70 -23.68 -30.15 -17.04
CA LEU B 70 -22.88 -29.04 -17.51
C LEU B 70 -22.28 -28.25 -16.37
N GLU B 71 -23.11 -27.85 -15.40
CA GLU B 71 -22.59 -27.12 -14.25
C GLU B 71 -21.56 -27.96 -13.50
N LEU B 72 -21.84 -29.26 -13.38
CA LEU B 72 -20.89 -30.16 -12.76
C LEU B 72 -19.60 -30.21 -13.56
N LYS B 73 -19.72 -30.27 -14.89
CA LYS B 73 -18.55 -30.23 -15.75
C LYS B 73 -17.73 -28.98 -15.51
N LYS B 74 -18.41 -27.83 -15.37
CA LYS B 74 -17.71 -26.56 -15.23
C LYS B 74 -16.99 -26.47 -13.89
N LEU B 75 -17.70 -26.80 -12.81
CA LEU B 75 -17.08 -26.74 -11.49
C LEU B 75 -15.94 -27.75 -11.39
N VAL B 76 -16.10 -28.91 -12.04
CA VAL B 76 -15.03 -29.89 -12.06
C VAL B 76 -13.85 -29.35 -12.85
N TYR B 77 -14.13 -28.70 -13.97
CA TYR B 77 -13.10 -28.02 -14.76
C TYR B 77 -12.28 -27.13 -13.84
N LEU B 78 -12.97 -26.26 -13.12
CA LEU B 78 -12.27 -25.27 -12.30
C LEU B 78 -11.47 -25.93 -11.19
N TYR B 79 -12.13 -26.75 -10.37
CA TYR B 79 -11.45 -27.44 -9.28
C TYR B 79 -10.27 -28.25 -9.79
N LEU B 80 -10.53 -29.17 -10.71
CA LEU B 80 -9.50 -30.00 -11.31
C LEU B 80 -8.32 -29.17 -11.78
N MET B 81 -8.58 -28.18 -12.62
CA MET B 81 -7.52 -27.31 -13.12
C MET B 81 -6.71 -26.70 -11.98
N ASN B 82 -7.37 -25.90 -11.14
CA ASN B 82 -6.64 -25.07 -10.20
C ASN B 82 -5.97 -25.89 -9.11
N TYR B 83 -6.41 -27.14 -8.94
CA TYR B 83 -5.82 -27.96 -7.89
C TYR B 83 -4.78 -28.93 -8.42
N ALA B 84 -4.94 -29.42 -9.65
CA ALA B 84 -3.88 -30.17 -10.31
C ALA B 84 -2.71 -29.22 -10.53
N LYS B 85 -3.00 -27.92 -10.60
CA LYS B 85 -1.96 -26.93 -10.46
C LYS B 85 -1.11 -27.22 -9.23
N SER B 86 -1.76 -27.66 -8.15
CA SER B 86 -1.08 -27.98 -6.90
C SER B 86 -0.76 -29.47 -6.82
N GLN B 87 -1.26 -30.22 -7.81
CA GLN B 87 -1.00 -31.65 -7.80
C GLN B 87 -1.01 -32.19 -9.22
N PRO B 88 0.10 -32.07 -9.94
CA PRO B 88 0.12 -32.52 -11.34
C PRO B 88 -0.09 -34.01 -11.50
N ASP B 89 0.13 -34.80 -10.44
CA ASP B 89 0.06 -36.25 -10.49
C ASP B 89 -1.26 -36.78 -11.04
N MET B 90 -2.37 -36.46 -10.36
CA MET B 90 -3.63 -37.10 -10.71
C MET B 90 -4.25 -36.53 -11.98
N ALA B 91 -3.52 -35.71 -12.72
CA ALA B 91 -4.02 -35.12 -13.96
C ALA B 91 -4.34 -36.20 -14.97
N ILE B 92 -3.84 -37.42 -14.74
CA ILE B 92 -4.11 -38.57 -15.59
C ILE B 92 -5.62 -38.72 -15.73
N MET B 93 -6.34 -38.53 -14.62
CA MET B 93 -7.79 -38.57 -14.65
C MET B 93 -8.35 -37.53 -15.62
N ALA B 94 -7.75 -36.34 -15.60
CA ALA B 94 -8.32 -35.21 -16.35
C ALA B 94 -8.29 -35.45 -17.84
N VAL B 95 -7.12 -35.80 -18.37
CA VAL B 95 -6.90 -35.88 -19.82
C VAL B 95 -7.92 -36.82 -20.45
N ASN B 96 -8.32 -37.85 -19.72
CA ASN B 96 -9.33 -38.77 -20.23
C ASN B 96 -10.64 -38.05 -20.50
N SER B 97 -11.15 -37.34 -19.49
CA SER B 97 -12.39 -36.59 -19.65
C SER B 97 -12.24 -35.53 -20.74
N PHE B 98 -11.12 -34.80 -20.71
CA PHE B 98 -10.88 -33.76 -21.71
C PHE B 98 -10.95 -34.34 -23.12
N VAL B 99 -10.40 -35.53 -23.30
CA VAL B 99 -10.57 -36.24 -24.56
C VAL B 99 -12.05 -36.50 -24.81
N LYS B 100 -12.73 -37.11 -23.85
CA LYS B 100 -14.15 -37.39 -24.00
C LYS B 100 -14.91 -36.14 -24.43
N ASP B 101 -14.55 -34.98 -23.87
CA ASP B 101 -15.21 -33.75 -24.28
C ASP B 101 -14.81 -33.32 -25.67
N CYS B 102 -13.54 -33.54 -26.05
CA CYS B 102 -13.15 -33.16 -27.41
C CYS B 102 -13.85 -34.09 -28.39
N GLU B 103 -14.48 -35.14 -27.87
CA GLU B 103 -15.43 -35.91 -28.64
C GLU B 103 -16.85 -35.67 -28.15
N ASP B 104 -17.15 -34.43 -27.74
CA ASP B 104 -18.51 -34.06 -27.35
C ASP B 104 -18.99 -32.99 -28.32
N PRO B 105 -19.89 -33.36 -29.22
CA PRO B 105 -20.23 -32.48 -30.36
C PRO B 105 -20.64 -31.06 -30.00
N ASN B 106 -20.88 -30.76 -28.73
CA ASN B 106 -21.15 -29.39 -28.33
C ASN B 106 -19.89 -28.57 -28.52
N PRO B 107 -19.85 -27.63 -29.46
CA PRO B 107 -18.64 -26.83 -29.64
C PRO B 107 -18.38 -25.89 -28.48
N LEU B 108 -19.43 -25.44 -27.80
CA LEU B 108 -19.23 -24.56 -26.65
C LEU B 108 -18.64 -25.33 -25.48
N ILE B 109 -19.23 -26.49 -25.16
CA ILE B 109 -18.65 -27.37 -24.15
C ILE B 109 -17.24 -27.80 -24.55
N ARG B 110 -17.03 -28.02 -25.84
CA ARG B 110 -15.71 -28.36 -26.32
C ARG B 110 -14.73 -27.21 -26.07
N ALA B 111 -15.16 -25.98 -26.34
CA ALA B 111 -14.29 -24.84 -26.11
C ALA B 111 -14.01 -24.67 -24.62
N LEU B 112 -14.98 -25.01 -23.79
CA LEU B 112 -14.75 -24.95 -22.34
C LEU B 112 -13.72 -25.99 -21.92
N ALA B 113 -13.84 -27.19 -22.47
CA ALA B 113 -12.81 -28.20 -22.26
C ALA B 113 -11.45 -27.68 -22.71
N VAL B 114 -11.42 -27.04 -23.88
CA VAL B 114 -10.15 -26.58 -24.44
C VAL B 114 -9.52 -25.53 -23.54
N ARG B 115 -10.33 -24.61 -23.05
CA ARG B 115 -9.76 -23.55 -22.21
C ARG B 115 -9.34 -24.07 -20.85
N THR B 116 -10.14 -24.95 -20.24
CA THR B 116 -9.71 -25.56 -18.99
C THR B 116 -8.42 -26.35 -19.17
N MET B 117 -8.36 -27.14 -20.25
CA MET B 117 -7.18 -27.94 -20.54
C MET B 117 -5.97 -27.05 -20.81
N GLY B 118 -6.01 -26.26 -21.87
CA GLY B 118 -4.96 -25.32 -22.18
C GLY B 118 -4.68 -24.31 -21.10
N CYS B 119 -5.48 -24.28 -20.03
CA CYS B 119 -5.14 -23.53 -18.83
C CYS B 119 -4.06 -24.24 -18.03
N ILE B 120 -3.74 -25.47 -18.41
CA ILE B 120 -2.62 -26.18 -17.83
C ILE B 120 -1.75 -26.69 -18.97
N ARG B 121 -0.44 -26.58 -18.81
CA ARG B 121 0.52 -27.05 -19.79
C ARG B 121 1.69 -27.67 -19.06
N VAL B 122 1.96 -28.95 -19.29
CA VAL B 122 3.26 -29.44 -18.82
C VAL B 122 4.07 -30.04 -19.97
N ASP B 123 3.76 -31.26 -20.40
CA ASP B 123 4.22 -31.75 -21.69
C ASP B 123 3.29 -32.77 -22.31
N LYS B 124 2.43 -33.39 -21.49
CA LYS B 124 1.68 -34.56 -21.92
C LYS B 124 0.33 -34.24 -22.50
N ILE B 125 -0.51 -33.50 -21.77
CA ILE B 125 -1.76 -33.03 -22.36
C ILE B 125 -1.49 -32.34 -23.68
N THR B 126 -0.30 -31.75 -23.82
CA THR B 126 0.14 -31.14 -25.06
C THR B 126 -0.10 -32.09 -26.23
N GLU B 127 0.57 -33.24 -26.24
CA GLU B 127 0.43 -34.16 -27.35
C GLU B 127 -0.97 -34.74 -27.40
N TYR B 128 -1.63 -34.85 -26.25
CA TYR B 128 -2.99 -35.37 -26.23
C TYR B 128 -3.92 -34.46 -27.01
N LEU B 129 -3.64 -33.17 -27.03
CA LEU B 129 -4.51 -32.23 -27.69
C LEU B 129 -3.98 -31.78 -29.05
N CYS B 130 -2.68 -31.96 -29.32
CA CYS B 130 -2.05 -31.34 -30.47
C CYS B 130 -2.86 -31.46 -31.76
N GLU B 131 -3.08 -32.67 -32.24
CA GLU B 131 -3.86 -32.76 -33.46
C GLU B 131 -5.32 -32.39 -33.19
N PRO B 132 -5.91 -32.80 -32.06
CA PRO B 132 -7.21 -32.23 -31.68
C PRO B 132 -7.16 -30.71 -31.66
N LEU B 133 -6.08 -30.14 -31.11
CA LEU B 133 -5.91 -28.70 -31.14
C LEU B 133 -5.84 -28.19 -32.57
N ARG B 134 -5.14 -28.91 -33.45
CA ARG B 134 -5.06 -28.47 -34.83
C ARG B 134 -6.43 -28.51 -35.49
N LYS B 135 -7.27 -29.45 -35.08
CA LYS B 135 -8.64 -29.53 -35.56
C LYS B 135 -9.53 -28.48 -34.96
N CYS B 136 -9.18 -27.97 -33.79
CA CYS B 136 -9.75 -26.72 -33.32
C CYS B 136 -9.23 -25.54 -34.11
N LEU B 137 -8.04 -25.65 -34.69
CA LEU B 137 -7.61 -24.69 -35.72
C LEU B 137 -8.26 -25.04 -37.05
N LYS B 138 -8.30 -26.33 -37.38
CA LYS B 138 -9.10 -26.78 -38.51
C LYS B 138 -10.56 -26.95 -38.08
N ASP B 139 -11.07 -25.93 -37.43
CA ASP B 139 -12.44 -25.88 -36.93
C ASP B 139 -13.16 -24.73 -37.61
N GLU B 140 -14.48 -24.71 -37.46
CA GLU B 140 -15.32 -23.72 -38.10
C GLU B 140 -16.19 -22.99 -37.10
N ASP B 141 -16.05 -23.32 -35.82
CA ASP B 141 -16.83 -22.69 -34.76
C ASP B 141 -16.01 -21.56 -34.17
N PRO B 142 -16.56 -20.34 -34.08
CA PRO B 142 -15.80 -19.23 -33.51
C PRO B 142 -15.29 -19.51 -32.11
N TYR B 143 -16.04 -20.26 -31.32
CA TYR B 143 -15.62 -20.50 -29.94
C TYR B 143 -14.54 -21.58 -29.88
N VAL B 144 -14.66 -22.62 -30.69
CA VAL B 144 -13.67 -23.69 -30.67
C VAL B 144 -12.34 -23.12 -31.18
N ARG B 145 -12.34 -22.50 -32.35
CA ARG B 145 -11.10 -21.90 -32.86
C ARG B 145 -10.62 -20.79 -31.95
N LYS B 146 -11.56 -20.02 -31.39
CA LYS B 146 -11.21 -18.92 -30.51
C LYS B 146 -10.43 -19.43 -29.31
N THR B 147 -11.03 -20.38 -28.59
CA THR B 147 -10.37 -20.99 -27.45
C THR B 147 -9.10 -21.68 -27.88
N ALA B 148 -9.06 -22.20 -29.11
CA ALA B 148 -7.84 -22.80 -29.61
C ALA B 148 -6.72 -21.77 -29.64
N ALA B 149 -7.00 -20.60 -30.20
CA ALA B 149 -5.99 -19.54 -30.23
C ALA B 149 -5.61 -19.11 -28.82
N VAL B 150 -6.60 -19.01 -27.94
CA VAL B 150 -6.33 -18.59 -26.58
C VAL B 150 -5.43 -19.59 -25.87
N CYS B 151 -5.67 -20.88 -26.10
CA CYS B 151 -4.88 -21.90 -25.44
C CYS B 151 -3.56 -22.14 -26.16
N VAL B 152 -3.45 -21.65 -27.40
CA VAL B 152 -2.16 -21.61 -28.06
C VAL B 152 -1.29 -20.54 -27.41
N ALA B 153 -1.88 -19.37 -27.19
CA ALA B 153 -1.21 -18.35 -26.39
C ALA B 153 -0.84 -18.89 -25.02
N LYS B 154 -1.80 -19.51 -24.33
CA LYS B 154 -1.54 -20.10 -23.02
C LYS B 154 -0.45 -21.15 -23.10
N LEU B 155 -0.37 -21.87 -24.22
CA LEU B 155 0.69 -22.83 -24.42
C LEU B 155 2.04 -22.13 -24.46
N HIS B 156 2.06 -20.89 -24.93
CA HIS B 156 3.32 -20.17 -24.98
C HIS B 156 3.81 -19.77 -23.60
N ASP B 157 3.02 -20.04 -22.55
CA ASP B 157 3.49 -19.85 -21.19
C ASP B 157 4.84 -20.50 -20.97
N ILE B 158 5.07 -21.65 -21.60
CA ILE B 158 6.26 -22.44 -21.35
C ILE B 158 6.38 -23.44 -22.50
N ASN B 159 7.62 -23.88 -22.75
CA ASN B 159 7.90 -24.89 -23.76
C ASN B 159 7.63 -24.35 -25.16
N ALA B 160 7.40 -23.04 -25.27
CA ALA B 160 7.02 -22.40 -26.53
C ALA B 160 8.26 -22.30 -27.41
N GLN B 161 8.87 -23.45 -27.70
CA GLN B 161 10.06 -23.50 -28.54
C GLN B 161 10.07 -24.76 -29.39
N MET B 162 8.92 -25.43 -29.52
CA MET B 162 8.93 -26.76 -30.10
C MET B 162 8.40 -26.75 -31.54
N VAL B 163 8.92 -27.66 -32.34
CA VAL B 163 8.49 -27.74 -33.74
C VAL B 163 6.99 -27.97 -33.82
N GLU B 164 6.43 -28.67 -32.84
CA GLU B 164 4.98 -28.82 -32.78
C GLU B 164 4.30 -27.49 -32.55
N ASP B 165 4.73 -26.76 -31.52
CA ASP B 165 4.12 -25.45 -31.27
C ASP B 165 4.44 -24.51 -32.41
N GLN B 166 5.55 -24.75 -33.12
CA GLN B 166 5.88 -23.91 -34.26
C GLN B 166 4.94 -24.18 -35.43
N GLY B 167 4.58 -25.44 -35.67
CA GLY B 167 3.58 -25.73 -36.69
C GLY B 167 2.23 -25.17 -36.32
N PHE B 168 1.89 -25.24 -35.03
CA PHE B 168 0.70 -24.55 -34.56
C PHE B 168 0.80 -23.05 -34.82
N LEU B 169 2.00 -22.50 -34.65
CA LEU B 169 2.22 -21.08 -34.88
C LEU B 169 2.02 -20.76 -36.35
N ASP B 170 2.46 -21.66 -37.23
CA ASP B 170 2.24 -21.48 -38.65
C ASP B 170 0.75 -21.48 -38.98
N SER B 171 0.03 -22.47 -38.44
CA SER B 171 -1.40 -22.55 -38.68
C SER B 171 -2.11 -21.30 -38.20
N LEU B 172 -1.88 -20.89 -36.95
CA LEU B 172 -2.53 -19.69 -36.43
C LEU B 172 -2.02 -18.45 -37.15
N ARG B 173 -0.78 -18.49 -37.63
CA ARG B 173 -0.19 -17.36 -38.32
C ARG B 173 -0.86 -17.14 -39.66
N ASP B 174 -1.33 -18.22 -40.27
CA ASP B 174 -2.21 -18.09 -41.42
C ASP B 174 -3.62 -17.76 -40.99
N LEU B 175 -4.01 -18.20 -39.78
CA LEU B 175 -5.30 -17.82 -39.23
C LEU B 175 -5.35 -16.34 -38.92
N ILE B 176 -4.20 -15.66 -38.95
CA ILE B 176 -4.16 -14.21 -38.86
C ILE B 176 -5.06 -13.70 -39.97
N ALA B 177 -4.91 -14.28 -41.16
CA ALA B 177 -5.93 -14.15 -42.18
C ALA B 177 -7.11 -15.01 -41.78
N ASP B 178 -8.16 -14.38 -41.24
CA ASP B 178 -9.35 -15.10 -40.83
C ASP B 178 -10.56 -14.21 -41.02
N SER B 179 -11.66 -14.82 -41.45
CA SER B 179 -12.90 -14.08 -41.59
C SER B 179 -13.65 -14.00 -40.27
N ASN B 180 -13.57 -15.04 -39.45
CA ASN B 180 -14.36 -15.08 -38.22
C ASN B 180 -13.92 -13.96 -37.29
N PRO B 181 -14.81 -13.03 -36.96
CA PRO B 181 -14.40 -11.88 -36.14
C PRO B 181 -13.83 -12.29 -34.80
N MET B 182 -14.46 -13.27 -34.15
CA MET B 182 -13.98 -13.75 -32.86
C MET B 182 -12.60 -14.37 -32.98
N VAL B 183 -12.45 -15.29 -33.93
CA VAL B 183 -11.21 -16.05 -34.07
C VAL B 183 -10.12 -15.12 -34.55
N VAL B 184 -10.40 -14.29 -35.55
CA VAL B 184 -9.37 -13.37 -36.02
C VAL B 184 -9.02 -12.36 -34.94
N ALA B 185 -9.99 -11.98 -34.12
CA ALA B 185 -9.77 -10.96 -33.11
C ALA B 185 -8.87 -11.48 -31.99
N ASN B 186 -9.18 -12.66 -31.46
CA ASN B 186 -8.30 -13.20 -30.44
C ASN B 186 -6.98 -13.64 -31.05
N ALA B 187 -6.97 -13.95 -32.35
CA ALA B 187 -5.70 -14.20 -33.03
C ALA B 187 -4.82 -12.96 -32.98
N VAL B 188 -5.39 -11.79 -33.29
CA VAL B 188 -4.64 -10.55 -33.24
C VAL B 188 -4.16 -10.28 -31.80
N ALA B 189 -5.07 -10.43 -30.84
CA ALA B 189 -4.69 -10.24 -29.44
C ALA B 189 -3.54 -11.16 -29.06
N ALA B 190 -3.68 -12.44 -29.38
CA ALA B 190 -2.69 -13.46 -29.06
C ALA B 190 -1.35 -13.08 -29.65
N LEU B 191 -1.29 -12.86 -30.96
CA LEU B 191 -0.02 -12.56 -31.62
C LEU B 191 0.59 -11.29 -31.05
N SER B 192 -0.23 -10.29 -30.76
CA SER B 192 0.30 -9.07 -30.16
C SER B 192 0.96 -9.38 -28.82
N GLU B 193 0.34 -10.26 -28.03
CA GLU B 193 0.96 -10.66 -26.77
C GLU B 193 2.19 -11.52 -27.01
N ILE B 194 2.18 -12.32 -28.07
CA ILE B 194 3.29 -13.21 -28.36
C ILE B 194 4.50 -12.42 -28.80
N SER B 195 4.27 -11.23 -29.35
CA SER B 195 5.35 -10.32 -29.69
C SER B 195 6.23 -10.07 -28.46
N GLU B 196 5.64 -10.21 -27.27
CA GLU B 196 6.40 -10.10 -26.03
C GLU B 196 7.39 -11.24 -25.84
N SER B 197 7.13 -12.40 -26.40
CA SER B 197 8.20 -13.35 -26.63
C SER B 197 9.17 -12.69 -27.60
N HIS B 198 10.42 -12.57 -27.19
CA HIS B 198 11.37 -11.68 -27.85
C HIS B 198 12.53 -12.43 -28.47
N PRO B 199 12.28 -13.18 -29.54
CA PRO B 199 13.32 -13.33 -30.56
C PRO B 199 13.51 -12.04 -31.32
N ASN B 200 12.61 -11.07 -31.11
CA ASN B 200 12.66 -9.76 -31.73
C ASN B 200 12.56 -9.90 -33.26
N SER B 201 11.87 -10.96 -33.69
CA SER B 201 11.57 -11.20 -35.08
C SER B 201 10.14 -11.70 -35.17
N ASN B 202 9.32 -11.31 -34.21
CA ASN B 202 7.95 -11.81 -34.11
C ASN B 202 7.08 -11.29 -35.24
N LEU B 203 6.06 -12.06 -35.60
CA LEU B 203 4.93 -11.56 -36.39
C LEU B 203 5.33 -10.98 -37.74
N LEU B 204 5.82 -11.83 -38.65
CA LEU B 204 6.10 -11.34 -39.99
C LEU B 204 4.89 -11.70 -40.86
N ASP B 205 3.83 -10.91 -40.73
CA ASP B 205 2.64 -11.06 -41.55
C ASP B 205 2.14 -9.69 -41.98
N LEU B 206 2.88 -8.66 -41.59
CA LEU B 206 2.50 -7.28 -41.87
C LEU B 206 2.73 -6.95 -43.34
N ASN B 207 1.76 -6.26 -43.93
CA ASN B 207 1.82 -5.83 -45.32
C ASN B 207 0.64 -4.93 -45.62
N PRO B 208 0.74 -4.05 -46.64
CA PRO B 208 -0.30 -3.03 -46.88
C PRO B 208 -1.71 -3.58 -46.99
N GLN B 209 -1.90 -4.60 -47.82
CA GLN B 209 -3.23 -5.17 -47.97
C GLN B 209 -3.72 -5.73 -46.64
N ASN B 210 -2.84 -6.38 -45.89
CA ASN B 210 -3.19 -6.82 -44.55
C ASN B 210 -3.62 -5.64 -43.70
N ILE B 211 -2.85 -4.56 -43.78
CA ILE B 211 -3.20 -3.35 -43.04
C ILE B 211 -4.61 -2.91 -43.39
N ASN B 212 -4.94 -2.90 -44.67
CA ASN B 212 -6.24 -2.41 -45.09
C ASN B 212 -7.34 -3.34 -44.58
N LYS B 213 -7.13 -4.65 -44.69
CA LYS B 213 -8.19 -5.58 -44.31
C LYS B 213 -8.41 -5.55 -42.80
N LEU B 214 -7.32 -5.45 -42.02
CA LEU B 214 -7.49 -5.35 -40.58
C LEU B 214 -8.10 -4.01 -40.20
N LEU B 215 -7.84 -2.97 -40.99
CA LEU B 215 -8.49 -1.69 -40.76
C LEU B 215 -9.99 -1.81 -40.94
N THR B 216 -10.41 -2.38 -42.08
CA THR B 216 -11.81 -2.68 -42.30
C THR B 216 -12.39 -3.48 -41.13
N ALA B 217 -11.67 -4.52 -40.70
CA ALA B 217 -12.11 -5.31 -39.56
C ALA B 217 -12.37 -4.44 -38.34
N LEU B 218 -11.34 -3.70 -37.92
CA LEU B 218 -11.48 -2.71 -36.86
C LEU B 218 -12.76 -1.90 -37.03
N ASN B 219 -13.02 -1.44 -38.24
CA ASN B 219 -14.24 -0.69 -38.51
C ASN B 219 -15.47 -1.53 -38.20
N GLU B 220 -15.38 -2.84 -38.40
CA GLU B 220 -16.55 -3.67 -38.22
C GLU B 220 -16.43 -4.65 -37.05
N CYS B 221 -15.25 -4.78 -36.47
CA CYS B 221 -15.08 -5.76 -35.40
C CYS B 221 -15.15 -5.04 -34.06
N THR B 222 -15.29 -5.82 -33.00
CA THR B 222 -15.49 -5.28 -31.66
C THR B 222 -14.32 -4.43 -31.20
N GLU B 223 -14.58 -3.59 -30.20
CA GLU B 223 -13.57 -2.77 -29.56
C GLU B 223 -12.34 -3.56 -29.16
N TRP B 224 -12.50 -4.82 -28.78
CA TRP B 224 -11.36 -5.65 -28.45
C TRP B 224 -10.41 -5.75 -29.62
N GLY B 225 -10.88 -6.33 -30.72
CA GLY B 225 -10.11 -6.45 -31.93
C GLY B 225 -9.62 -5.11 -32.41
N GLN B 226 -10.43 -4.07 -32.21
CA GLN B 226 -10.03 -2.73 -32.63
C GLN B 226 -8.77 -2.29 -31.90
N ILE B 227 -8.78 -2.39 -30.57
CA ILE B 227 -7.62 -2.00 -29.77
C ILE B 227 -6.44 -2.90 -30.10
N PHE B 228 -6.69 -4.17 -30.35
CA PHE B 228 -5.61 -5.07 -30.72
C PHE B 228 -4.96 -4.61 -32.02
N ILE B 229 -5.77 -4.34 -33.03
CA ILE B 229 -5.31 -3.75 -34.27
C ILE B 229 -4.54 -2.47 -34.02
N LEU B 230 -5.01 -1.65 -33.09
CA LEU B 230 -4.35 -0.38 -32.84
C LEU B 230 -2.94 -0.59 -32.30
N ASP B 231 -2.80 -1.43 -31.28
CA ASP B 231 -1.47 -1.69 -30.75
C ASP B 231 -0.58 -2.39 -31.77
N CYS B 232 -1.14 -3.27 -32.60
CA CYS B 232 -0.33 -3.87 -33.66
C CYS B 232 0.16 -2.82 -34.64
N LEU B 233 -0.71 -1.89 -35.02
CA LEU B 233 -0.29 -0.77 -35.84
C LEU B 233 0.76 0.06 -35.13
N SER B 234 0.71 0.09 -33.81
CA SER B 234 1.70 0.80 -33.02
C SER B 234 3.05 0.10 -33.13
N ASN B 235 3.05 -1.06 -33.78
CA ASN B 235 4.29 -1.81 -33.96
C ASN B 235 4.72 -1.74 -35.42
N TYR B 236 3.76 -1.77 -36.34
CA TYR B 236 4.06 -1.62 -37.74
C TYR B 236 4.55 -0.20 -38.00
N ASN B 237 5.55 -0.08 -38.85
CA ASN B 237 6.17 1.20 -39.16
C ASN B 237 5.90 1.56 -40.62
N PRO B 238 4.97 2.46 -40.90
CA PRO B 238 4.75 2.91 -42.28
C PRO B 238 6.03 3.51 -42.86
N LYS B 239 6.08 3.56 -44.18
CA LYS B 239 7.27 4.02 -44.89
C LYS B 239 7.16 5.47 -45.33
N ASP B 240 5.97 6.07 -45.21
CA ASP B 240 5.80 7.49 -45.43
C ASP B 240 4.47 7.96 -44.87
N ASP B 241 4.06 9.17 -45.23
CA ASP B 241 2.84 9.76 -44.69
C ASP B 241 1.60 9.47 -45.52
N ARG B 242 1.73 9.16 -46.81
CA ARG B 242 0.56 9.01 -47.65
C ARG B 242 -0.31 7.85 -47.18
N GLU B 243 0.29 6.67 -47.04
CA GLU B 243 -0.41 5.58 -46.41
C GLU B 243 -0.87 5.99 -45.02
N ALA B 244 -0.04 6.76 -44.32
CA ALA B 244 -0.43 7.29 -43.02
C ALA B 244 -1.56 8.28 -43.14
N GLN B 245 -1.60 9.04 -44.25
CA GLN B 245 -2.75 9.90 -44.50
C GLN B 245 -4.00 9.05 -44.51
N SER B 246 -4.06 8.08 -45.42
CA SER B 246 -5.19 7.17 -45.49
C SER B 246 -5.51 6.53 -44.15
N ILE B 247 -4.48 6.21 -43.37
CA ILE B 247 -4.70 5.59 -42.07
C ILE B 247 -5.41 6.55 -41.13
N CYS B 248 -4.93 7.79 -41.04
CA CYS B 248 -5.62 8.77 -40.22
C CYS B 248 -7.04 9.00 -40.73
N GLU B 249 -7.26 8.80 -42.02
CA GLU B 249 -8.64 8.83 -42.51
C GLU B 249 -9.43 7.66 -41.94
N ARG B 250 -8.80 6.49 -41.85
CA ARG B 250 -9.45 5.36 -41.18
C ARG B 250 -9.69 5.67 -39.70
N VAL B 251 -8.88 6.53 -39.12
CA VAL B 251 -9.02 6.89 -37.72
C VAL B 251 -10.12 7.93 -37.54
N THR B 252 -10.39 8.69 -38.58
CA THR B 252 -11.43 9.72 -38.56
C THR B 252 -12.72 9.23 -37.90
N PRO B 253 -13.23 8.03 -38.22
CA PRO B 253 -14.44 7.55 -37.54
C PRO B 253 -14.15 6.94 -36.18
N ARG B 254 -12.92 6.96 -35.70
CA ARG B 254 -12.57 6.37 -34.41
C ARG B 254 -12.88 7.30 -33.26
N LEU B 255 -13.80 8.24 -33.45
CA LEU B 255 -14.32 9.04 -32.36
C LEU B 255 -15.28 8.20 -31.53
N SER B 256 -16.13 8.88 -30.75
CA SER B 256 -16.80 8.28 -29.60
C SER B 256 -17.20 6.82 -29.77
N HIS B 257 -16.74 6.00 -28.83
CA HIS B 257 -16.89 4.55 -28.83
C HIS B 257 -16.95 4.11 -27.38
N ALA B 258 -16.64 2.85 -27.13
CA ALA B 258 -16.12 2.50 -25.80
C ALA B 258 -14.75 3.11 -25.62
N ASN B 259 -14.74 4.43 -25.51
CA ASN B 259 -13.63 5.26 -25.96
C ASN B 259 -12.32 5.00 -25.23
N SER B 260 -12.28 5.28 -23.93
CA SER B 260 -11.05 5.64 -23.23
C SER B 260 -9.83 4.90 -23.74
N ALA B 261 -9.87 3.58 -23.70
CA ALA B 261 -8.78 2.76 -24.22
C ALA B 261 -8.55 3.04 -25.70
N VAL B 262 -9.63 2.98 -26.48
CA VAL B 262 -9.52 3.15 -27.92
C VAL B 262 -8.95 4.53 -28.24
N VAL B 263 -9.38 5.54 -27.50
CA VAL B 263 -8.95 6.91 -27.76
C VAL B 263 -7.48 7.07 -27.43
N LEU B 264 -7.06 6.55 -26.27
CA LEU B 264 -5.65 6.65 -25.90
C LEU B 264 -4.77 5.94 -26.91
N SER B 265 -5.14 4.71 -27.28
CA SER B 265 -4.36 3.96 -28.25
C SER B 265 -4.36 4.64 -29.62
N ALA B 266 -5.48 5.23 -30.00
CA ALA B 266 -5.59 5.92 -31.28
C ALA B 266 -4.67 7.13 -31.30
N VAL B 267 -4.70 7.91 -30.22
CA VAL B 267 -3.81 9.07 -30.11
C VAL B 267 -2.36 8.61 -30.16
N LYS B 268 -2.07 7.47 -29.53
CA LYS B 268 -0.74 6.88 -29.62
C LYS B 268 -0.35 6.67 -31.09
N VAL B 269 -1.17 5.91 -31.81
CA VAL B 269 -0.83 5.55 -33.19
C VAL B 269 -0.75 6.80 -34.05
N LEU B 270 -1.57 7.80 -33.74
CA LEU B 270 -1.57 9.03 -34.52
C LEU B 270 -0.29 9.82 -34.31
N MET B 271 0.01 10.15 -33.06
CA MET B 271 1.27 10.81 -32.74
C MET B 271 2.45 10.04 -33.28
N LYS B 272 2.34 8.72 -33.36
CA LYS B 272 3.34 7.92 -34.04
C LYS B 272 3.52 8.38 -35.47
N PHE B 273 2.44 8.86 -36.09
CA PHE B 273 2.50 9.41 -37.43
C PHE B 273 2.35 10.92 -37.45
N LEU B 274 1.98 11.51 -36.32
CA LEU B 274 1.80 12.95 -36.21
C LEU B 274 3.14 13.59 -35.87
N GLU B 275 4.01 13.69 -36.87
CA GLU B 275 5.29 14.36 -36.71
C GLU B 275 5.52 15.31 -37.88
N LEU B 276 4.83 15.06 -38.99
CA LEU B 276 4.94 15.93 -40.16
C LEU B 276 4.23 17.25 -39.88
N LEU B 277 4.20 18.12 -40.86
CA LEU B 277 3.74 19.47 -40.62
C LEU B 277 2.25 19.61 -40.92
N PRO B 278 1.55 20.50 -40.23
CA PRO B 278 0.17 20.84 -40.59
C PRO B 278 0.05 21.62 -41.89
N LYS B 279 1.17 21.99 -42.50
CA LYS B 279 1.12 22.48 -43.88
C LYS B 279 1.19 21.32 -44.85
N ASP B 280 1.92 20.26 -44.47
CA ASP B 280 1.94 19.05 -45.30
C ASP B 280 0.54 18.54 -45.53
N SER B 281 -0.29 18.59 -44.49
CA SER B 281 -1.71 18.32 -44.58
C SER B 281 -2.42 19.16 -43.54
N ASP B 282 -3.63 19.57 -43.84
CA ASP B 282 -4.37 20.39 -42.89
C ASP B 282 -5.34 19.52 -42.13
N TYR B 283 -5.65 18.36 -42.68
CA TYR B 283 -6.25 17.29 -41.87
C TYR B 283 -5.43 17.10 -40.61
N TYR B 284 -4.11 17.30 -40.71
CA TYR B 284 -3.26 17.42 -39.55
C TYR B 284 -3.77 18.51 -38.60
N ASN B 285 -3.81 19.75 -39.07
CA ASN B 285 -4.24 20.84 -38.20
C ASN B 285 -5.74 20.82 -37.97
N MET B 286 -6.51 20.25 -38.90
CA MET B 286 -7.90 19.95 -38.62
C MET B 286 -8.03 19.10 -37.37
N LEU B 287 -7.23 18.04 -37.27
CA LEU B 287 -7.25 17.22 -36.07
C LEU B 287 -6.75 17.99 -34.86
N LEU B 288 -5.66 18.75 -35.04
CA LEU B 288 -5.13 19.55 -33.94
C LEU B 288 -6.21 20.42 -33.31
N LYS B 289 -6.95 21.15 -34.13
CA LYS B 289 -8.01 22.01 -33.61
C LYS B 289 -9.16 21.17 -33.07
N LYS B 290 -9.52 20.10 -33.78
CA LYS B 290 -10.68 19.31 -33.41
C LYS B 290 -10.44 18.55 -32.11
N LEU B 291 -9.19 18.37 -31.74
CA LEU B 291 -8.85 17.48 -30.65
C LEU B 291 -9.28 17.99 -29.29
N ALA B 292 -9.46 19.30 -29.12
CA ALA B 292 -9.68 19.83 -27.78
C ALA B 292 -10.97 19.33 -27.13
N PRO B 293 -12.13 19.42 -27.78
CA PRO B 293 -13.38 19.03 -27.10
C PRO B 293 -13.39 17.56 -26.70
N PRO B 294 -12.91 16.63 -27.54
CA PRO B 294 -12.77 15.26 -27.04
C PRO B 294 -11.84 15.15 -25.85
N LEU B 295 -10.75 15.93 -25.84
CA LEU B 295 -9.88 15.95 -24.67
C LEU B 295 -10.63 16.41 -23.44
N VAL B 296 -11.53 17.38 -23.60
CA VAL B 296 -12.36 17.81 -22.48
C VAL B 296 -13.24 16.68 -22.01
N THR B 297 -13.87 15.98 -22.94
CA THR B 297 -14.70 14.82 -22.62
C THR B 297 -13.90 13.80 -21.81
N LEU B 298 -12.65 13.59 -22.23
CA LEU B 298 -11.75 12.74 -21.46
C LEU B 298 -11.68 13.19 -20.02
N LEU B 299 -11.58 14.50 -19.78
CA LEU B 299 -11.64 15.06 -18.44
C LEU B 299 -13.07 15.36 -18.03
N SER B 300 -14.03 15.05 -18.88
CA SER B 300 -15.43 15.20 -18.55
C SER B 300 -16.04 13.81 -18.40
N GLY B 301 -15.18 12.80 -18.35
CA GLY B 301 -15.62 11.44 -18.18
C GLY B 301 -15.79 11.09 -16.73
N GLU B 302 -15.09 10.06 -16.28
CA GLU B 302 -15.18 9.56 -14.91
C GLU B 302 -13.87 9.83 -14.19
N PRO B 303 -13.94 10.18 -12.89
CA PRO B 303 -12.74 10.59 -12.13
C PRO B 303 -11.49 9.77 -12.38
N GLU B 304 -11.63 8.45 -12.46
CA GLU B 304 -10.45 7.64 -12.73
C GLU B 304 -10.00 7.80 -14.18
N VAL B 305 -10.96 7.79 -15.12
CA VAL B 305 -10.54 7.92 -16.51
C VAL B 305 -10.18 9.37 -16.82
N GLN B 306 -10.83 10.34 -16.19
CA GLN B 306 -10.38 11.72 -16.31
C GLN B 306 -9.01 11.89 -15.66
N TYR B 307 -8.71 11.04 -14.68
CA TYR B 307 -7.44 11.06 -13.99
C TYR B 307 -6.31 10.59 -14.90
N VAL B 308 -6.53 9.41 -15.50
CA VAL B 308 -5.68 8.96 -16.60
C VAL B 308 -5.56 10.03 -17.66
N ALA B 309 -6.67 10.67 -18.01
CA ALA B 309 -6.66 11.70 -19.03
C ALA B 309 -5.77 12.86 -18.62
N LEU B 310 -5.79 13.23 -17.34
CA LEU B 310 -4.92 14.29 -16.86
C LEU B 310 -3.45 13.89 -17.02
N ARG B 311 -3.14 12.65 -16.66
CA ARG B 311 -1.79 12.13 -16.93
C ARG B 311 -1.43 12.33 -18.39
N ASN B 312 -2.30 11.86 -19.28
CA ASN B 312 -2.00 11.91 -20.70
C ASN B 312 -1.93 13.34 -21.20
N ILE B 313 -2.69 14.24 -20.59
CA ILE B 313 -2.71 15.64 -21.03
C ILE B 313 -1.43 16.33 -20.63
N ASN B 314 -0.95 16.06 -19.42
CA ASN B 314 0.35 16.61 -19.04
C ASN B 314 1.39 16.09 -20.02
N LEU B 315 1.30 14.79 -20.34
CA LEU B 315 2.20 14.22 -21.34
C LEU B 315 2.13 14.98 -22.66
N ILE B 316 0.92 15.30 -23.11
CA ILE B 316 0.74 15.95 -24.40
C ILE B 316 1.31 17.35 -24.39
N VAL B 317 0.92 18.14 -23.40
CA VAL B 317 1.42 19.51 -23.24
C VAL B 317 2.94 19.47 -23.27
N GLN B 318 3.53 18.51 -22.56
CA GLN B 318 4.97 18.30 -22.67
C GLN B 318 5.36 18.10 -24.13
N LYS B 319 4.78 17.10 -24.78
CA LYS B 319 5.09 16.82 -26.18
C LYS B 319 4.60 17.92 -27.10
N ARG B 320 3.32 18.25 -27.01
CA ARG B 320 2.70 19.18 -27.95
C ARG B 320 2.17 20.41 -27.21
N PRO B 321 2.96 21.46 -27.10
CA PRO B 321 2.46 22.72 -26.52
C PRO B 321 1.70 23.57 -27.51
N GLU B 322 0.39 23.35 -27.64
CA GLU B 322 -0.39 23.98 -28.70
C GLU B 322 -1.82 24.29 -28.26
N ILE B 323 -2.72 24.34 -29.25
CA ILE B 323 -4.03 25.00 -29.20
C ILE B 323 -4.76 24.82 -27.87
N LEU B 324 -4.43 23.76 -27.12
CA LEU B 324 -5.01 23.57 -25.80
C LEU B 324 -4.67 24.75 -24.88
N LYS B 325 -3.88 25.70 -25.39
CA LYS B 325 -3.46 26.88 -24.64
C LYS B 325 -4.62 27.84 -24.42
N GLN B 326 -5.82 27.44 -24.82
CA GLN B 326 -7.00 28.29 -24.65
C GLN B 326 -8.12 27.51 -23.98
N GLU B 327 -7.82 26.29 -23.55
CA GLU B 327 -8.80 25.43 -22.92
C GLU B 327 -8.45 25.16 -21.46
N ILE B 328 -7.69 26.07 -20.85
CA ILE B 328 -7.37 25.97 -19.43
C ILE B 328 -8.63 25.88 -18.60
N LYS B 329 -9.76 26.33 -19.15
CA LYS B 329 -11.05 26.28 -18.47
C LYS B 329 -11.30 24.93 -17.79
N VAL B 330 -10.85 23.85 -18.41
CA VAL B 330 -11.06 22.52 -17.87
C VAL B 330 -10.32 22.39 -16.54
N PHE B 331 -9.23 23.13 -16.37
CA PHE B 331 -8.42 23.00 -15.18
C PHE B 331 -8.90 23.94 -14.08
N PHE B 332 -10.09 24.50 -14.24
CA PHE B 332 -10.59 25.50 -13.31
C PHE B 332 -11.11 24.79 -12.06
N VAL B 333 -10.30 24.83 -11.01
CA VAL B 333 -10.53 24.09 -9.78
C VAL B 333 -11.85 24.47 -9.12
N LYS B 334 -12.44 23.53 -8.39
CA LYS B 334 -13.63 23.78 -7.60
C LYS B 334 -13.49 23.05 -6.28
N TYR B 335 -14.36 23.42 -5.33
CA TYR B 335 -14.37 22.74 -4.03
C TYR B 335 -14.56 21.24 -4.21
N ASN B 336 -15.65 20.84 -4.85
CA ASN B 336 -15.98 19.43 -4.99
C ASN B 336 -14.85 18.63 -5.63
N ASP B 337 -13.99 19.31 -6.40
CA ASP B 337 -12.91 18.63 -7.11
C ASP B 337 -12.02 17.92 -6.10
N PRO B 338 -11.55 16.71 -6.39
CA PRO B 338 -10.69 16.01 -5.43
C PRO B 338 -9.28 16.54 -5.45
N ILE B 339 -8.65 16.52 -4.27
CA ILE B 339 -7.42 17.25 -3.98
C ILE B 339 -6.38 17.13 -5.08
N TYR B 340 -6.06 15.90 -5.50
CA TYR B 340 -5.01 15.74 -6.50
C TYR B 340 -5.48 16.22 -7.86
N VAL B 341 -6.75 15.98 -8.19
CA VAL B 341 -7.30 16.51 -9.44
C VAL B 341 -7.19 18.02 -9.45
N LYS B 342 -7.56 18.65 -8.34
CA LYS B 342 -7.31 20.09 -8.17
C LYS B 342 -5.84 20.42 -8.40
N LEU B 343 -4.96 19.57 -7.88
CA LEU B 343 -3.54 19.79 -8.04
C LEU B 343 -3.16 19.89 -9.50
N GLU B 344 -3.39 18.81 -10.25
CA GLU B 344 -3.01 18.81 -11.67
C GLU B 344 -3.74 19.89 -12.44
N LYS B 345 -4.97 20.20 -12.03
CA LYS B 345 -5.71 21.30 -12.61
C LYS B 345 -4.87 22.56 -12.56
N LEU B 346 -4.52 22.97 -11.34
CA LEU B 346 -3.70 24.15 -11.10
C LEU B 346 -2.35 24.04 -11.81
N ASP B 347 -1.79 22.83 -11.83
CA ASP B 347 -0.46 22.65 -12.39
C ASP B 347 -0.47 22.97 -13.87
N ILE B 348 -1.37 22.36 -14.62
CA ILE B 348 -1.43 22.64 -16.05
C ILE B 348 -1.98 24.03 -16.28
N MET B 349 -2.77 24.55 -15.35
CA MET B 349 -3.17 25.95 -15.39
C MET B 349 -1.92 26.82 -15.50
N ILE B 350 -0.96 26.56 -14.61
CA ILE B 350 0.32 27.26 -14.69
C ILE B 350 1.00 26.93 -16.00
N ARG B 351 0.96 25.67 -16.42
CA ARG B 351 1.53 25.29 -17.70
C ARG B 351 0.78 25.95 -18.85
N LEU B 352 -0.52 26.18 -18.69
CA LEU B 352 -1.30 26.94 -19.66
C LEU B 352 -1.36 28.37 -19.16
N ALA B 353 -0.19 29.01 -19.13
CA ALA B 353 -0.05 30.35 -18.57
C ALA B 353 -0.87 31.34 -19.38
N SER B 354 -1.95 31.84 -18.79
CA SER B 354 -2.83 32.80 -19.43
C SER B 354 -2.46 34.20 -18.96
N GLN B 355 -1.50 34.81 -19.64
CA GLN B 355 -1.02 36.15 -19.35
C GLN B 355 -2.17 37.13 -19.11
N ALA B 356 -3.31 36.88 -19.74
CA ALA B 356 -4.49 37.68 -19.45
C ALA B 356 -4.99 37.40 -18.04
N ASN B 357 -5.14 36.12 -17.69
CA ASN B 357 -5.78 35.77 -16.43
C ASN B 357 -4.85 35.85 -15.24
N ILE B 358 -3.55 36.02 -15.48
CA ILE B 358 -2.57 35.86 -14.40
C ILE B 358 -2.90 36.74 -13.20
N ALA B 359 -3.55 37.86 -13.43
CA ALA B 359 -4.01 38.68 -12.32
C ALA B 359 -5.02 37.92 -11.48
N GLN B 360 -6.17 37.61 -12.09
CA GLN B 360 -7.19 36.85 -11.38
C GLN B 360 -6.70 35.45 -11.07
N VAL B 361 -5.82 34.90 -11.91
CA VAL B 361 -5.23 33.61 -11.59
C VAL B 361 -4.51 33.66 -10.26
N LEU B 362 -3.65 34.66 -10.07
CA LEU B 362 -2.90 34.77 -8.82
C LEU B 362 -3.82 35.14 -7.66
N ALA B 363 -4.89 35.87 -7.95
CA ALA B 363 -5.91 36.11 -6.94
C ALA B 363 -6.40 34.78 -6.41
N GLU B 364 -6.86 33.93 -7.34
CA GLU B 364 -7.25 32.57 -7.01
C GLU B 364 -6.12 31.83 -6.29
N LEU B 365 -4.89 32.08 -6.70
CA LEU B 365 -3.75 31.34 -6.15
C LEU B 365 -3.60 31.65 -4.66
N LYS B 366 -3.60 32.93 -4.32
CA LYS B 366 -3.52 33.31 -2.91
C LYS B 366 -4.76 32.85 -2.16
N GLU B 367 -5.92 32.90 -2.82
CA GLU B 367 -7.09 32.22 -2.28
C GLU B 367 -6.75 30.80 -1.85
N TYR B 368 -6.15 30.04 -2.75
CA TYR B 368 -5.79 28.66 -2.44
C TYR B 368 -4.81 28.62 -1.28
N ALA B 369 -3.79 29.47 -1.32
CA ALA B 369 -2.88 29.64 -0.20
C ALA B 369 -3.65 29.83 1.09
N THR B 370 -4.78 30.52 1.02
CA THR B 370 -5.65 30.71 2.18
C THR B 370 -6.58 29.53 2.41
N GLU B 371 -6.40 28.43 1.69
CA GLU B 371 -7.16 27.23 2.03
C GLU B 371 -6.39 26.38 3.04
N VAL B 372 -6.79 25.14 3.22
CA VAL B 372 -6.50 24.40 4.45
C VAL B 372 -5.70 23.13 4.25
N ASP B 373 -4.87 23.07 3.22
CA ASP B 373 -3.98 21.92 3.06
C ASP B 373 -2.56 22.36 2.76
N VAL B 374 -1.61 21.78 3.49
CA VAL B 374 -0.20 22.11 3.29
C VAL B 374 0.25 21.79 1.87
N ASP B 375 -0.15 20.63 1.36
CA ASP B 375 0.47 20.09 0.16
C ASP B 375 0.27 21.02 -1.03
N PHE B 376 -0.98 21.18 -1.44
CA PHE B 376 -1.32 22.01 -2.59
C PHE B 376 -0.81 23.42 -2.38
N VAL B 377 -0.74 23.87 -1.12
CA VAL B 377 -0.21 25.19 -0.83
C VAL B 377 1.25 25.26 -1.25
N ARG B 378 2.03 24.25 -0.88
CA ARG B 378 3.44 24.23 -1.26
C ARG B 378 3.58 24.17 -2.78
N LYS B 379 2.77 23.33 -3.40
CA LYS B 379 2.80 23.23 -4.87
C LYS B 379 2.50 24.58 -5.50
N ALA B 380 1.51 25.29 -4.95
CA ALA B 380 1.12 26.58 -5.51
C ALA B 380 2.22 27.61 -5.29
N VAL B 381 2.92 27.51 -4.16
CA VAL B 381 4.05 28.41 -3.92
C VAL B 381 5.12 28.19 -4.97
N ARG B 382 5.43 26.92 -5.23
CA ARG B 382 6.39 26.60 -6.28
C ARG B 382 5.92 27.13 -7.63
N ALA B 383 4.63 26.94 -7.92
CA ALA B 383 4.10 27.38 -9.21
C ALA B 383 4.17 28.89 -9.35
N ILE B 384 3.84 29.62 -8.29
CA ILE B 384 3.91 31.08 -8.29
C ILE B 384 5.35 31.52 -8.50
N GLY B 385 6.28 30.82 -7.85
CA GLY B 385 7.68 31.11 -8.06
C GLY B 385 8.06 30.92 -9.52
N ARG B 386 7.50 29.87 -10.13
CA ARG B 386 7.72 29.66 -11.55
C ARG B 386 7.17 30.81 -12.37
N CYS B 387 6.00 31.32 -11.98
CA CYS B 387 5.45 32.50 -12.63
C CYS B 387 6.38 33.70 -12.48
N ALA B 388 7.06 33.78 -11.34
CA ALA B 388 8.08 34.79 -11.17
C ALA B 388 9.24 34.53 -12.12
N ILE B 389 9.62 33.25 -12.27
CA ILE B 389 10.57 32.87 -13.29
C ILE B 389 9.99 33.12 -14.67
N LYS B 390 8.67 33.11 -14.78
CA LYS B 390 7.95 33.56 -15.96
C LYS B 390 7.90 35.08 -15.95
N VAL B 391 6.99 35.67 -16.72
CA VAL B 391 6.97 37.11 -16.97
C VAL B 391 7.23 37.90 -15.68
N GLU B 392 8.07 38.93 -15.80
CA GLU B 392 8.62 39.62 -14.64
C GLU B 392 7.53 40.34 -13.85
N GLN B 393 6.55 40.91 -14.54
CA GLN B 393 5.50 41.68 -13.89
C GLN B 393 4.95 40.89 -12.71
N SER B 394 4.53 39.66 -12.99
CA SER B 394 4.06 38.73 -11.97
C SER B 394 5.03 38.68 -10.79
N ALA B 395 6.33 38.63 -11.09
CA ALA B 395 7.33 38.39 -10.05
C ALA B 395 7.22 39.38 -8.91
N GLU B 396 6.67 40.57 -9.16
CA GLU B 396 6.54 41.54 -8.07
C GLU B 396 5.44 41.13 -7.10
N ARG B 397 4.27 40.77 -7.64
CA ARG B 397 3.23 40.25 -6.76
C ARG B 397 3.67 38.96 -6.10
N CYS B 398 4.48 38.17 -6.81
CA CYS B 398 5.13 37.03 -6.18
C CYS B 398 5.97 37.45 -4.99
N VAL B 399 6.76 38.51 -5.16
CA VAL B 399 7.60 39.04 -4.10
C VAL B 399 6.72 39.31 -2.89
N SER B 400 5.72 40.16 -3.08
CA SER B 400 4.86 40.58 -1.98
C SER B 400 4.17 39.38 -1.34
N THR B 401 3.57 38.52 -2.15
CA THR B 401 2.79 37.41 -1.65
C THR B 401 3.66 36.41 -0.91
N LEU B 402 4.68 35.87 -1.59
CA LEU B 402 5.57 34.91 -0.93
C LEU B 402 6.24 35.54 0.29
N LEU B 403 6.40 36.86 0.31
CA LEU B 403 6.94 37.49 1.50
C LEU B 403 5.95 37.40 2.66
N ASP B 404 4.71 37.82 2.42
CA ASP B 404 3.70 37.72 3.47
C ASP B 404 3.46 36.27 3.86
N LEU B 405 3.77 35.35 2.94
CA LEU B 405 3.67 33.93 3.23
C LEU B 405 4.78 33.48 4.15
N ILE B 406 6.00 34.00 3.91
CA ILE B 406 7.04 33.90 4.92
C ILE B 406 6.52 34.37 6.26
N GLN B 407 5.89 35.52 6.25
CA GLN B 407 5.33 36.10 7.46
C GLN B 407 4.18 35.31 8.02
N THR B 408 3.60 34.37 7.27
CA THR B 408 2.70 33.41 7.88
C THR B 408 3.44 32.58 8.91
N LYS B 409 4.76 32.46 8.75
CA LYS B 409 5.63 31.80 9.71
C LYS B 409 5.26 30.33 9.87
N VAL B 410 4.98 29.68 8.75
CA VAL B 410 4.87 28.22 8.69
C VAL B 410 6.03 27.72 7.84
N ASN B 411 6.98 27.06 8.48
CA ASN B 411 8.28 26.79 7.87
C ASN B 411 8.13 26.06 6.54
N TYR B 412 7.41 24.94 6.55
CA TYR B 412 7.29 24.07 5.38
C TYR B 412 6.99 24.85 4.10
N VAL B 413 5.99 25.74 4.13
CA VAL B 413 5.81 26.64 3.00
C VAL B 413 7.12 27.36 2.69
N VAL B 414 7.59 28.15 3.65
CA VAL B 414 8.81 28.92 3.53
C VAL B 414 9.97 27.98 3.20
N GLN B 415 9.89 26.74 3.67
CA GLN B 415 10.96 25.79 3.42
C GLN B 415 11.21 25.62 1.92
N GLU B 416 10.23 25.08 1.20
CA GLU B 416 10.39 24.95 -0.24
C GLU B 416 10.47 26.30 -0.93
N ALA B 417 9.85 27.32 -0.34
CA ALA B 417 9.91 28.67 -0.91
C ALA B 417 11.34 29.16 -0.96
N ILE B 418 12.17 28.70 -0.03
CA ILE B 418 13.59 29.08 -0.03
C ILE B 418 14.24 28.63 -1.33
N VAL B 419 14.00 27.37 -1.72
CA VAL B 419 14.56 26.85 -2.97
C VAL B 419 13.94 27.58 -4.15
N VAL B 420 12.63 27.80 -4.08
CA VAL B 420 11.93 28.52 -5.13
C VAL B 420 12.62 29.85 -5.40
N ILE B 421 12.85 30.61 -4.34
CA ILE B 421 13.47 31.91 -4.47
C ILE B 421 14.94 31.78 -4.87
N ARG B 422 15.59 30.71 -4.41
CA ARG B 422 16.96 30.44 -4.85
C ARG B 422 17.00 30.38 -6.37
N ASP B 423 16.07 29.63 -6.95
CA ASP B 423 16.07 29.44 -8.39
C ASP B 423 15.66 30.71 -9.11
N ILE B 424 14.67 31.41 -8.55
CA ILE B 424 14.27 32.70 -9.10
C ILE B 424 15.46 33.65 -9.18
N PHE B 425 16.21 33.73 -8.09
CA PHE B 425 17.30 34.67 -7.99
C PHE B 425 18.45 34.19 -8.85
N ARG B 426 18.56 32.87 -9.01
CA ARG B 426 19.44 32.34 -10.05
C ARG B 426 19.09 32.90 -11.40
N LYS B 427 17.80 32.92 -11.75
CA LYS B 427 17.35 33.60 -12.94
C LYS B 427 17.44 35.12 -12.78
N TYR B 428 17.26 35.62 -11.56
CA TYR B 428 17.14 37.04 -11.34
C TYR B 428 17.98 37.50 -10.15
N PRO B 429 19.29 37.63 -10.31
CA PRO B 429 20.17 37.89 -9.16
C PRO B 429 20.38 39.37 -8.91
N ASN B 430 20.84 39.66 -7.69
CA ASN B 430 21.14 41.01 -7.22
C ASN B 430 19.99 41.96 -7.47
N LYS B 431 18.78 41.55 -7.11
CA LYS B 431 17.62 42.39 -7.33
C LYS B 431 16.90 42.71 -6.03
N TYR B 432 16.65 41.68 -5.22
CA TYR B 432 15.87 41.82 -3.99
C TYR B 432 16.60 41.18 -2.82
N GLU B 433 17.91 41.39 -2.78
CA GLU B 433 18.78 40.96 -1.70
C GLU B 433 18.28 41.43 -0.33
N SER B 434 17.43 42.46 -0.33
CA SER B 434 16.85 42.97 0.90
C SER B 434 16.25 41.86 1.75
N ILE B 435 15.69 40.82 1.12
CA ILE B 435 15.09 39.72 1.88
C ILE B 435 16.12 38.82 2.50
N ILE B 436 17.35 38.80 1.97
CA ILE B 436 18.40 37.97 2.54
C ILE B 436 18.60 38.29 4.02
N ALA B 437 18.46 39.57 4.37
CA ALA B 437 18.52 39.95 5.78
C ALA B 437 17.51 39.16 6.60
N THR B 438 16.24 39.20 6.19
CA THR B 438 15.20 38.41 6.84
C THR B 438 15.58 36.94 6.91
N LEU B 439 16.15 36.44 5.81
CA LEU B 439 16.58 35.05 5.77
C LEU B 439 17.57 34.75 6.87
N CYS B 440 18.45 35.72 7.16
CA CYS B 440 19.47 35.49 8.19
C CYS B 440 18.86 34.99 9.49
N GLU B 441 17.77 35.60 9.95
CA GLU B 441 17.07 35.05 11.11
C GLU B 441 16.61 33.63 10.83
N ASN B 442 16.19 33.37 9.60
CA ASN B 442 15.62 32.09 9.26
C ASN B 442 16.72 31.10 8.91
N LEU B 443 17.48 30.70 9.92
CA LEU B 443 18.44 29.61 9.79
C LEU B 443 18.23 28.65 10.94
N ASP B 444 17.50 29.13 11.95
CA ASP B 444 17.16 28.37 13.15
C ASP B 444 16.03 27.39 12.90
N SER B 445 15.68 27.15 11.64
CA SER B 445 14.60 26.24 11.30
C SER B 445 14.99 25.38 10.12
N LEU B 446 16.25 25.45 9.71
CA LEU B 446 16.75 24.69 8.57
C LEU B 446 16.49 23.21 8.74
N ASP B 447 15.63 22.65 7.89
CA ASP B 447 15.24 21.24 8.01
C ASP B 447 15.10 20.60 6.64
N GLU B 448 15.33 21.36 5.58
CA GLU B 448 15.19 20.84 4.24
C GLU B 448 16.52 20.99 3.51
N PRO B 449 17.20 19.90 3.16
CA PRO B 449 18.49 19.98 2.48
C PRO B 449 18.41 20.85 1.25
N ASP B 450 17.23 20.86 0.64
CA ASP B 450 16.96 21.79 -0.45
C ASP B 450 17.04 23.24 0.02
N ALA B 451 16.29 23.58 1.06
CA ALA B 451 16.26 24.96 1.54
C ALA B 451 17.60 25.35 2.18
N ARG B 452 18.18 24.42 2.93
CA ARG B 452 19.50 24.66 3.51
C ARG B 452 20.53 24.91 2.42
N ALA B 453 20.47 24.09 1.37
CA ALA B 453 21.38 24.27 0.24
C ALA B 453 21.11 25.59 -0.46
N ALA B 454 19.84 26.02 -0.48
CA ALA B 454 19.52 27.33 -1.04
C ALA B 454 20.17 28.44 -0.23
N MET B 455 20.11 28.34 1.09
CA MET B 455 20.75 29.34 1.93
C MET B 455 22.25 29.33 1.74
N ILE B 456 22.85 28.15 1.66
CA ILE B 456 24.30 28.08 1.45
C ILE B 456 24.66 28.59 0.07
N TRP B 457 23.75 28.39 -0.89
CA TRP B 457 23.95 28.95 -2.22
C TRP B 457 23.97 30.47 -2.15
N ILE B 458 23.00 31.06 -1.44
CA ILE B 458 23.01 32.50 -1.17
C ILE B 458 24.35 32.91 -0.58
N VAL B 459 24.84 32.13 0.38
CA VAL B 459 26.13 32.40 1.00
C VAL B 459 27.22 32.49 -0.04
N GLY B 460 27.37 31.44 -0.84
CA GLY B 460 28.36 31.42 -1.90
C GLY B 460 28.20 32.56 -2.87
N GLU B 461 26.95 32.94 -3.13
CA GLU B 461 26.65 34.04 -4.02
C GLU B 461 27.25 35.32 -3.49
N TYR B 462 26.86 35.70 -2.28
CA TYR B 462 27.04 37.07 -1.82
C TYR B 462 27.90 37.15 -0.56
N ALA B 463 28.71 36.13 -0.33
CA ALA B 463 29.67 36.18 0.78
C ALA B 463 30.60 37.38 0.69
N GLU B 464 30.62 38.09 -0.44
CA GLU B 464 31.35 39.35 -0.52
C GLU B 464 30.50 40.48 0.05
N ARG B 465 29.21 40.47 -0.27
CA ARG B 465 28.29 41.42 0.36
C ARG B 465 27.97 40.95 1.77
N ILE B 466 27.76 39.65 1.95
CA ILE B 466 27.55 39.10 3.27
C ILE B 466 28.86 39.14 4.05
N ASP B 467 28.89 39.99 5.08
CA ASP B 467 30.08 40.18 5.88
C ASP B 467 29.91 39.46 7.20
N ASN B 468 28.67 39.50 7.70
CA ASN B 468 28.30 38.68 8.85
C ASN B 468 28.40 37.20 8.53
N ALA B 469 28.73 36.86 7.28
CA ALA B 469 28.94 35.46 6.88
C ALA B 469 29.87 34.73 7.84
N ASP B 470 30.83 35.45 8.43
CA ASP B 470 31.86 34.82 9.22
C ASP B 470 31.27 34.01 10.38
N GLU B 471 30.61 34.70 11.31
CA GLU B 471 30.14 34.05 12.52
C GLU B 471 29.11 32.97 12.20
N LEU B 472 28.16 33.28 11.31
CA LEU B 472 27.16 32.30 10.95
C LEU B 472 27.79 31.07 10.32
N LEU B 473 28.86 31.25 9.57
CA LEU B 473 29.51 30.12 8.93
C LEU B 473 30.27 29.27 9.94
N GLU B 474 31.01 29.91 10.84
CA GLU B 474 31.68 29.11 11.86
C GLU B 474 30.68 28.40 12.74
N SER B 475 29.51 28.99 12.95
CA SER B 475 28.42 28.23 13.53
C SER B 475 28.13 27.01 12.68
N PHE B 476 27.65 27.23 11.45
CA PHE B 476 27.24 26.16 10.54
C PHE B 476 28.26 25.04 10.48
N LEU B 477 29.51 25.34 10.80
CA LEU B 477 30.50 24.30 11.02
C LEU B 477 30.06 23.28 12.07
N GLU B 478 28.96 23.51 12.81
CA GLU B 478 28.44 22.43 13.63
C GLU B 478 28.06 21.24 12.76
N GLY B 479 27.61 21.51 11.55
CA GLY B 479 27.22 20.45 10.65
C GLY B 479 28.33 20.09 9.69
N PHE B 480 29.03 19.01 10.01
CA PHE B 480 30.01 18.46 9.10
C PHE B 480 29.66 17.02 8.79
N HIS B 481 29.20 16.30 9.79
CA HIS B 481 28.72 14.95 9.62
C HIS B 481 27.20 14.95 9.61
N ASP B 482 26.61 13.76 9.52
CA ASP B 482 25.17 13.51 9.61
C ASP B 482 24.37 14.51 8.77
N GLU B 483 24.88 14.77 7.57
CA GLU B 483 24.14 15.59 6.62
C GLU B 483 24.53 15.14 5.22
N SER B 484 23.53 15.11 4.34
CA SER B 484 23.70 14.48 3.04
C SER B 484 24.70 15.26 2.17
N THR B 485 25.61 14.50 1.57
CA THR B 485 26.82 14.99 0.92
C THR B 485 26.64 16.28 0.13
N GLN B 486 25.52 16.41 -0.59
CA GLN B 486 25.28 17.62 -1.36
C GLN B 486 25.34 18.85 -0.48
N VAL B 487 24.92 18.72 0.78
CA VAL B 487 24.96 19.83 1.71
C VAL B 487 26.42 20.19 1.95
N GLN B 488 27.24 19.17 2.19
CA GLN B 488 28.67 19.36 2.34
C GLN B 488 29.20 20.12 1.14
N LEU B 489 29.07 19.53 -0.04
CA LEU B 489 29.55 20.11 -1.29
C LEU B 489 29.11 21.55 -1.48
N THR B 490 27.86 21.84 -1.12
CA THR B 490 27.36 23.19 -1.21
C THR B 490 28.13 24.11 -0.29
N LEU B 491 28.31 23.70 0.96
CA LEU B 491 29.14 24.45 1.88
C LEU B 491 30.55 24.65 1.32
N LEU B 492 31.11 23.60 0.74
CA LEU B 492 32.48 23.64 0.26
C LEU B 492 32.63 24.64 -0.86
N THR B 493 31.73 24.58 -1.85
CA THR B 493 31.82 25.49 -2.98
C THR B 493 31.49 26.91 -2.54
N ALA B 494 30.60 27.08 -1.56
CA ALA B 494 30.31 28.40 -1.04
C ALA B 494 31.55 28.98 -0.38
N ILE B 495 32.26 28.15 0.39
CA ILE B 495 33.48 28.59 1.05
C ILE B 495 34.56 28.88 0.01
N VAL B 496 34.58 28.10 -1.07
CA VAL B 496 35.52 28.36 -2.15
C VAL B 496 35.26 29.72 -2.77
N LYS B 497 34.01 29.98 -3.13
CA LYS B 497 33.59 31.28 -3.63
C LYS B 497 34.02 32.38 -2.67
N LEU B 498 33.76 32.16 -1.39
CA LEU B 498 34.10 33.14 -0.36
C LEU B 498 35.59 33.44 -0.34
N PHE B 499 36.40 32.41 -0.20
CA PHE B 499 37.85 32.58 -0.17
C PHE B 499 38.33 33.27 -1.44
N LEU B 500 37.67 33.01 -2.56
CA LEU B 500 38.00 33.71 -3.79
C LEU B 500 37.68 35.20 -3.65
N LYS B 501 36.48 35.50 -3.15
CA LYS B 501 36.06 36.89 -3.03
C LYS B 501 36.58 37.52 -1.75
N LYS B 502 36.81 36.70 -0.73
CA LYS B 502 37.33 37.20 0.53
C LYS B 502 38.41 36.24 1.02
N PRO B 503 39.60 36.28 0.43
CA PRO B 503 40.68 35.41 0.91
C PRO B 503 41.17 35.81 2.28
N SER B 504 40.87 37.03 2.71
CA SER B 504 41.43 37.61 3.92
C SER B 504 41.20 36.77 5.17
N GLU B 505 40.07 36.06 5.24
CA GLU B 505 39.81 35.30 6.46
C GLU B 505 39.17 33.94 6.22
N THR B 506 39.34 33.34 5.04
CA THR B 506 38.78 32.02 4.80
C THR B 506 39.84 30.93 4.90
N GLN B 507 41.11 31.31 5.09
CA GLN B 507 42.23 30.38 5.13
C GLN B 507 42.04 29.31 6.20
N GLU B 508 41.90 29.74 7.45
CA GLU B 508 41.63 28.79 8.52
C GLU B 508 40.41 27.94 8.20
N LEU B 509 39.36 28.54 7.66
CA LEU B 509 38.15 27.81 7.32
C LEU B 509 38.43 26.76 6.25
N VAL B 510 38.99 27.19 5.12
CA VAL B 510 39.22 26.25 4.03
C VAL B 510 40.15 25.13 4.49
N GLN B 511 41.16 25.45 5.30
CA GLN B 511 42.12 24.43 5.68
C GLN B 511 41.48 23.40 6.60
N GLN B 512 40.77 23.86 7.63
CA GLN B 512 40.14 22.89 8.52
C GLN B 512 39.10 22.06 7.78
N VAL B 513 38.31 22.70 6.93
CA VAL B 513 37.22 21.99 6.27
C VAL B 513 37.77 21.02 5.24
N LEU B 514 38.90 21.37 4.61
CA LEU B 514 39.51 20.47 3.66
C LEU B 514 40.08 19.26 4.38
N SER B 515 40.86 19.49 5.44
CA SER B 515 41.37 18.38 6.25
C SER B 515 40.25 17.45 6.64
N LEU B 516 39.19 18.01 7.22
CA LEU B 516 38.06 17.18 7.68
C LEU B 516 37.44 16.42 6.51
N ALA B 517 36.92 17.14 5.52
CA ALA B 517 36.14 16.52 4.47
C ALA B 517 36.96 15.57 3.62
N THR B 518 38.29 15.67 3.68
CA THR B 518 39.13 14.76 2.91
C THR B 518 39.58 13.56 3.72
N GLN B 519 39.73 13.70 5.03
CA GLN B 519 40.11 12.59 5.88
C GLN B 519 38.91 11.89 6.49
N ASP B 520 37.86 12.64 6.81
CA ASP B 520 36.58 12.05 7.17
C ASP B 520 35.77 11.66 5.95
N SER B 521 36.38 11.71 4.77
CA SER B 521 35.65 11.41 3.54
C SER B 521 35.30 9.94 3.47
N ASP B 522 34.21 9.67 2.77
CA ASP B 522 33.96 8.35 2.18
C ASP B 522 33.74 8.42 0.68
N ASN B 523 33.16 9.51 0.17
CA ASN B 523 32.99 9.66 -1.27
C ASN B 523 34.29 10.08 -1.91
N PRO B 524 34.86 9.26 -2.81
CA PRO B 524 36.07 9.69 -3.50
C PRO B 524 35.89 10.97 -4.29
N ASP B 525 34.70 11.21 -4.82
CA ASP B 525 34.48 12.48 -5.51
C ASP B 525 34.61 13.65 -4.55
N LEU B 526 34.05 13.53 -3.34
CA LEU B 526 34.23 14.57 -2.34
C LEU B 526 35.71 14.73 -1.96
N ARG B 527 36.38 13.63 -1.65
CA ARG B 527 37.76 13.73 -1.20
C ARG B 527 38.66 14.32 -2.28
N ASP B 528 38.54 13.81 -3.49
CA ASP B 528 39.35 14.33 -4.58
C ASP B 528 38.86 15.70 -5.01
N ARG B 529 37.64 16.07 -4.65
CA ARG B 529 37.20 17.44 -4.88
C ARG B 529 37.90 18.39 -3.93
N GLY B 530 38.09 17.96 -2.69
CA GLY B 530 38.95 18.71 -1.78
C GLY B 530 40.36 18.75 -2.33
N TYR B 531 40.79 17.64 -2.91
CA TYR B 531 42.07 17.58 -3.59
C TYR B 531 42.19 18.70 -4.60
N ILE B 532 41.22 18.77 -5.51
CA ILE B 532 41.20 19.77 -6.57
C ILE B 532 41.12 21.16 -5.98
N TYR B 533 40.26 21.34 -4.97
CA TYR B 533 40.12 22.61 -4.29
C TYR B 533 41.45 23.14 -3.80
N TRP B 534 42.24 22.32 -3.10
CA TRP B 534 43.54 22.84 -2.67
C TRP B 534 44.53 22.96 -3.84
N ARG B 535 44.59 21.98 -4.73
CA ARG B 535 45.58 22.03 -5.80
C ARG B 535 45.13 22.94 -6.93
N LEU B 536 44.11 23.74 -6.62
CA LEU B 536 43.79 24.90 -7.42
C LEU B 536 44.02 26.16 -6.60
N LEU B 537 43.61 26.13 -5.33
CA LEU B 537 43.76 27.28 -4.47
C LEU B 537 45.17 27.38 -3.88
N SER B 538 45.80 26.27 -3.55
CA SER B 538 47.23 26.32 -3.31
C SER B 538 47.97 26.63 -4.60
N THR B 539 47.43 26.16 -5.72
CA THR B 539 48.07 26.38 -7.00
C THR B 539 47.91 27.81 -7.48
N ASP B 540 46.68 28.23 -7.75
CA ASP B 540 46.41 29.50 -8.42
C ASP B 540 44.96 29.93 -8.21
N PRO B 541 44.65 30.50 -7.06
CA PRO B 541 43.35 31.17 -6.92
C PRO B 541 43.27 32.31 -7.92
N VAL B 542 44.43 32.93 -8.14
CA VAL B 542 44.63 33.97 -9.14
C VAL B 542 44.10 33.48 -10.49
N THR B 543 44.14 32.17 -10.70
CA THR B 543 43.54 31.55 -11.86
C THR B 543 42.16 30.98 -11.57
N ALA B 544 41.91 30.55 -10.34
CA ALA B 544 40.63 29.97 -9.98
C ALA B 544 39.49 30.94 -10.23
N LYS B 545 39.67 32.20 -9.82
CA LYS B 545 38.60 33.18 -9.90
C LYS B 545 38.07 33.32 -11.32
N GLU B 546 38.97 33.28 -12.32
CA GLU B 546 38.54 33.47 -13.70
C GLU B 546 37.50 32.44 -14.11
N VAL B 547 37.70 31.19 -13.70
CA VAL B 547 36.71 30.17 -13.99
C VAL B 547 35.52 30.39 -13.08
N VAL B 548 35.76 30.35 -11.77
CA VAL B 548 34.69 30.33 -10.78
C VAL B 548 34.00 31.68 -10.68
N LEU B 549 34.75 32.72 -10.30
CA LEU B 549 34.13 33.99 -9.99
C LEU B 549 33.48 34.66 -11.20
N SER B 550 33.75 34.18 -12.40
CA SER B 550 33.03 34.64 -13.59
C SER B 550 31.64 34.05 -13.57
N GLU B 551 30.69 34.72 -14.23
CA GLU B 551 29.31 34.28 -14.17
C GLU B 551 29.14 32.92 -14.83
N LYS B 552 28.12 32.19 -14.37
CA LYS B 552 27.73 30.91 -14.95
C LYS B 552 26.35 31.09 -15.53
N PRO B 553 26.21 31.07 -16.86
CA PRO B 553 24.92 31.39 -17.49
C PRO B 553 23.76 30.56 -16.99
N LEU B 554 22.55 31.04 -17.24
CA LEU B 554 21.36 30.46 -16.65
C LEU B 554 20.94 29.20 -17.41
N ILE B 555 19.74 28.73 -17.10
CA ILE B 555 19.21 27.49 -17.68
C ILE B 555 17.99 27.81 -18.54
N SER B 556 17.50 29.04 -18.44
CA SER B 556 16.42 29.55 -19.29
C SER B 556 15.11 28.77 -19.18
N GLU B 557 14.46 28.85 -18.02
CA GLU B 557 13.07 28.43 -17.87
C GLU B 557 12.86 26.95 -18.16
N GLU B 558 13.41 26.08 -17.33
CA GLU B 558 13.10 24.66 -17.42
C GLU B 558 11.70 24.41 -16.89
N THR B 559 11.48 24.75 -15.62
CA THR B 559 10.19 24.57 -14.96
C THR B 559 9.62 23.18 -15.21
N ASP B 560 10.33 22.16 -14.72
CA ASP B 560 9.88 20.77 -14.80
C ASP B 560 9.74 20.31 -16.24
N LEU B 561 10.88 20.32 -16.94
CA LEU B 561 10.93 19.80 -18.30
C LEU B 561 10.80 18.28 -18.32
N ILE B 562 10.83 17.70 -19.51
CA ILE B 562 10.72 16.25 -19.68
C ILE B 562 11.91 15.75 -20.47
N GLU B 563 12.34 14.53 -20.14
CA GLU B 563 13.33 13.87 -20.99
C GLU B 563 12.63 13.52 -22.30
N PRO B 564 13.10 14.05 -23.41
CA PRO B 564 12.41 13.82 -24.69
C PRO B 564 12.36 12.34 -25.03
N THR B 565 13.52 11.70 -25.14
CA THR B 565 13.57 10.31 -25.55
C THR B 565 12.67 9.44 -24.69
N LEU B 566 12.77 9.61 -23.37
CA LEU B 566 11.84 8.97 -22.44
C LEU B 566 10.41 9.25 -22.85
N LEU B 567 10.08 10.54 -22.97
CA LEU B 567 8.79 10.93 -23.53
C LEU B 567 8.59 10.28 -24.90
N ASP B 568 9.58 10.43 -25.78
CA ASP B 568 9.48 9.87 -27.13
C ASP B 568 9.21 8.38 -27.10
N GLU B 569 9.80 7.68 -26.14
CA GLU B 569 9.55 6.25 -26.03
C GLU B 569 8.26 5.93 -25.30
N LEU B 570 7.87 6.76 -24.32
CA LEU B 570 6.59 6.55 -23.68
C LEU B 570 5.42 6.82 -24.62
N ILE B 571 5.70 7.39 -25.79
CA ILE B 571 4.69 7.51 -26.83
C ILE B 571 4.26 6.10 -27.21
N CYS B 572 5.23 5.18 -27.22
CA CYS B 572 4.90 3.77 -27.40
C CYS B 572 4.09 3.21 -26.25
N HIS B 573 3.77 4.03 -25.25
CA HIS B 573 3.02 3.59 -24.08
C HIS B 573 1.83 4.47 -23.77
N ILE B 574 1.62 5.55 -24.53
CA ILE B 574 0.52 6.47 -24.21
C ILE B 574 -0.79 5.73 -24.49
N GLY B 575 -1.44 5.33 -23.40
CA GLY B 575 -2.53 4.39 -23.46
C GLY B 575 -2.26 3.24 -22.51
N SER B 576 -0.98 2.93 -22.32
CA SER B 576 -0.55 1.84 -21.46
C SER B 576 -0.08 2.41 -20.12
N LEU B 577 0.06 1.52 -19.14
CA LEU B 577 0.42 1.90 -17.78
C LEU B 577 1.68 2.76 -17.71
N ALA B 578 2.68 2.43 -18.54
CA ALA B 578 3.98 3.08 -18.44
C ALA B 578 3.89 4.58 -18.59
N SER B 579 3.30 5.03 -19.71
CA SER B 579 3.20 6.45 -19.99
C SER B 579 2.35 7.16 -18.95
N VAL B 580 1.11 6.70 -18.79
CA VAL B 580 0.18 7.32 -17.84
C VAL B 580 0.83 7.43 -16.47
N TYR B 581 1.65 6.45 -16.11
CA TYR B 581 2.30 6.44 -14.82
C TYR B 581 3.52 7.34 -14.80
N HIS B 582 3.96 7.80 -15.97
CA HIS B 582 5.10 8.69 -16.13
C HIS B 582 6.37 8.11 -15.54
N LYS B 583 6.46 6.78 -15.52
CA LYS B 583 7.67 6.10 -15.10
C LYS B 583 7.99 5.02 -16.14
N PRO B 584 9.26 4.80 -16.43
CA PRO B 584 9.64 3.99 -17.59
C PRO B 584 9.06 2.59 -17.50
N PRO B 585 8.59 2.05 -18.62
CA PRO B 585 8.15 0.65 -18.62
C PRO B 585 9.21 -0.30 -18.13
N ASN B 586 10.48 -0.01 -18.43
CA ASN B 586 11.57 -0.80 -17.87
C ASN B 586 11.63 -0.67 -16.36
N ALA B 587 11.31 0.51 -15.83
CA ALA B 587 11.42 0.76 -14.40
C ALA B 587 10.51 -0.15 -13.60
N PHE B 588 9.56 -0.80 -14.26
CA PHE B 588 8.71 -1.77 -13.57
C PHE B 588 8.68 -3.05 -14.37
N VAL B 589 8.90 -4.16 -13.68
CA VAL B 589 8.86 -5.48 -14.29
C VAL B 589 8.23 -6.47 -13.32
N MET C 1 -4.08 -12.43 -20.30
CA MET C 1 -3.50 -11.09 -20.35
C MET C 1 -3.37 -10.52 -18.95
N ILE C 2 -4.25 -10.96 -18.05
CA ILE C 2 -4.32 -10.49 -16.68
C ILE C 2 -4.59 -11.70 -15.81
N GLY C 3 -4.35 -11.56 -14.50
CA GLY C 3 -4.53 -12.67 -13.60
C GLY C 3 -5.72 -12.57 -12.66
N GLY C 4 -5.45 -12.34 -11.39
CA GLY C 4 -6.50 -12.34 -10.40
C GLY C 4 -7.39 -11.12 -10.51
N LEU C 5 -8.69 -11.34 -10.36
CA LEU C 5 -9.67 -10.27 -10.30
C LEU C 5 -10.59 -10.57 -9.14
N PHE C 6 -10.37 -9.92 -8.00
CA PHE C 6 -10.99 -10.37 -6.77
C PHE C 6 -11.89 -9.25 -6.24
N ILE C 7 -13.13 -9.61 -5.94
CA ILE C 7 -14.10 -8.68 -5.39
C ILE C 7 -14.00 -8.77 -3.87
N TYR C 8 -14.09 -7.62 -3.22
CA TYR C 8 -13.87 -7.55 -1.78
C TYR C 8 -14.98 -6.79 -1.09
N ASN C 9 -15.22 -7.19 0.15
CA ASN C 9 -16.15 -6.51 1.03
C ASN C 9 -15.40 -5.46 1.83
N HIS C 10 -16.03 -4.94 2.88
CA HIS C 10 -15.33 -4.03 3.77
C HIS C 10 -14.39 -4.78 4.71
N LYS C 11 -14.86 -5.89 5.29
CA LYS C 11 -14.02 -6.66 6.17
C LYS C 11 -12.80 -7.25 5.47
N GLY C 12 -12.72 -7.11 4.15
CA GLY C 12 -11.49 -7.36 3.43
C GLY C 12 -11.34 -8.74 2.82
N GLU C 13 -12.13 -9.72 3.24
CA GLU C 13 -12.04 -11.02 2.61
C GLU C 13 -12.63 -10.97 1.21
N VAL C 14 -12.19 -11.90 0.36
CA VAL C 14 -12.67 -11.92 -1.01
C VAL C 14 -14.19 -12.09 -1.01
N LEU C 15 -14.81 -11.51 -2.03
CA LEU C 15 -16.18 -11.85 -2.36
C LEU C 15 -16.13 -12.73 -3.60
N ILE C 16 -15.01 -12.64 -4.32
CA ILE C 16 -14.66 -13.61 -5.33
C ILE C 16 -13.14 -13.69 -5.39
N SER C 17 -12.64 -14.83 -5.84
CA SER C 17 -11.23 -15.00 -6.11
C SER C 17 -11.11 -15.54 -7.53
N ARG C 18 -11.06 -14.62 -8.48
CA ARG C 18 -11.20 -14.97 -9.89
C ARG C 18 -9.88 -14.71 -10.58
N VAL C 19 -9.05 -15.74 -10.67
CA VAL C 19 -7.67 -15.66 -11.13
C VAL C 19 -7.66 -15.94 -12.63
N TYR C 20 -6.69 -15.35 -13.33
CA TYR C 20 -6.48 -15.65 -14.73
C TYR C 20 -5.01 -15.68 -15.10
N ARG C 21 -4.13 -15.97 -14.15
CA ARG C 21 -2.71 -16.09 -14.46
C ARG C 21 -2.03 -16.94 -13.41
N ASP C 22 -0.99 -17.64 -13.85
CA ASP C 22 -0.18 -18.48 -12.98
C ASP C 22 0.57 -17.66 -11.93
N ASP C 23 1.19 -16.57 -12.38
CA ASP C 23 2.01 -15.71 -11.54
C ASP C 23 1.34 -15.35 -10.23
N ILE C 24 0.00 -15.26 -10.26
CA ILE C 24 -0.80 -14.87 -9.10
C ILE C 24 -0.45 -15.75 -7.90
N GLY C 25 -0.10 -15.12 -6.78
CA GLY C 25 0.21 -15.88 -5.59
C GLY C 25 -0.71 -15.51 -4.43
N ARG C 26 -0.97 -16.49 -3.58
CA ARG C 26 -1.76 -16.24 -2.38
C ARG C 26 -1.05 -15.24 -1.47
N ASN C 27 0.24 -15.47 -1.26
CA ASN C 27 1.15 -14.53 -0.62
C ASN C 27 0.99 -13.12 -1.20
N ALA C 28 0.75 -13.04 -2.50
CA ALA C 28 0.48 -11.74 -3.09
C ALA C 28 -0.87 -11.21 -2.64
N VAL C 29 -1.91 -12.02 -2.78
CA VAL C 29 -3.29 -11.55 -2.54
C VAL C 29 -3.48 -11.07 -1.12
N ASP C 30 -3.02 -11.84 -0.15
CA ASP C 30 -3.27 -11.48 1.24
C ASP C 30 -2.49 -10.22 1.58
N ALA C 31 -1.30 -10.09 0.99
CA ALA C 31 -0.53 -8.86 1.11
C ALA C 31 -1.33 -7.68 0.59
N PHE C 32 -1.89 -7.84 -0.61
CA PHE C 32 -2.72 -6.78 -1.18
C PHE C 32 -3.82 -6.39 -0.22
N ARG C 33 -4.51 -7.39 0.33
CA ARG C 33 -5.57 -7.12 1.28
C ARG C 33 -5.05 -6.32 2.47
N VAL C 34 -4.05 -6.86 3.17
CA VAL C 34 -3.63 -6.28 4.43
C VAL C 34 -2.99 -4.92 4.21
N ASN C 35 -2.58 -4.61 2.99
CA ASN C 35 -1.87 -3.36 2.76
C ASN C 35 -2.72 -2.28 2.11
N VAL C 36 -3.64 -2.64 1.23
CA VAL C 36 -4.50 -1.65 0.58
C VAL C 36 -5.82 -1.65 1.32
N ILE C 37 -6.44 -2.83 1.40
CA ILE C 37 -7.64 -3.00 2.20
C ILE C 37 -7.43 -2.44 3.60
N HIS C 38 -6.22 -2.61 4.13
CA HIS C 38 -5.87 -2.08 5.44
C HIS C 38 -4.64 -1.20 5.32
N ALA C 39 -4.81 0.06 5.72
CA ALA C 39 -3.70 1.01 5.69
C ALA C 39 -4.00 2.15 6.64
N ARG C 40 -3.02 2.50 7.49
CA ARG C 40 -3.21 3.60 8.42
C ARG C 40 -3.60 4.87 7.70
N GLN C 41 -2.86 5.23 6.66
CA GLN C 41 -3.23 6.38 5.85
C GLN C 41 -4.48 6.04 5.03
N GLN C 42 -5.10 7.08 4.48
CA GLN C 42 -6.37 6.88 3.79
C GLN C 42 -6.47 7.64 2.47
N VAL C 43 -5.36 8.09 1.90
CA VAL C 43 -5.34 8.71 0.59
C VAL C 43 -4.70 7.72 -0.36
N ARG C 44 -5.47 7.23 -1.34
CA ARG C 44 -5.00 6.18 -2.23
C ARG C 44 -5.49 6.49 -3.65
N SER C 45 -5.34 5.50 -4.52
CA SER C 45 -5.76 5.61 -5.92
C SER C 45 -6.36 4.29 -6.34
N PRO C 46 -7.38 4.32 -7.20
CA PRO C 46 -7.96 3.06 -7.70
C PRO C 46 -6.94 2.17 -8.37
N VAL C 47 -5.89 2.73 -8.95
CA VAL C 47 -4.75 1.97 -9.41
C VAL C 47 -3.71 2.02 -8.31
N THR C 48 -2.94 0.94 -8.20
CA THR C 48 -1.90 0.86 -7.19
C THR C 48 -0.74 0.05 -7.74
N ASN C 49 0.47 0.50 -7.46
CA ASN C 49 1.64 -0.30 -7.74
C ASN C 49 2.32 -0.67 -6.44
N ILE C 50 2.61 -1.96 -6.27
CA ILE C 50 3.34 -2.46 -5.12
C ILE C 50 4.42 -3.39 -5.66
N ALA C 51 5.67 -2.95 -5.56
CA ALA C 51 6.81 -3.70 -6.07
C ALA C 51 6.64 -4.01 -7.55
N ARG C 52 6.52 -2.95 -8.35
CA ARG C 52 6.44 -3.06 -9.80
C ARG C 52 5.25 -3.91 -10.23
N THR C 53 4.19 -3.92 -9.43
CA THR C 53 3.01 -4.69 -9.72
C THR C 53 1.80 -3.77 -9.69
N SER C 54 1.03 -3.77 -10.77
CA SER C 54 -0.14 -2.89 -10.88
C SER C 54 -1.30 -3.48 -10.10
N PHE C 55 -2.15 -2.60 -9.60
CA PHE C 55 -3.31 -3.01 -8.82
C PHE C 55 -4.44 -2.03 -9.07
N PHE C 56 -5.31 -2.35 -10.02
CA PHE C 56 -6.53 -1.59 -10.24
C PHE C 56 -7.60 -2.08 -9.28
N HIS C 57 -7.53 -1.63 -8.04
CA HIS C 57 -8.52 -2.12 -7.09
C HIS C 57 -9.46 -0.98 -6.76
N VAL C 58 -10.75 -1.24 -6.96
CA VAL C 58 -11.75 -0.19 -6.87
C VAL C 58 -12.88 -0.65 -5.94
N LYS C 59 -13.40 0.30 -5.18
CA LYS C 59 -14.67 0.16 -4.51
C LYS C 59 -15.72 0.88 -5.34
N ARG C 60 -16.33 0.15 -6.28
CA ARG C 60 -17.37 0.72 -7.12
C ARG C 60 -18.61 0.93 -6.28
N SER C 61 -18.52 0.54 -5.01
CA SER C 61 -19.60 0.67 -4.04
C SER C 61 -19.01 0.38 -2.67
N ASN C 62 -19.88 0.25 -1.67
CA ASN C 62 -19.49 -0.42 -0.44
C ASN C 62 -18.75 -1.72 -0.74
N ILE C 63 -19.15 -2.41 -1.80
CA ILE C 63 -18.42 -3.57 -2.27
C ILE C 63 -17.24 -3.11 -3.09
N TRP C 64 -16.14 -3.83 -2.99
CA TRP C 64 -14.90 -3.45 -3.64
C TRP C 64 -14.64 -4.38 -4.82
N LEU C 65 -13.55 -4.12 -5.53
CA LEU C 65 -13.16 -4.95 -6.67
C LEU C 65 -11.67 -4.74 -6.90
N ALA C 66 -10.91 -5.83 -6.86
CA ALA C 66 -9.47 -5.77 -7.03
C ALA C 66 -9.08 -6.41 -8.37
N ALA C 67 -8.43 -5.61 -9.21
CA ALA C 67 -7.84 -6.11 -10.44
C ALA C 67 -6.33 -6.13 -10.29
N VAL C 68 -5.78 -7.34 -10.24
CA VAL C 68 -4.35 -7.55 -10.02
C VAL C 68 -3.71 -7.89 -11.35
N THR C 69 -2.61 -7.20 -11.66
CA THR C 69 -1.82 -7.53 -12.84
C THR C 69 -0.39 -7.07 -12.63
N LYS C 70 0.53 -7.76 -13.30
CA LYS C 70 1.91 -7.33 -13.38
C LYS C 70 2.32 -7.23 -14.84
N GLN C 71 1.35 -6.91 -15.70
CA GLN C 71 1.57 -6.80 -17.13
C GLN C 71 1.11 -5.43 -17.58
N ASN C 72 2.00 -4.72 -18.27
CA ASN C 72 1.65 -3.38 -18.74
C ASN C 72 0.52 -3.46 -19.75
N VAL C 73 -0.64 -2.92 -19.36
CA VAL C 73 -1.83 -2.95 -20.18
C VAL C 73 -2.31 -1.53 -20.38
N ASN C 74 -3.40 -1.38 -21.10
CA ASN C 74 -4.13 -0.13 -21.05
C ASN C 74 -5.05 -0.14 -19.84
N ALA C 75 -4.77 0.71 -18.87
CA ALA C 75 -5.57 0.75 -17.66
C ALA C 75 -7.02 1.09 -18.01
N ALA C 76 -7.20 1.94 -19.02
CA ALA C 76 -8.51 2.40 -19.42
C ALA C 76 -9.41 1.23 -19.82
N MET C 77 -8.91 0.31 -20.66
CA MET C 77 -9.74 -0.83 -21.04
C MET C 77 -10.01 -1.72 -19.85
N VAL C 78 -9.02 -1.86 -18.96
CA VAL C 78 -9.25 -2.58 -17.71
C VAL C 78 -10.47 -2.02 -17.00
N PHE C 79 -10.52 -0.70 -16.87
CA PHE C 79 -11.62 -0.08 -16.13
C PHE C 79 -12.93 -0.21 -16.90
N GLU C 80 -12.86 -0.05 -18.22
CA GLU C 80 -14.02 -0.29 -19.06
C GLU C 80 -14.60 -1.67 -18.78
N PHE C 81 -13.73 -2.67 -18.69
CA PHE C 81 -14.15 -4.03 -18.39
C PHE C 81 -14.79 -4.11 -17.02
N LEU C 82 -14.16 -3.48 -16.02
CA LEU C 82 -14.73 -3.50 -14.67
C LEU C 82 -16.13 -2.90 -14.67
N TYR C 83 -16.29 -1.77 -15.35
CA TYR C 83 -17.60 -1.16 -15.49
C TYR C 83 -18.56 -2.17 -16.08
N LYS C 84 -18.34 -2.54 -17.34
CA LYS C 84 -19.20 -3.49 -18.03
C LYS C 84 -19.58 -4.66 -17.13
N MET C 85 -18.63 -5.16 -16.35
CA MET C 85 -18.86 -6.25 -15.43
C MET C 85 -19.90 -5.90 -14.38
N CYS C 86 -19.65 -4.87 -13.58
CA CYS C 86 -20.61 -4.55 -12.53
C CYS C 86 -21.93 -4.09 -13.11
N ASP C 87 -21.88 -3.43 -14.26
CA ASP C 87 -23.09 -2.93 -14.91
C ASP C 87 -23.97 -4.08 -15.37
N VAL C 88 -23.37 -5.12 -15.94
CA VAL C 88 -24.18 -6.25 -16.37
C VAL C 88 -24.62 -7.06 -15.15
N MET C 89 -23.81 -7.06 -14.08
CA MET C 89 -24.26 -7.65 -12.83
C MET C 89 -25.55 -7.00 -12.36
N ALA C 90 -25.59 -5.67 -12.39
CA ALA C 90 -26.83 -4.96 -12.08
C ALA C 90 -27.93 -5.32 -13.06
N ALA C 91 -27.64 -5.21 -14.36
CA ALA C 91 -28.65 -5.46 -15.38
C ALA C 91 -29.29 -6.83 -15.23
N TYR C 92 -28.51 -7.81 -14.76
CA TYR C 92 -29.06 -9.14 -14.60
C TYR C 92 -29.74 -9.32 -13.26
N PHE C 93 -29.25 -8.68 -12.20
CA PHE C 93 -29.94 -8.83 -10.92
C PHE C 93 -30.03 -7.55 -10.10
N GLY C 94 -29.99 -6.37 -10.72
CA GLY C 94 -30.20 -5.15 -9.96
C GLY C 94 -29.14 -4.94 -8.91
N LYS C 95 -29.56 -4.95 -7.65
CA LYS C 95 -28.66 -4.76 -6.53
C LYS C 95 -27.50 -5.73 -6.59
N ILE C 96 -26.33 -5.30 -6.15
CA ILE C 96 -25.13 -6.12 -6.12
C ILE C 96 -24.61 -6.14 -4.70
N SER C 97 -24.78 -7.28 -4.03
CA SER C 97 -24.39 -7.41 -2.64
C SER C 97 -24.01 -8.87 -2.40
N GLU C 98 -23.89 -9.21 -1.12
CA GLU C 98 -23.51 -10.57 -0.75
C GLU C 98 -24.34 -11.60 -1.49
N GLU C 99 -25.65 -11.62 -1.23
CA GLU C 99 -26.50 -12.63 -1.84
C GLU C 99 -26.54 -12.48 -3.34
N ASN C 100 -26.53 -11.24 -3.84
CA ASN C 100 -26.50 -11.02 -5.28
C ASN C 100 -25.31 -11.74 -5.91
N ILE C 101 -24.19 -11.80 -5.20
CA ILE C 101 -23.03 -12.52 -5.72
C ILE C 101 -23.19 -14.01 -5.50
N LYS C 102 -23.62 -14.39 -4.30
CA LYS C 102 -23.72 -15.81 -3.93
C LYS C 102 -24.64 -16.55 -4.87
N ASN C 103 -25.89 -16.14 -4.92
CA ASN C 103 -26.91 -16.84 -5.70
C ASN C 103 -26.68 -16.63 -7.19
N ASN C 104 -25.54 -16.04 -7.54
CA ASN C 104 -25.16 -15.95 -8.95
C ASN C 104 -23.80 -16.57 -9.21
N PHE C 105 -23.11 -17.06 -8.17
CA PHE C 105 -21.74 -17.56 -8.24
C PHE C 105 -21.37 -18.25 -9.54
N VAL C 106 -22.14 -19.27 -9.93
CA VAL C 106 -21.73 -20.09 -11.07
C VAL C 106 -21.76 -19.29 -12.36
N LEU C 107 -22.84 -18.53 -12.56
CA LEU C 107 -22.95 -17.70 -13.75
C LEU C 107 -21.83 -16.67 -13.75
N ILE C 108 -21.59 -16.07 -12.59
CA ILE C 108 -20.51 -15.12 -12.39
C ILE C 108 -19.22 -15.73 -12.92
N TYR C 109 -18.92 -16.93 -12.48
CA TYR C 109 -17.63 -17.54 -12.77
C TYR C 109 -17.51 -17.86 -14.26
N GLU C 110 -18.52 -18.55 -14.81
CA GLU C 110 -18.44 -18.92 -16.21
C GLU C 110 -18.39 -17.69 -17.10
N LEU C 111 -19.14 -16.65 -16.75
CA LEU C 111 -19.10 -15.41 -17.52
C LEU C 111 -17.71 -14.80 -17.46
N LEU C 112 -17.23 -14.51 -16.25
CA LEU C 112 -15.91 -13.92 -16.08
C LEU C 112 -14.86 -14.68 -16.88
N ASP C 113 -14.82 -16.00 -16.73
CA ASP C 113 -13.84 -16.79 -17.46
C ASP C 113 -14.06 -16.66 -18.96
N GLU C 114 -15.31 -16.57 -19.39
CA GLU C 114 -15.59 -16.37 -20.81
C GLU C 114 -15.23 -14.95 -21.23
N ILE C 115 -15.90 -13.97 -20.62
CA ILE C 115 -15.77 -12.56 -21.00
C ILE C 115 -14.33 -12.13 -20.83
N LEU C 116 -13.57 -12.89 -20.05
CA LEU C 116 -12.14 -12.64 -19.93
C LEU C 116 -11.42 -13.94 -19.59
N ASP C 117 -10.65 -14.45 -20.53
CA ASP C 117 -10.02 -15.76 -20.39
C ASP C 117 -8.53 -15.55 -20.27
N PHE C 118 -7.95 -16.06 -19.18
CA PHE C 118 -6.56 -15.80 -18.80
C PHE C 118 -6.23 -14.31 -18.82
N GLY C 119 -7.21 -13.44 -18.59
CA GLY C 119 -6.99 -12.04 -18.75
C GLY C 119 -7.27 -11.51 -20.13
N TYR C 120 -7.31 -12.37 -21.13
CA TYR C 120 -7.76 -11.94 -22.46
C TYR C 120 -9.24 -11.63 -22.38
N PRO C 121 -9.64 -10.37 -22.49
CA PRO C 121 -11.04 -10.03 -22.27
C PRO C 121 -11.87 -10.23 -23.52
N GLN C 122 -12.89 -11.07 -23.39
CA GLN C 122 -13.82 -11.32 -24.47
C GLN C 122 -14.97 -10.32 -24.36
N ASN C 123 -15.86 -10.37 -25.35
CA ASN C 123 -16.93 -9.39 -25.41
C ASN C 123 -17.98 -9.69 -24.34
N SER C 124 -18.88 -8.73 -24.15
CA SER C 124 -20.02 -8.88 -23.27
C SER C 124 -21.27 -8.39 -23.99
N GLU C 125 -21.30 -8.60 -25.31
CA GLU C 125 -22.41 -8.11 -26.13
C GLU C 125 -23.75 -8.55 -25.57
N THR C 126 -23.78 -9.69 -24.86
CA THR C 126 -24.99 -10.32 -24.34
C THR C 126 -26.16 -10.18 -25.31
N GLY C 127 -25.90 -10.50 -26.57
CA GLY C 127 -26.97 -10.57 -27.53
C GLY C 127 -27.95 -11.68 -27.28
N ALA C 128 -27.49 -12.79 -26.71
CA ALA C 128 -28.40 -13.81 -26.21
C ALA C 128 -27.85 -14.45 -24.95
N LEU C 129 -26.88 -13.78 -24.30
CA LEU C 129 -26.21 -14.40 -23.16
C LEU C 129 -27.19 -14.85 -22.09
N LYS C 130 -27.90 -13.89 -21.49
CA LYS C 130 -28.77 -14.18 -20.35
C LYS C 130 -29.74 -15.31 -20.62
N THR C 131 -30.09 -15.53 -21.89
CA THR C 131 -30.92 -16.68 -22.25
C THR C 131 -30.30 -17.98 -21.80
N PHE C 132 -29.14 -18.36 -22.36
CA PHE C 132 -28.42 -19.52 -21.89
C PHE C 132 -27.55 -19.22 -20.68
N ILE C 133 -27.17 -17.96 -20.47
CA ILE C 133 -26.54 -17.58 -19.22
C ILE C 133 -27.68 -17.27 -18.28
N THR C 134 -28.28 -18.31 -17.71
CA THR C 134 -29.49 -18.13 -16.94
C THR C 134 -29.28 -18.56 -15.50
N GLN C 135 -29.69 -17.71 -14.58
CA GLN C 135 -29.55 -18.03 -13.17
C GLN C 135 -30.55 -19.10 -12.77
N HIS C 142 -27.49 -29.07 -22.66
CA HIS C 142 -28.86 -28.68 -22.90
C HIS C 142 -28.98 -27.82 -24.16
N GLN C 143 -28.41 -28.31 -25.25
CA GLN C 143 -28.51 -27.65 -26.54
C GLN C 143 -29.13 -28.61 -27.55
N THR C 144 -29.68 -28.04 -28.60
CA THR C 144 -30.18 -28.81 -29.73
C THR C 144 -29.38 -28.44 -30.96
N LYS C 145 -29.41 -29.34 -31.95
CA LYS C 145 -28.71 -29.08 -33.21
C LYS C 145 -29.03 -27.70 -33.74
N GLU C 146 -30.33 -27.36 -33.78
CA GLU C 146 -30.72 -26.01 -34.16
C GLU C 146 -30.14 -25.02 -33.16
N GLU C 147 -30.16 -25.35 -31.87
CA GLU C 147 -29.65 -24.43 -30.86
C GLU C 147 -28.13 -24.34 -30.95
N GLN C 148 -27.48 -25.46 -31.19
CA GLN C 148 -26.04 -25.48 -31.37
C GLN C 148 -25.64 -24.53 -32.49
N SER C 149 -26.15 -24.82 -33.69
CA SER C 149 -25.89 -23.98 -34.85
C SER C 149 -26.31 -22.54 -34.60
N GLN C 150 -27.39 -22.35 -33.86
CA GLN C 150 -27.97 -21.04 -33.59
C GLN C 150 -27.01 -20.20 -32.79
N ILE C 151 -26.51 -20.75 -31.69
CA ILE C 151 -25.57 -20.03 -30.85
C ILE C 151 -24.26 -19.80 -31.61
N THR C 152 -23.79 -20.82 -32.31
CA THR C 152 -22.57 -20.68 -33.10
C THR C 152 -22.70 -19.53 -34.08
N SER C 153 -23.84 -19.46 -34.77
CA SER C 153 -24.05 -18.43 -35.77
C SER C 153 -24.20 -17.06 -35.13
N GLN C 154 -25.02 -16.94 -34.08
CA GLN C 154 -25.21 -15.66 -33.42
C GLN C 154 -23.89 -15.11 -32.93
N VAL C 155 -22.99 -15.99 -32.51
CA VAL C 155 -21.62 -15.57 -32.25
C VAL C 155 -20.99 -15.07 -33.54
N THR C 156 -21.03 -15.91 -34.58
CA THR C 156 -20.48 -15.50 -35.87
C THR C 156 -21.28 -14.35 -36.46
N GLY C 157 -22.57 -14.25 -36.14
CA GLY C 157 -23.36 -13.14 -36.61
C GLY C 157 -22.87 -11.84 -36.00
N GLN C 158 -22.60 -10.86 -36.85
CA GLN C 158 -22.04 -9.59 -36.43
C GLN C 158 -23.15 -8.60 -36.11
N ILE C 159 -24.08 -9.05 -35.27
CA ILE C 159 -25.20 -8.24 -34.80
C ILE C 159 -25.44 -8.58 -33.34
N GLY C 160 -25.55 -7.55 -32.50
CA GLY C 160 -25.73 -7.74 -31.08
C GLY C 160 -26.95 -7.00 -30.58
N TRP C 161 -26.82 -6.49 -29.35
CA TRP C 161 -27.88 -5.78 -28.64
C TRP C 161 -29.25 -6.43 -28.85
N ARG C 162 -29.32 -7.74 -28.61
CA ARG C 162 -30.57 -8.48 -28.60
C ARG C 162 -31.36 -8.27 -29.89
N ARG C 163 -30.78 -8.74 -31.00
CA ARG C 163 -31.39 -8.66 -32.31
C ARG C 163 -31.43 -10.05 -32.93
N GLU C 164 -32.62 -10.65 -33.00
CA GLU C 164 -32.81 -11.90 -33.72
C GLU C 164 -34.08 -11.82 -34.53
N GLY C 165 -34.82 -10.72 -34.37
CA GLY C 165 -36.11 -10.55 -34.97
C GLY C 165 -37.17 -10.84 -33.94
N ILE C 166 -37.71 -9.79 -33.33
CA ILE C 166 -38.60 -9.96 -32.20
C ILE C 166 -40.01 -9.55 -32.61
N LYS C 167 -40.98 -9.81 -31.75
CA LYS C 167 -42.33 -9.39 -32.05
C LYS C 167 -42.90 -8.67 -30.85
N TYR C 168 -43.41 -7.47 -31.09
CA TYR C 168 -44.11 -6.68 -30.09
C TYR C 168 -45.49 -6.38 -30.61
N ARG C 169 -46.51 -6.68 -29.80
CA ARG C 169 -47.89 -6.46 -30.22
C ARG C 169 -48.15 -5.02 -30.63
N ARG C 170 -47.26 -4.11 -30.27
CA ARG C 170 -47.27 -2.75 -30.81
C ARG C 170 -45.83 -2.33 -31.04
N ASN C 171 -45.62 -1.26 -31.80
CA ASN C 171 -44.28 -0.78 -32.05
C ASN C 171 -44.22 0.68 -31.64
N GLU C 172 -43.75 0.95 -30.43
CA GLU C 172 -43.76 2.29 -29.88
C GLU C 172 -42.49 2.53 -29.10
N LEU C 173 -42.08 3.79 -29.08
CA LEU C 173 -40.87 4.20 -28.39
C LEU C 173 -41.14 5.50 -27.65
N PHE C 174 -40.65 5.58 -26.42
CA PHE C 174 -40.78 6.77 -25.60
C PHE C 174 -39.37 7.28 -25.30
N LEU C 175 -39.08 8.49 -25.74
CA LEU C 175 -37.79 9.11 -25.54
C LEU C 175 -37.89 10.08 -24.38
N ASP C 176 -36.74 10.44 -23.82
CA ASP C 176 -36.66 11.43 -22.75
C ASP C 176 -35.34 12.16 -22.88
N VAL C 177 -35.41 13.40 -23.36
CA VAL C 177 -34.21 14.23 -23.48
C VAL C 177 -33.96 14.89 -22.13
N LEU C 178 -32.92 14.46 -21.45
CA LEU C 178 -32.49 15.09 -20.21
C LEU C 178 -31.39 16.09 -20.54
N GLU C 179 -31.53 17.29 -20.02
CA GLU C 179 -30.53 18.34 -20.19
C GLU C 179 -30.09 18.80 -18.81
N SER C 180 -28.88 18.41 -18.42
CA SER C 180 -28.31 18.80 -17.14
C SER C 180 -27.68 20.17 -17.26
N VAL C 181 -28.13 21.10 -16.43
CA VAL C 181 -27.68 22.49 -16.48
C VAL C 181 -26.31 22.54 -15.80
N ASN C 182 -25.27 22.69 -16.60
CA ASN C 182 -23.91 22.80 -16.09
C ASN C 182 -23.58 24.28 -16.00
N LEU C 183 -24.02 24.92 -14.92
CA LEU C 183 -23.97 26.38 -14.86
C LEU C 183 -23.23 26.86 -13.63
N LEU C 184 -22.26 27.74 -13.87
CA LEU C 184 -21.68 28.58 -12.85
C LEU C 184 -21.75 30.02 -13.34
N MET C 185 -22.19 30.92 -12.48
CA MET C 185 -22.33 32.33 -12.80
C MET C 185 -21.57 33.11 -11.73
N SER C 186 -21.05 34.28 -12.07
CA SER C 186 -20.33 35.05 -11.07
C SER C 186 -21.31 35.53 -10.02
N PRO C 187 -20.93 35.53 -8.74
CA PRO C 187 -21.87 35.95 -7.69
C PRO C 187 -22.36 37.37 -7.85
N GLN C 188 -21.62 38.20 -8.57
CA GLN C 188 -22.08 39.52 -8.97
C GLN C 188 -22.94 39.47 -10.22
N GLY C 189 -22.89 38.38 -10.96
CA GLY C 189 -23.69 38.17 -12.15
C GLY C 189 -22.85 38.20 -13.40
N GLN C 190 -22.40 37.01 -13.80
CA GLN C 190 -21.79 36.74 -15.09
C GLN C 190 -21.67 35.23 -15.22
N VAL C 191 -22.21 34.64 -16.27
CA VAL C 191 -22.27 33.19 -16.32
C VAL C 191 -20.88 32.67 -16.61
N LEU C 192 -20.18 32.24 -15.56
CA LEU C 192 -18.82 31.73 -15.73
C LEU C 192 -18.83 30.40 -16.46
N SER C 193 -19.83 29.57 -16.20
CA SER C 193 -19.99 28.27 -16.84
C SER C 193 -21.36 28.20 -17.46
N ALA C 194 -21.42 28.05 -18.78
CA ALA C 194 -22.67 27.93 -19.52
C ALA C 194 -22.56 26.70 -20.40
N HIS C 195 -22.83 25.53 -19.81
CA HIS C 195 -22.68 24.28 -20.53
C HIS C 195 -23.85 23.37 -20.18
N VAL C 196 -24.06 22.35 -21.00
CA VAL C 196 -25.13 21.40 -20.80
C VAL C 196 -24.61 20.00 -21.07
N SER C 197 -25.02 19.04 -20.26
CA SER C 197 -24.68 17.64 -20.40
C SER C 197 -25.97 16.86 -20.58
N GLY C 198 -26.17 16.32 -21.78
CA GLY C 198 -27.41 15.60 -22.05
C GLY C 198 -27.22 14.30 -22.79
N ARG C 199 -28.19 13.40 -22.67
CA ARG C 199 -28.11 12.10 -23.29
C ARG C 199 -29.47 11.74 -23.86
N VAL C 200 -29.47 10.92 -24.91
CA VAL C 200 -30.69 10.43 -25.54
C VAL C 200 -30.94 9.02 -25.02
N VAL C 201 -31.70 8.92 -23.94
CA VAL C 201 -32.13 7.62 -23.43
C VAL C 201 -33.38 7.23 -24.22
N MET C 202 -33.37 6.01 -24.75
CA MET C 202 -34.42 5.55 -25.65
C MET C 202 -35.08 4.30 -25.08
N LYS C 203 -36.34 4.44 -24.69
CA LYS C 203 -37.18 3.31 -24.29
C LYS C 203 -38.05 2.94 -25.48
N SER C 204 -37.96 1.69 -25.93
CA SER C 204 -38.60 1.25 -27.16
C SER C 204 -39.37 -0.03 -26.92
N TYR C 205 -40.52 -0.16 -27.57
CA TYR C 205 -41.31 -1.39 -27.57
C TYR C 205 -41.64 -1.69 -29.03
N LEU C 206 -40.75 -2.39 -29.72
CA LEU C 206 -40.96 -2.63 -31.13
C LEU C 206 -40.60 -4.06 -31.48
N SER C 207 -41.22 -4.56 -32.54
CA SER C 207 -40.94 -5.89 -33.05
C SER C 207 -39.69 -5.86 -33.92
N GLY C 208 -39.25 -7.06 -34.33
CA GLY C 208 -38.18 -7.19 -35.30
C GLY C 208 -36.88 -6.56 -34.86
N MET C 209 -36.01 -6.30 -35.83
CA MET C 209 -34.72 -5.66 -35.58
C MET C 209 -34.55 -4.48 -36.50
N PRO C 210 -35.23 -3.38 -36.27
CA PRO C 210 -35.15 -2.26 -37.21
C PRO C 210 -33.94 -1.39 -36.96
N GLU C 211 -33.25 -1.00 -38.02
CA GLU C 211 -32.36 0.14 -37.96
C GLU C 211 -33.21 1.40 -37.97
N CYS C 212 -32.81 2.35 -37.15
CA CYS C 212 -33.57 3.60 -37.13
C CYS C 212 -32.62 4.74 -37.38
N LYS C 213 -33.16 5.82 -37.97
CA LYS C 213 -32.43 7.06 -38.05
C LYS C 213 -33.20 8.13 -37.28
N PHE C 214 -32.66 9.34 -37.25
CA PHE C 214 -33.26 10.40 -36.46
C PHE C 214 -32.68 11.74 -36.86
N GLY C 215 -33.45 12.81 -36.68
CA GLY C 215 -32.98 14.13 -37.02
C GLY C 215 -33.00 15.05 -35.81
N MET C 216 -31.90 15.77 -35.64
CA MET C 216 -31.79 16.79 -34.62
C MET C 216 -30.99 17.96 -35.19
N ASN C 217 -31.64 19.12 -35.27
CA ASN C 217 -31.17 20.29 -36.02
C ASN C 217 -29.68 20.54 -35.90
N ASP C 218 -29.00 20.70 -37.03
CA ASP C 218 -27.55 20.83 -37.07
C ASP C 218 -27.17 22.05 -37.88
N LYS C 219 -26.08 22.69 -37.48
CA LYS C 219 -25.46 23.81 -38.21
C LYS C 219 -26.42 24.99 -38.34
N ILE C 220 -27.49 24.93 -37.54
CA ILE C 220 -28.48 26.01 -37.49
C ILE C 220 -29.33 25.83 -36.24
N VAL C 221 -29.67 26.94 -35.59
CA VAL C 221 -30.69 26.92 -34.55
C VAL C 221 -31.95 26.33 -35.15
N ILE C 222 -32.70 25.58 -34.34
CA ILE C 222 -33.63 24.57 -34.84
C ILE C 222 -34.51 25.13 -35.95
N GLU C 223 -34.75 24.32 -36.97
CA GLU C 223 -35.57 24.70 -38.09
C GLU C 223 -36.35 23.48 -38.59
N SER C 236 -46.00 10.74 -37.17
CA SER C 236 -47.09 9.96 -37.75
C SER C 236 -48.43 10.55 -37.31
N MET C 237 -48.55 10.83 -36.02
CA MET C 237 -49.76 11.44 -35.47
C MET C 237 -49.56 12.84 -34.93
N GLU C 238 -48.44 13.15 -34.30
CA GLU C 238 -48.13 14.50 -33.87
C GLU C 238 -46.74 14.84 -34.36
N GLN C 239 -46.66 15.78 -35.30
CA GLN C 239 -45.36 16.29 -35.70
C GLN C 239 -44.59 16.83 -34.51
N LYS C 240 -45.11 17.90 -33.90
CA LYS C 240 -44.49 18.49 -32.72
C LYS C 240 -45.41 19.55 -32.15
N LEU C 241 -45.50 19.64 -30.84
CA LEU C 241 -46.27 20.71 -30.22
C LEU C 241 -45.49 22.02 -30.21
N ILE C 242 -44.17 21.92 -30.26
CA ILE C 242 -43.28 23.07 -30.25
C ILE C 242 -42.48 23.17 -31.54
N SER C 243 -43.09 22.87 -32.69
CA SER C 243 -42.42 22.65 -33.97
C SER C 243 -41.30 23.63 -34.25
N GLU C 244 -40.25 23.16 -34.93
CA GLU C 244 -38.99 23.86 -35.03
C GLU C 244 -39.04 25.09 -35.93
N GLU C 245 -39.61 26.19 -35.45
CA GLU C 245 -39.63 27.45 -36.19
C GLU C 245 -38.25 27.77 -36.74
N ASP C 246 -38.19 28.38 -37.92
CA ASP C 246 -36.93 28.74 -38.57
C ASP C 246 -36.14 29.64 -37.63
N LEU C 247 -34.83 29.44 -37.58
CA LEU C 247 -33.97 30.11 -36.61
C LEU C 247 -34.47 29.92 -35.20
N GLY C 248 -34.98 28.73 -34.90
CA GLY C 248 -35.65 28.47 -33.65
C GLY C 248 -34.70 28.36 -32.48
N LYS C 249 -35.10 27.51 -31.53
CA LYS C 249 -34.35 27.31 -30.29
C LYS C 249 -32.90 26.95 -30.55
N GLN C 250 -32.07 27.15 -29.52
CA GLN C 250 -30.63 27.01 -29.67
C GLN C 250 -30.27 25.63 -30.20
N SER C 251 -29.73 25.61 -31.42
CA SER C 251 -29.19 24.41 -32.00
C SER C 251 -27.85 24.76 -32.62
N ILE C 252 -26.83 23.99 -32.27
CA ILE C 252 -25.46 24.34 -32.57
C ILE C 252 -24.76 23.09 -33.08
N ALA C 253 -23.60 23.26 -33.70
CA ALA C 253 -22.67 22.17 -33.90
C ALA C 253 -22.39 21.62 -32.51
N ILE C 254 -22.84 20.38 -32.27
CA ILE C 254 -22.73 19.76 -30.95
C ILE C 254 -21.29 19.86 -30.48
N ASP C 255 -21.09 20.49 -29.33
CA ASP C 255 -19.74 20.70 -28.84
C ASP C 255 -19.03 19.38 -28.63
N ASP C 256 -19.76 18.38 -28.13
CA ASP C 256 -19.30 17.00 -28.14
C ASP C 256 -20.51 16.09 -28.16
N CYS C 257 -20.55 15.22 -29.16
CA CYS C 257 -21.60 14.22 -29.31
C CYS C 257 -20.99 12.85 -29.11
N THR C 258 -21.46 12.14 -28.08
CA THR C 258 -20.92 10.84 -27.73
C THR C 258 -21.89 9.76 -28.16
N PHE C 259 -21.34 8.63 -28.58
CA PHE C 259 -22.14 7.60 -29.20
C PHE C 259 -22.03 6.29 -28.44
N HIS C 260 -22.69 5.26 -28.97
CA HIS C 260 -22.72 3.94 -28.36
C HIS C 260 -22.72 2.91 -29.48
N GLN C 261 -22.26 1.71 -29.15
CA GLN C 261 -21.93 0.72 -30.18
C GLN C 261 -23.21 0.17 -30.80
N CYS C 262 -23.97 1.06 -31.44
CA CYS C 262 -25.01 0.68 -32.38
C CYS C 262 -24.86 1.58 -33.59
N VAL C 263 -24.14 2.67 -33.39
CA VAL C 263 -23.94 3.72 -34.38
C VAL C 263 -22.89 3.29 -35.40
N ARG C 264 -22.76 4.06 -36.48
CA ARG C 264 -21.73 3.82 -37.50
C ARG C 264 -21.00 5.13 -37.74
N LEU C 265 -19.94 5.37 -36.97
CA LEU C 265 -19.21 6.64 -37.11
C LEU C 265 -18.52 6.76 -38.45
N SER C 266 -18.24 5.63 -39.11
CA SER C 266 -17.85 5.71 -40.51
C SER C 266 -18.93 6.42 -41.31
N LYS C 267 -20.17 5.98 -41.15
CA LYS C 267 -21.27 6.66 -41.81
C LYS C 267 -21.33 8.12 -41.42
N PHE C 268 -21.08 8.43 -40.14
CA PHE C 268 -21.11 9.82 -39.74
C PHE C 268 -20.03 10.63 -40.45
N ASP C 269 -18.76 10.36 -40.14
CA ASP C 269 -17.69 11.21 -40.64
C ASP C 269 -17.67 11.21 -42.16
N SER C 270 -18.34 10.25 -42.79
CA SER C 270 -18.59 10.39 -44.21
C SER C 270 -19.65 11.45 -44.46
N GLU C 271 -20.83 11.28 -43.87
CA GLU C 271 -21.94 12.19 -44.14
C GLU C 271 -22.59 12.76 -42.88
N ARG C 272 -21.89 12.80 -41.76
CA ARG C 272 -22.40 13.41 -40.53
C ARG C 272 -23.67 12.71 -40.05
N SER C 273 -23.74 11.41 -40.31
CA SER C 273 -24.86 10.61 -39.85
C SER C 273 -24.48 9.15 -39.70
N ILE C 274 -24.46 8.66 -38.46
CA ILE C 274 -24.24 7.26 -38.15
C ILE C 274 -25.46 6.45 -38.57
N SER C 275 -25.32 5.13 -38.54
CA SER C 275 -26.49 4.26 -38.60
C SER C 275 -26.60 3.48 -37.30
N PHE C 276 -27.74 3.53 -36.63
CA PHE C 276 -27.93 2.80 -35.39
C PHE C 276 -29.06 1.80 -35.55
N ILE C 277 -28.74 0.52 -35.33
CA ILE C 277 -29.73 -0.52 -35.12
C ILE C 277 -29.96 -0.60 -33.61
N PRO C 278 -31.00 0.03 -33.08
CA PRO C 278 -31.17 0.05 -31.64
C PRO C 278 -31.62 -1.31 -31.13
N PRO C 279 -31.28 -1.65 -29.90
CA PRO C 279 -31.94 -2.78 -29.24
C PRO C 279 -33.34 -2.39 -28.82
N ASP C 280 -34.09 -3.31 -28.24
CA ASP C 280 -35.39 -2.96 -27.71
C ASP C 280 -35.26 -2.50 -26.27
N GLY C 281 -36.37 -2.07 -25.68
CA GLY C 281 -36.35 -1.63 -24.31
C GLY C 281 -35.64 -0.30 -24.13
N GLU C 282 -35.30 0.01 -22.89
CA GLU C 282 -34.64 1.27 -22.60
C GLU C 282 -33.13 1.16 -22.82
N PHE C 283 -32.55 2.24 -23.29
CA PHE C 283 -31.10 2.36 -23.45
C PHE C 283 -30.80 3.81 -23.76
N GLU C 284 -29.52 4.15 -23.74
CA GLU C 284 -29.05 5.49 -24.06
C GLU C 284 -28.51 5.50 -25.47
N LEU C 285 -29.24 6.14 -26.38
CA LEU C 285 -28.87 6.12 -27.79
C LEU C 285 -27.60 6.89 -28.06
N MET C 286 -27.50 8.12 -27.54
CA MET C 286 -26.27 8.90 -27.66
C MET C 286 -26.29 10.02 -26.65
N ARG C 287 -25.18 10.19 -25.96
CA ARG C 287 -25.01 11.30 -25.03
C ARG C 287 -24.26 12.42 -25.74
N TYR C 288 -24.46 13.64 -25.25
CA TYR C 288 -23.97 14.80 -25.97
C TYR C 288 -23.69 15.91 -24.97
N ARG C 289 -22.83 16.83 -25.37
CA ARG C 289 -22.57 18.03 -24.58
C ARG C 289 -22.47 19.24 -25.47
N THR C 290 -22.99 20.35 -24.97
CA THR C 290 -22.75 21.64 -25.58
C THR C 290 -22.37 22.61 -24.48
N THR C 291 -21.27 23.30 -24.71
CA THR C 291 -20.74 24.21 -23.70
C THR C 291 -21.07 25.66 -24.01
N LYS C 292 -22.20 25.95 -24.63
CA LYS C 292 -22.53 27.29 -25.10
C LYS C 292 -24.02 27.37 -25.36
N ASP C 293 -24.53 28.58 -25.56
CA ASP C 293 -25.88 28.78 -26.08
C ASP C 293 -26.94 28.16 -25.19
N ILE C 294 -27.12 28.70 -23.98
CA ILE C 294 -28.10 28.16 -23.05
C ILE C 294 -29.10 29.25 -22.68
N ILE C 295 -30.07 28.91 -21.83
CA ILE C 295 -31.13 29.82 -21.43
C ILE C 295 -31.13 29.91 -19.90
N LEU C 296 -31.08 31.14 -19.38
CA LEU C 296 -30.98 31.31 -17.94
C LEU C 296 -32.36 31.33 -17.30
N PRO C 297 -32.54 30.60 -16.20
CA PRO C 297 -33.87 30.54 -15.56
C PRO C 297 -34.07 31.61 -14.51
N PHE C 298 -32.98 32.23 -14.06
CA PHE C 298 -33.08 33.25 -13.03
C PHE C 298 -31.99 34.29 -13.25
N ARG C 299 -32.14 35.42 -12.56
CA ARG C 299 -31.10 36.45 -12.52
C ARG C 299 -30.83 36.75 -11.04
N VAL C 300 -29.96 35.95 -10.44
CA VAL C 300 -29.64 36.08 -9.02
C VAL C 300 -28.25 36.68 -8.91
N ILE C 301 -28.10 37.63 -8.00
CA ILE C 301 -26.78 38.16 -7.66
C ILE C 301 -26.54 37.84 -6.19
N PRO C 302 -26.12 36.64 -5.86
CA PRO C 302 -25.86 36.29 -4.46
C PRO C 302 -24.47 36.70 -4.03
N LEU C 303 -24.39 37.61 -3.06
CA LEU C 303 -23.10 38.14 -2.65
C LEU C 303 -23.12 38.40 -1.15
N VAL C 304 -21.94 38.35 -0.55
CA VAL C 304 -21.77 38.52 0.89
C VAL C 304 -20.89 39.74 1.12
N ARG C 305 -21.14 40.44 2.22
CA ARG C 305 -20.26 41.51 2.66
C ARG C 305 -19.98 41.33 4.14
N GLU C 306 -18.92 41.98 4.59
CA GLU C 306 -18.36 41.80 5.91
C GLU C 306 -18.33 43.15 6.63
N VAL C 307 -18.70 43.15 7.90
CA VAL C 307 -18.79 44.39 8.69
C VAL C 307 -17.65 44.37 9.70
N GLY C 308 -16.56 45.06 9.38
CA GLY C 308 -15.34 44.94 10.15
C GLY C 308 -15.03 43.48 10.35
N ARG C 309 -14.81 43.06 11.61
CA ARG C 309 -14.96 41.65 11.91
C ARG C 309 -15.83 41.49 13.14
N THR C 310 -17.15 41.65 12.98
CA THR C 310 -18.10 41.25 14.00
C THR C 310 -19.39 40.82 13.35
N LYS C 311 -19.45 40.82 12.03
CA LYS C 311 -20.69 40.63 11.30
C LYS C 311 -20.41 40.36 9.84
N LEU C 312 -20.97 39.28 9.32
CA LEU C 312 -20.95 38.98 7.90
C LEU C 312 -22.37 39.09 7.38
N GLU C 313 -22.54 39.83 6.30
CA GLU C 313 -23.86 40.10 5.74
C GLU C 313 -23.93 39.59 4.32
N VAL C 314 -25.02 38.90 4.00
CA VAL C 314 -25.22 38.28 2.70
C VAL C 314 -26.41 38.94 2.03
N LYS C 315 -26.26 39.31 0.76
CA LYS C 315 -27.33 39.91 -0.01
C LYS C 315 -27.69 38.99 -1.16
N VAL C 316 -28.92 38.49 -1.14
CA VAL C 316 -29.39 37.51 -2.11
C VAL C 316 -30.64 38.05 -2.77
N VAL C 317 -30.50 38.53 -4.00
CA VAL C 317 -31.62 39.04 -4.78
C VAL C 317 -31.89 38.04 -5.90
N ILE C 318 -32.91 37.20 -5.71
CA ILE C 318 -33.18 36.08 -6.59
C ILE C 318 -34.26 36.48 -7.58
N LYS C 319 -33.85 37.05 -8.70
CA LYS C 319 -34.76 37.30 -9.81
C LYS C 319 -34.89 36.02 -10.62
N SER C 320 -36.11 35.48 -10.64
CA SER C 320 -36.41 34.30 -11.42
C SER C 320 -36.81 34.75 -12.80
N ASN C 321 -36.40 34.01 -13.82
CA ASN C 321 -36.61 34.50 -15.19
C ASN C 321 -36.91 33.30 -16.11
N PHE C 322 -38.19 33.00 -16.25
CA PHE C 322 -38.73 32.08 -17.24
C PHE C 322 -40.11 32.59 -17.62
N LYS C 323 -40.76 31.85 -18.49
CA LYS C 323 -42.15 32.19 -18.77
C LYS C 323 -42.97 32.00 -17.49
N PRO C 324 -43.69 33.01 -17.03
CA PRO C 324 -44.58 32.81 -15.87
C PRO C 324 -45.49 31.61 -16.03
N SER C 325 -45.85 31.24 -17.26
CA SER C 325 -46.54 29.98 -17.48
C SER C 325 -45.73 28.79 -16.98
N LEU C 326 -44.42 28.84 -17.11
CA LEU C 326 -43.54 27.82 -16.55
C LEU C 326 -43.59 27.91 -15.04
N LEU C 327 -43.71 26.75 -14.39
CA LEU C 327 -43.92 26.70 -12.96
C LEU C 327 -42.94 25.73 -12.35
N ALA C 328 -41.91 26.26 -11.70
CA ALA C 328 -40.97 25.44 -10.96
C ALA C 328 -41.48 25.32 -9.53
N GLN C 329 -41.35 24.11 -8.96
CA GLN C 329 -41.95 23.81 -7.67
C GLN C 329 -40.89 23.37 -6.69
N LYS C 330 -41.27 23.35 -5.41
CA LYS C 330 -40.40 22.94 -4.32
C LYS C 330 -39.08 23.71 -4.38
N ILE C 331 -39.22 25.02 -4.51
CA ILE C 331 -38.09 25.90 -4.78
C ILE C 331 -37.27 26.04 -3.51
N GLU C 332 -36.12 25.36 -3.45
CA GLU C 332 -35.25 25.40 -2.29
C GLU C 332 -33.89 25.93 -2.70
N VAL C 333 -33.58 27.16 -2.28
CA VAL C 333 -32.33 27.80 -2.61
C VAL C 333 -31.43 27.73 -1.38
N ARG C 334 -30.16 27.41 -1.59
CA ARG C 334 -29.20 27.27 -0.52
C ARG C 334 -28.49 28.59 -0.30
N ILE C 335 -28.75 29.22 0.84
CA ILE C 335 -28.13 30.49 1.21
C ILE C 335 -27.40 30.28 2.53
N PRO C 336 -26.12 29.94 2.51
CA PRO C 336 -25.40 29.71 3.76
C PRO C 336 -25.38 30.93 4.66
N THR C 337 -25.78 30.72 5.93
CA THR C 337 -25.63 31.78 6.90
C THR C 337 -24.19 31.80 7.41
N PRO C 338 -23.66 32.99 7.73
CA PRO C 338 -22.36 33.06 8.40
C PRO C 338 -22.34 32.22 9.67
N LEU C 339 -21.19 31.56 9.90
CA LEU C 339 -21.07 30.60 10.99
C LEU C 339 -21.37 31.25 12.34
N ASN C 340 -20.52 32.17 12.77
CA ASN C 340 -20.79 32.92 13.99
C ASN C 340 -22.09 33.68 13.82
N THR C 341 -23.02 33.45 14.73
CA THR C 341 -24.34 34.04 14.57
C THR C 341 -24.74 34.69 15.88
N SER C 342 -24.77 36.03 15.88
CA SER C 342 -25.13 36.77 17.07
C SER C 342 -26.41 37.56 16.81
N GLY C 343 -26.44 38.28 15.69
CA GLY C 343 -27.61 39.04 15.33
C GLY C 343 -28.05 38.74 13.90
N VAL C 344 -29.25 38.19 13.76
CA VAL C 344 -29.75 37.83 12.44
C VAL C 344 -30.55 38.99 11.88
N GLN C 345 -30.56 39.12 10.56
CA GLN C 345 -31.34 40.14 9.86
C GLN C 345 -31.99 39.47 8.67
N VAL C 346 -33.29 39.26 8.74
CA VAL C 346 -34.02 38.42 7.80
C VAL C 346 -34.84 39.30 6.86
N ILE C 347 -34.91 38.90 5.60
CA ILE C 347 -35.76 39.53 4.60
C ILE C 347 -36.60 38.45 3.94
N CYS C 348 -37.89 38.73 3.77
CA CYS C 348 -38.80 37.79 3.17
C CYS C 348 -39.61 38.49 2.07
N MET C 349 -39.73 37.81 0.93
CA MET C 349 -40.58 38.29 -0.14
C MET C 349 -41.71 37.34 -0.47
N LYS C 350 -41.40 36.08 -0.75
CA LYS C 350 -42.41 35.12 -1.19
C LYS C 350 -41.88 33.70 -1.10
N GLY C 351 -42.64 32.82 -0.45
CA GLY C 351 -42.23 31.44 -0.32
C GLY C 351 -42.34 30.98 1.11
N LYS C 352 -41.25 30.43 1.65
CA LYS C 352 -41.24 30.05 3.05
C LYS C 352 -39.84 30.27 3.60
N ALA C 353 -39.78 30.88 4.78
CA ALA C 353 -38.54 31.08 5.50
C ALA C 353 -38.17 29.78 6.21
N LYS C 354 -37.05 29.18 5.80
CA LYS C 354 -36.52 28.01 6.46
C LYS C 354 -35.03 28.24 6.69
N TYR C 355 -34.58 27.90 7.90
CA TYR C 355 -33.17 28.05 8.25
C TYR C 355 -32.54 26.68 8.37
N LYS C 356 -31.25 26.62 8.08
CA LYS C 356 -30.50 25.37 8.15
C LYS C 356 -29.37 25.53 9.17
N ALA C 357 -29.47 24.80 10.28
CA ALA C 357 -28.42 24.72 11.26
C ALA C 357 -27.59 23.48 10.99
N SER C 358 -26.38 23.44 11.57
CA SER C 358 -25.40 22.38 11.36
C SER C 358 -24.89 22.42 9.93
N GLU C 359 -25.46 23.32 9.12
CA GLU C 359 -24.94 23.67 7.82
C GLU C 359 -24.96 25.18 7.65
N ASN C 360 -25.59 25.87 8.60
CA ASN C 360 -25.50 27.32 8.72
C ASN C 360 -25.99 27.99 7.44
N ALA C 361 -27.27 27.80 7.16
CA ALA C 361 -27.76 28.17 5.84
C ALA C 361 -29.19 28.68 5.93
N ILE C 362 -29.46 29.73 5.17
CA ILE C 362 -30.82 30.18 4.91
C ILE C 362 -31.37 29.30 3.82
N VAL C 363 -32.41 28.53 4.14
CA VAL C 363 -33.12 27.75 3.14
C VAL C 363 -34.35 28.54 2.75
N TRP C 364 -34.20 29.41 1.76
CA TRP C 364 -35.32 30.19 1.25
C TRP C 364 -36.19 29.23 0.45
N LYS C 365 -36.84 28.31 1.14
CA LYS C 365 -37.56 27.21 0.53
C LYS C 365 -38.92 27.72 0.10
N ILE C 366 -39.18 27.71 -1.20
CA ILE C 366 -40.42 28.22 -1.76
C ILE C 366 -41.18 27.04 -2.33
N LYS C 367 -42.47 26.98 -2.02
CA LYS C 367 -43.35 25.91 -2.46
C LYS C 367 -43.32 25.73 -3.97
N ARG C 368 -43.38 26.84 -4.70
CA ARG C 368 -43.39 26.83 -6.15
C ARG C 368 -43.05 28.22 -6.65
N MET C 369 -42.54 28.31 -7.87
CA MET C 369 -42.25 29.59 -8.50
C MET C 369 -42.67 29.54 -9.95
N ALA C 370 -43.33 30.60 -10.41
CA ALA C 370 -43.56 30.77 -11.83
C ALA C 370 -42.33 31.40 -12.49
N GLY C 371 -42.40 31.56 -13.80
CA GLY C 371 -41.31 32.20 -14.51
C GLY C 371 -41.33 33.70 -14.35
N MET C 372 -40.19 34.33 -14.64
CA MET C 372 -40.01 35.77 -14.54
C MET C 372 -40.43 36.31 -13.17
N LYS C 373 -39.81 35.81 -12.10
CA LYS C 373 -40.16 36.22 -10.75
C LYS C 373 -38.94 36.79 -10.04
N GLU C 374 -39.14 37.19 -8.79
CA GLU C 374 -38.04 37.76 -8.00
C GLU C 374 -38.41 37.67 -6.53
N SER C 375 -37.62 36.92 -5.77
CA SER C 375 -37.76 36.88 -4.32
C SER C 375 -36.41 37.19 -3.69
N GLN C 376 -36.36 38.27 -2.94
CA GLN C 376 -35.11 38.78 -2.38
C GLN C 376 -35.03 38.46 -0.89
N ILE C 377 -33.87 37.95 -0.48
CA ILE C 377 -33.58 37.78 0.94
C ILE C 377 -32.23 38.43 1.22
N SER C 378 -32.23 39.42 2.09
CA SER C 378 -31.00 40.07 2.52
C SER C 378 -30.71 39.65 3.96
N ALA C 379 -29.45 39.31 4.21
CA ALA C 379 -29.10 38.69 5.47
C ALA C 379 -27.91 39.40 6.08
N GLU C 380 -27.98 39.60 7.40
CA GLU C 380 -26.84 40.01 8.20
C GLU C 380 -26.73 39.06 9.38
N ILE C 381 -25.51 38.60 9.65
CA ILE C 381 -25.27 37.63 10.72
C ILE C 381 -24.02 38.08 11.46
N GLU C 382 -24.18 38.45 12.73
CA GLU C 382 -23.07 39.01 13.49
C GLU C 382 -22.10 37.92 13.91
N LEU C 383 -20.83 38.29 14.00
CA LEU C 383 -19.74 37.34 13.99
C LEU C 383 -18.76 37.62 15.12
N LEU C 384 -17.63 36.93 15.04
CA LEU C 384 -16.43 37.17 15.84
C LEU C 384 -15.24 36.90 14.93
N PRO C 385 -14.20 37.73 14.98
CA PRO C 385 -13.16 37.67 13.96
C PRO C 385 -12.52 36.29 13.85
N THR C 386 -12.66 35.70 12.66
CA THR C 386 -11.98 34.45 12.34
C THR C 386 -11.44 34.52 10.92
N ASN C 387 -11.76 35.60 10.21
CA ASN C 387 -11.29 35.79 8.84
C ASN C 387 -9.84 36.24 8.92
N ASP C 388 -8.95 35.29 8.77
CA ASP C 388 -7.51 35.48 8.99
C ASP C 388 -6.77 35.04 7.73
N LYS C 389 -5.45 34.89 7.76
CA LYS C 389 -4.76 34.22 6.65
C LYS C 389 -5.50 32.95 6.25
N LYS C 390 -6.11 32.26 7.21
CA LYS C 390 -7.15 31.28 6.95
C LYS C 390 -8.46 31.87 7.45
N LYS C 391 -9.51 31.75 6.64
CA LYS C 391 -10.69 32.58 6.84
C LYS C 391 -11.93 31.77 6.51
N TRP C 392 -13.07 32.47 6.48
CA TRP C 392 -14.36 31.90 6.14
C TRP C 392 -14.38 31.34 4.73
N ALA C 393 -14.88 30.13 4.56
CA ALA C 393 -15.06 29.52 3.25
C ALA C 393 -16.40 29.99 2.70
N ARG C 394 -16.37 30.68 1.57
CA ARG C 394 -17.59 31.20 0.96
C ARG C 394 -18.29 30.10 0.18
N PRO C 395 -19.36 29.52 0.71
CA PRO C 395 -20.01 28.39 0.05
C PRO C 395 -21.00 28.87 -0.99
N PRO C 396 -20.78 28.52 -2.26
CA PRO C 396 -21.66 28.99 -3.35
C PRO C 396 -23.13 28.81 -3.10
N ILE C 397 -23.87 29.91 -3.11
CA ILE C 397 -25.33 29.90 -3.01
C ILE C 397 -25.89 29.25 -4.26
N SER C 398 -26.73 28.23 -4.07
CA SER C 398 -27.28 27.45 -5.17
C SER C 398 -28.79 27.39 -5.08
N MET C 399 -29.43 27.35 -6.25
CA MET C 399 -30.86 27.16 -6.37
C MET C 399 -31.11 25.72 -6.80
N ASN C 400 -31.93 25.02 -6.01
CA ASN C 400 -32.23 23.61 -6.27
C ASN C 400 -33.73 23.43 -6.25
N PHE C 401 -34.25 22.76 -7.26
CA PHE C 401 -35.66 22.83 -7.58
C PHE C 401 -35.98 21.80 -8.65
N GLU C 402 -37.22 21.83 -9.13
CA GLU C 402 -37.69 20.91 -10.17
C GLU C 402 -37.98 21.69 -11.43
N VAL C 403 -37.53 21.16 -12.57
CA VAL C 403 -37.84 21.76 -13.87
C VAL C 403 -37.66 20.75 -14.98
N PRO C 404 -38.68 20.49 -15.77
CA PRO C 404 -38.46 19.87 -17.08
C PRO C 404 -38.27 20.96 -18.11
N PHE C 405 -37.43 20.73 -19.11
CA PHE C 405 -37.05 21.84 -19.98
C PHE C 405 -36.25 21.37 -21.18
N ALA C 406 -36.41 22.09 -22.29
CA ALA C 406 -35.53 21.96 -23.45
C ALA C 406 -34.71 23.25 -23.53
N PRO C 407 -33.67 23.37 -22.70
CA PRO C 407 -32.97 24.65 -22.61
C PRO C 407 -32.43 25.13 -23.94
N SER C 408 -31.60 24.33 -24.59
CA SER C 408 -31.21 24.64 -25.96
C SER C 408 -32.42 24.57 -26.87
N GLY C 409 -33.39 23.72 -26.54
CA GLY C 409 -34.47 23.47 -27.45
C GLY C 409 -34.03 22.87 -28.76
N LEU C 410 -32.78 22.44 -28.85
CA LEU C 410 -32.35 21.61 -29.97
C LEU C 410 -33.09 20.30 -29.88
N LYS C 411 -33.97 20.05 -30.84
CA LYS C 411 -34.97 18.99 -30.70
C LYS C 411 -35.02 18.18 -31.97
N VAL C 412 -36.07 17.39 -32.09
CA VAL C 412 -36.18 16.42 -33.16
C VAL C 412 -36.33 17.14 -34.49
N ARG C 413 -35.25 17.16 -35.27
CA ARG C 413 -35.36 17.63 -36.64
C ARG C 413 -36.17 16.64 -37.47
N TYR C 414 -36.00 15.35 -37.19
CA TYR C 414 -36.85 14.29 -37.70
C TYR C 414 -36.52 13.01 -36.94
N LEU C 415 -37.16 11.91 -37.31
CA LEU C 415 -36.89 10.65 -36.65
C LEU C 415 -37.31 9.54 -37.58
N LYS C 416 -36.35 8.76 -38.07
CA LYS C 416 -36.61 7.77 -39.09
C LYS C 416 -36.53 6.37 -38.51
N VAL C 417 -37.70 5.75 -38.34
CA VAL C 417 -37.81 4.40 -37.80
C VAL C 417 -38.70 3.60 -38.73
N PHE C 418 -38.51 2.28 -38.73
CA PHE C 418 -39.24 1.41 -39.64
C PHE C 418 -39.24 -0.02 -39.15
N GLU C 419 -39.61 -0.94 -40.04
CA GLU C 419 -39.16 -2.31 -39.97
C GLU C 419 -39.08 -2.82 -41.40
N PRO C 420 -37.96 -2.61 -42.07
CA PRO C 420 -37.91 -2.91 -43.51
C PRO C 420 -37.69 -4.38 -43.77
N LYS C 421 -38.41 -5.23 -43.04
CA LYS C 421 -38.30 -6.65 -43.28
C LYS C 421 -39.66 -7.27 -43.61
N LEU C 422 -40.67 -7.06 -42.76
CA LEU C 422 -41.92 -7.71 -43.06
C LEU C 422 -43.10 -6.75 -43.26
N ASN C 423 -43.53 -6.08 -42.19
CA ASN C 423 -44.74 -5.28 -42.31
C ASN C 423 -44.64 -3.87 -41.77
N TYR C 424 -44.22 -3.72 -40.51
CA TYR C 424 -44.58 -2.49 -39.81
C TYR C 424 -43.66 -1.34 -40.20
N SER C 425 -44.25 -0.30 -40.78
CA SER C 425 -43.51 0.80 -41.33
C SER C 425 -43.26 1.87 -40.28
N ASP C 426 -42.78 3.02 -40.75
CA ASP C 426 -42.62 4.22 -39.93
C ASP C 426 -43.92 4.54 -39.22
N HIS C 427 -44.98 4.73 -40.01
CA HIS C 427 -46.30 5.03 -39.48
C HIS C 427 -46.76 3.97 -38.50
N ASP C 428 -46.30 2.74 -38.68
CA ASP C 428 -46.61 1.64 -37.78
C ASP C 428 -45.79 1.71 -36.50
N VAL C 429 -45.13 2.83 -36.26
CA VAL C 429 -44.42 3.09 -35.01
C VAL C 429 -44.92 4.40 -34.43
N ILE C 430 -45.16 4.42 -33.12
CA ILE C 430 -45.64 5.60 -32.43
C ILE C 430 -44.55 6.07 -31.47
N LYS C 431 -44.22 7.34 -31.54
CA LYS C 431 -43.00 7.88 -30.97
C LYS C 431 -43.32 8.81 -29.82
N TRP C 432 -42.28 9.17 -29.07
CA TRP C 432 -42.42 10.05 -27.93
C TRP C 432 -41.10 10.73 -27.64
N VAL C 433 -41.14 11.73 -26.76
CA VAL C 433 -39.95 12.29 -26.15
C VAL C 433 -40.36 13.12 -24.95
N ARG C 434 -39.41 13.28 -24.03
CA ARG C 434 -39.54 14.21 -22.93
C ARG C 434 -38.35 15.15 -22.97
N TYR C 435 -38.51 16.34 -22.39
CA TYR C 435 -37.42 17.29 -22.33
C TYR C 435 -37.26 17.80 -20.90
N ILE C 436 -36.44 17.11 -20.14
CA ILE C 436 -36.29 17.33 -18.70
C ILE C 436 -34.99 18.07 -18.46
N GLY C 437 -35.09 19.38 -18.30
CA GLY C 437 -33.97 20.14 -17.80
C GLY C 437 -33.53 19.65 -16.44
N ARG C 438 -32.33 20.04 -16.04
CA ARG C 438 -31.78 19.56 -14.77
C ARG C 438 -30.83 20.62 -14.24
N SER C 439 -31.31 21.44 -13.31
CA SER C 439 -30.50 22.52 -12.76
C SER C 439 -30.40 22.37 -11.25
N GLY C 440 -29.43 21.58 -10.82
CA GLY C 440 -29.02 21.60 -9.44
C GLY C 440 -27.68 22.29 -9.37
N ILE C 441 -27.05 22.42 -10.53
CA ILE C 441 -25.81 23.19 -10.67
C ILE C 441 -26.24 24.63 -10.94
N TYR C 442 -26.56 25.34 -9.86
CA TYR C 442 -26.93 26.75 -9.94
C TYR C 442 -26.25 27.49 -8.80
N GLU C 443 -24.98 27.17 -8.57
CA GLU C 443 -24.30 27.55 -7.35
C GLU C 443 -23.36 28.71 -7.60
N THR C 444 -23.47 29.73 -6.75
CA THR C 444 -22.47 30.79 -6.68
C THR C 444 -22.67 31.65 -5.43
N ARG C 445 -21.61 31.82 -4.66
CA ARG C 445 -21.55 32.85 -3.63
C ARG C 445 -20.19 33.51 -3.73
N CYS C 446 -19.18 32.69 -4.05
CA CYS C 446 -17.83 33.17 -4.31
C CYS C 446 -17.51 33.01 -5.78
N MET D 1 8.28 -9.14 30.63
CA MET D 1 7.20 -9.71 31.43
C MET D 1 5.97 -9.91 30.57
N ILE D 2 4.87 -10.35 31.18
CA ILE D 2 3.62 -10.47 30.45
C ILE D 2 3.20 -9.08 30.02
N ARG D 3 3.29 -8.80 28.73
CA ARG D 3 2.80 -7.53 28.21
C ARG D 3 1.30 -7.40 28.49
N PHE D 4 0.53 -8.40 28.05
CA PHE D 4 -0.90 -8.42 28.28
C PHE D 4 -1.38 -9.84 28.04
N ILE D 5 -2.68 -10.02 28.20
CA ILE D 5 -3.32 -11.33 28.09
C ILE D 5 -4.64 -11.15 27.34
N LEU D 6 -4.69 -11.62 26.10
CA LEU D 6 -5.89 -11.50 25.29
C LEU D 6 -6.45 -12.87 24.98
N ILE D 7 -7.77 -12.97 25.09
CA ILE D 7 -8.50 -14.19 24.77
C ILE D 7 -9.66 -13.83 23.88
N GLN D 8 -9.72 -14.46 22.71
CA GLN D 8 -10.79 -14.23 21.75
C GLN D 8 -11.53 -15.52 21.46
N ASN D 9 -12.76 -15.36 20.99
CA ASN D 9 -13.60 -16.48 20.61
C ASN D 9 -13.38 -16.81 19.15
N ARG D 10 -13.84 -18.00 18.76
CA ARG D 10 -13.96 -18.35 17.36
C ARG D 10 -14.89 -17.39 16.62
N ALA D 11 -15.71 -16.66 17.35
CA ALA D 11 -16.54 -15.60 16.80
C ALA D 11 -15.77 -14.30 16.65
N GLY D 12 -14.44 -14.35 16.64
CA GLY D 12 -13.69 -13.13 16.45
C GLY D 12 -13.33 -12.45 17.75
N LYS D 13 -14.18 -11.52 18.15
CA LYS D 13 -14.00 -10.58 19.26
C LYS D 13 -13.23 -11.14 20.45
N THR D 14 -12.26 -10.37 20.93
CA THR D 14 -11.43 -10.75 22.07
C THR D 14 -12.33 -10.84 23.28
N ARG D 15 -12.57 -12.07 23.73
CA ARG D 15 -13.47 -12.27 24.85
C ARG D 15 -12.81 -12.01 26.19
N LEU D 16 -11.48 -11.91 26.24
CA LEU D 16 -10.83 -11.40 27.43
C LEU D 16 -9.65 -10.54 27.00
N ALA D 17 -9.73 -9.27 27.35
CA ALA D 17 -8.61 -8.35 27.20
C ALA D 17 -8.04 -8.06 28.57
N LYS D 18 -6.81 -8.54 28.78
CA LYS D 18 -6.16 -8.37 30.06
C LYS D 18 -4.75 -7.82 29.83
N TRP D 19 -4.45 -6.67 30.43
CA TRP D 19 -3.24 -5.94 30.07
C TRP D 19 -2.35 -5.72 31.27
N TYR D 20 -1.09 -5.34 31.03
CA TYR D 20 -0.19 -5.07 32.13
C TYR D 20 0.54 -3.74 31.97
N MET D 21 0.39 -3.11 30.80
CA MET D 21 0.90 -1.76 30.62
C MET D 21 -0.23 -0.85 30.16
N GLN D 22 0.12 0.40 29.91
CA GLN D 22 -0.83 1.44 29.56
C GLN D 22 -1.02 1.43 28.05
N PHE D 23 -1.44 0.30 27.52
CA PHE D 23 -1.85 0.23 26.13
C PHE D 23 -3.07 1.11 25.94
N ASP D 24 -3.41 1.39 24.69
CA ASP D 24 -4.47 2.34 24.41
C ASP D 24 -5.38 1.79 23.32
N ASP D 25 -6.58 2.38 23.26
CA ASP D 25 -7.64 2.02 22.33
C ASP D 25 -7.11 1.71 20.94
N ASP D 26 -6.37 2.67 20.37
CA ASP D 26 -5.71 2.43 19.10
C ASP D 26 -4.77 1.24 19.20
N GLU D 27 -3.90 1.24 20.20
CA GLU D 27 -2.90 0.20 20.35
C GLU D 27 -3.54 -1.15 20.62
N LYS D 28 -4.40 -1.20 21.64
CA LYS D 28 -5.10 -2.44 21.98
C LYS D 28 -5.88 -2.96 20.78
N GLN D 29 -6.55 -2.07 20.06
CA GLN D 29 -7.37 -2.48 18.93
C GLN D 29 -6.51 -3.05 17.82
N LYS D 30 -5.40 -2.37 17.50
CA LYS D 30 -4.48 -2.88 16.51
C LYS D 30 -3.97 -4.26 16.91
N LEU D 31 -3.61 -4.41 18.18
CA LEU D 31 -3.13 -5.69 18.71
C LEU D 31 -4.17 -6.75 18.44
N ILE D 32 -5.40 -6.48 18.87
CA ILE D 32 -6.50 -7.41 18.66
C ILE D 32 -6.58 -7.83 17.20
N GLU D 33 -6.73 -6.85 16.31
CA GLU D 33 -7.00 -7.15 14.90
C GLU D 33 -5.84 -7.90 14.27
N GLU D 34 -4.63 -7.39 14.44
CA GLU D 34 -3.45 -8.04 13.86
C GLU D 34 -3.28 -9.45 14.38
N VAL D 35 -3.29 -9.62 15.70
CA VAL D 35 -3.13 -10.95 16.30
C VAL D 35 -4.21 -11.88 15.77
N HIS D 36 -5.43 -11.37 15.64
CA HIS D 36 -6.54 -12.19 15.19
C HIS D 36 -6.31 -12.67 13.77
N ALA D 37 -5.95 -11.75 12.88
CA ALA D 37 -5.63 -12.12 11.51
C ALA D 37 -4.52 -13.16 11.46
N VAL D 38 -3.49 -12.96 12.28
CA VAL D 38 -2.38 -13.92 12.31
C VAL D 38 -2.88 -15.30 12.72
N VAL D 39 -3.64 -15.36 13.82
CA VAL D 39 -4.20 -16.62 14.29
C VAL D 39 -4.98 -17.31 13.18
N THR D 40 -5.79 -16.54 12.46
CA THR D 40 -6.52 -17.11 11.33
C THR D 40 -5.58 -17.69 10.29
N VAL D 41 -4.64 -16.90 9.79
CA VAL D 41 -3.76 -17.40 8.75
C VAL D 41 -2.78 -18.43 9.28
N ARG D 42 -2.50 -18.43 10.57
CA ARG D 42 -1.59 -19.43 11.13
C ARG D 42 -2.24 -20.80 11.10
N ASP D 43 -1.63 -21.73 10.37
CA ASP D 43 -2.14 -23.09 10.33
C ASP D 43 -1.49 -23.95 11.41
N ALA D 44 -1.65 -25.26 11.32
CA ALA D 44 -1.47 -26.15 12.45
C ALA D 44 -0.04 -26.49 12.80
N LYS D 45 0.88 -26.49 11.85
CA LYS D 45 2.28 -26.84 12.15
C LYS D 45 2.96 -25.79 13.01
N HIS D 46 2.25 -24.74 13.39
CA HIS D 46 2.85 -23.58 14.03
C HIS D 46 3.22 -23.83 15.48
N THR D 47 3.74 -22.79 16.13
CA THR D 47 4.13 -22.80 17.53
C THR D 47 2.99 -22.25 18.37
N ASN D 48 3.29 -21.94 19.62
CA ASN D 48 2.38 -21.16 20.44
C ASN D 48 2.92 -19.76 20.72
N PHE D 49 3.94 -19.33 19.99
CA PHE D 49 4.66 -18.10 20.31
C PHE D 49 5.07 -17.43 19.02
N VAL D 50 4.28 -16.46 18.56
CA VAL D 50 4.56 -15.77 17.32
C VAL D 50 5.09 -14.38 17.64
N GLU D 51 6.20 -14.02 17.00
CA GLU D 51 6.71 -12.66 17.07
C GLU D 51 5.87 -11.78 16.17
N PHE D 52 5.56 -10.56 16.63
CA PHE D 52 4.82 -9.62 15.79
C PHE D 52 5.69 -8.38 15.61
N ARG D 53 6.64 -8.46 14.69
CA ARG D 53 7.37 -7.35 14.08
C ARG D 53 8.26 -6.60 15.06
N ASN D 54 8.09 -6.82 16.37
CA ASN D 54 9.16 -6.41 17.28
C ASN D 54 9.33 -7.37 18.45
N PHE D 55 8.38 -8.25 18.71
CA PHE D 55 8.46 -9.21 19.81
C PHE D 55 7.27 -10.15 19.71
N LYS D 56 7.14 -11.05 20.67
CA LYS D 56 6.33 -12.25 20.55
C LYS D 56 5.06 -12.14 21.39
N ILE D 57 4.15 -13.07 21.16
CA ILE D 57 3.06 -13.37 22.07
C ILE D 57 3.05 -14.87 22.32
N ILE D 58 2.83 -15.27 23.56
CA ILE D 58 2.50 -16.65 23.89
C ILE D 58 1.01 -16.83 23.63
N TYR D 59 0.67 -17.35 22.46
CA TYR D 59 -0.71 -17.50 22.10
C TYR D 59 -1.10 -18.97 22.25
N ARG D 60 -2.37 -19.21 22.53
CA ARG D 60 -2.87 -20.57 22.64
C ARG D 60 -4.23 -20.67 21.97
N ARG D 61 -4.26 -21.44 20.89
CA ARG D 61 -5.46 -21.61 20.09
C ARG D 61 -6.29 -22.78 20.62
N TYR D 62 -7.61 -22.63 20.50
CA TYR D 62 -8.54 -23.70 20.84
C TYR D 62 -9.67 -23.60 19.84
N ALA D 63 -10.38 -24.71 19.61
CA ALA D 63 -11.48 -24.81 18.64
C ALA D 63 -12.30 -23.53 18.72
N GLY D 64 -12.72 -23.08 19.90
CA GLY D 64 -13.42 -21.81 20.00
C GLY D 64 -12.59 -20.68 20.56
N LEU D 65 -11.60 -20.97 21.39
CA LEU D 65 -10.93 -19.95 22.19
C LEU D 65 -9.50 -19.79 21.71
N TYR D 66 -8.94 -18.61 21.93
CA TYR D 66 -7.59 -18.29 21.50
C TYR D 66 -6.94 -17.46 22.60
N PHE D 67 -6.15 -18.12 23.44
CA PHE D 67 -5.54 -17.48 24.60
C PHE D 67 -4.21 -16.88 24.17
N CYS D 68 -4.14 -15.56 24.10
CA CYS D 68 -2.95 -14.87 23.63
C CYS D 68 -2.37 -14.05 24.77
N ILE D 69 -1.14 -14.36 25.14
CA ILE D 69 -0.43 -13.68 26.22
C ILE D 69 0.87 -13.14 25.64
N CYS D 70 1.13 -11.86 25.85
CA CYS D 70 2.20 -11.19 25.16
C CYS D 70 3.42 -11.02 26.07
N VAL D 71 4.58 -11.42 25.54
CA VAL D 71 5.87 -11.26 26.20
C VAL D 71 6.80 -10.70 25.14
N ASP D 72 8.10 -10.58 25.40
CA ASP D 72 8.86 -9.89 24.37
C ASP D 72 9.91 -10.70 23.62
N VAL D 73 11.02 -11.06 24.26
CA VAL D 73 12.11 -11.63 23.49
C VAL D 73 12.78 -12.81 24.17
N ASN D 74 12.69 -12.87 25.50
CA ASN D 74 13.62 -13.68 26.27
C ASN D 74 12.96 -14.79 27.05
N ASP D 75 11.70 -14.59 27.42
CA ASP D 75 10.98 -15.50 28.30
C ASP D 75 10.89 -16.89 27.68
N ASN D 76 11.20 -17.91 28.48
CA ASN D 76 11.28 -19.29 27.99
C ASN D 76 9.84 -19.73 27.70
N ASN D 77 9.45 -19.57 26.43
CA ASN D 77 8.13 -19.85 25.92
C ASN D 77 7.51 -21.12 26.50
N LEU D 78 8.28 -22.19 26.61
CA LEU D 78 7.75 -23.48 27.01
C LEU D 78 7.10 -23.42 28.38
N ALA D 79 7.80 -22.83 29.35
CA ALA D 79 7.30 -22.74 30.72
C ALA D 79 5.96 -22.04 30.73
N TYR D 80 5.87 -20.93 30.01
CA TYR D 80 4.64 -20.15 29.98
C TYR D 80 3.53 -20.89 29.25
N LEU D 81 3.89 -21.63 28.21
CA LEU D 81 2.92 -22.46 27.52
C LEU D 81 2.31 -23.46 28.49
N GLU D 82 3.16 -24.13 29.27
CA GLU D 82 2.65 -25.07 30.26
C GLU D 82 1.82 -24.36 31.32
N ALA D 83 2.21 -23.13 31.67
CA ALA D 83 1.43 -22.35 32.60
C ALA D 83 0.03 -22.08 32.06
N ILE D 84 -0.05 -21.73 30.78
CA ILE D 84 -1.33 -21.43 30.14
C ILE D 84 -2.17 -22.70 30.13
N HIS D 85 -1.55 -23.82 29.71
CA HIS D 85 -2.24 -25.09 29.72
C HIS D 85 -2.80 -25.39 31.10
N ASN D 86 -1.99 -25.18 32.14
CA ASN D 86 -2.41 -25.35 33.52
C ASN D 86 -3.63 -24.49 33.82
N PHE D 87 -3.57 -23.22 33.43
CA PHE D 87 -4.66 -22.31 33.72
C PHE D 87 -5.94 -22.74 33.03
N VAL D 88 -5.81 -23.21 31.79
CA VAL D 88 -6.97 -23.75 31.08
C VAL D 88 -7.55 -24.92 31.84
N GLU D 89 -6.69 -25.86 32.26
CA GLU D 89 -7.15 -26.96 33.09
C GLU D 89 -7.96 -26.43 34.27
N VAL D 90 -7.40 -25.47 35.00
CA VAL D 90 -8.05 -24.92 36.19
C VAL D 90 -9.43 -24.38 35.82
N LEU D 91 -9.51 -23.65 34.71
CA LEU D 91 -10.78 -23.03 34.35
C LEU D 91 -11.86 -24.06 34.11
N ASN D 92 -11.69 -24.90 33.09
CA ASN D 92 -12.72 -25.87 32.76
C ASN D 92 -12.94 -26.86 33.88
N GLU D 93 -11.95 -27.04 34.75
CA GLU D 93 -12.16 -27.81 35.96
C GLU D 93 -13.21 -27.13 36.81
N TYR D 94 -12.89 -25.92 37.28
CA TYR D 94 -13.83 -25.17 38.10
C TYR D 94 -15.08 -24.81 37.33
N PHE D 95 -14.92 -24.39 36.08
CA PHE D 95 -16.05 -24.01 35.27
C PHE D 95 -16.73 -25.20 34.62
N HIS D 96 -16.29 -26.41 34.94
CA HIS D 96 -17.06 -27.62 34.71
C HIS D 96 -17.59 -27.68 33.28
N ASN D 97 -16.66 -27.82 32.33
CA ASN D 97 -16.99 -27.77 30.92
C ASN D 97 -17.66 -26.44 30.62
N VAL D 98 -16.90 -25.36 30.74
CA VAL D 98 -17.41 -24.02 30.54
C VAL D 98 -17.92 -23.87 29.12
N CYS D 99 -19.13 -23.34 28.98
CA CYS D 99 -19.58 -22.75 27.74
C CYS D 99 -19.38 -21.25 27.87
N GLU D 100 -19.15 -20.58 26.74
CA GLU D 100 -18.83 -19.15 26.77
C GLU D 100 -19.86 -18.38 27.58
N LEU D 101 -21.14 -18.76 27.50
CA LEU D 101 -22.18 -18.09 28.24
C LEU D 101 -21.87 -18.04 29.73
N ASP D 102 -21.21 -19.08 30.26
CA ASP D 102 -20.82 -19.07 31.66
C ASP D 102 -20.00 -17.83 31.99
N LEU D 103 -18.91 -17.62 31.25
CA LEU D 103 -18.08 -16.46 31.53
C LEU D 103 -18.77 -15.17 31.14
N VAL D 104 -19.67 -15.21 30.14
CA VAL D 104 -20.52 -14.06 29.83
C VAL D 104 -21.20 -13.60 31.10
N PHE D 105 -21.53 -14.54 31.98
CA PHE D 105 -22.01 -14.17 33.30
C PHE D 105 -20.91 -14.22 34.35
N ASN D 106 -19.71 -14.71 34.02
CA ASN D 106 -18.67 -14.90 35.02
C ASN D 106 -17.29 -14.56 34.48
N PHE D 107 -17.21 -13.60 33.56
CA PHE D 107 -15.89 -13.18 33.08
C PHE D 107 -15.04 -12.62 34.22
N TYR D 108 -15.68 -11.90 35.15
CA TYR D 108 -14.96 -11.30 36.26
C TYR D 108 -14.28 -12.35 37.12
N LYS D 109 -14.89 -13.54 37.23
CA LYS D 109 -14.28 -14.61 38.01
C LYS D 109 -12.96 -15.03 37.41
N VAL D 110 -12.98 -15.33 36.10
CA VAL D 110 -11.76 -15.68 35.38
C VAL D 110 -10.75 -14.57 35.56
N TYR D 111 -11.21 -13.32 35.45
CA TYR D 111 -10.30 -12.19 35.52
C TYR D 111 -9.61 -12.12 36.87
N THR D 112 -10.39 -12.19 37.95
CA THR D 112 -9.81 -12.08 39.28
C THR D 112 -8.96 -13.29 39.63
N VAL D 113 -9.25 -14.47 39.10
CA VAL D 113 -8.35 -15.58 39.38
C VAL D 113 -7.04 -15.42 38.62
N VAL D 114 -7.10 -14.93 37.37
CA VAL D 114 -5.89 -14.53 36.66
C VAL D 114 -5.07 -13.59 37.53
N ASP D 115 -5.72 -12.52 37.98
CA ASP D 115 -5.08 -11.57 38.90
C ASP D 115 -4.48 -12.29 40.09
N GLU D 116 -5.17 -13.32 40.57
CA GLU D 116 -4.65 -14.10 41.69
C GLU D 116 -3.31 -14.75 41.35
N MET D 117 -3.30 -15.69 40.40
CA MET D 117 -2.10 -16.49 40.20
C MET D 117 -1.10 -15.80 39.27
N PHE D 118 -1.51 -14.71 38.63
CA PHE D 118 -0.60 -13.94 37.78
C PHE D 118 -0.72 -12.48 38.17
N LEU D 119 0.43 -11.81 38.34
CA LEU D 119 0.41 -10.43 38.79
C LEU D 119 1.54 -9.65 38.16
N ALA D 120 1.34 -8.35 38.03
CA ALA D 120 2.35 -7.35 37.64
C ALA D 120 3.07 -7.71 36.35
N GLY D 121 2.47 -8.50 35.48
CA GLY D 121 3.15 -8.94 34.28
C GLY D 121 3.89 -10.24 34.45
N GLU D 122 3.71 -10.93 35.57
CA GLU D 122 4.40 -12.18 35.85
C GLU D 122 3.44 -13.14 36.52
N ILE D 123 3.87 -14.39 36.64
CA ILE D 123 3.13 -15.39 37.38
C ILE D 123 3.21 -15.06 38.86
N ARG D 124 2.06 -14.81 39.48
CA ARG D 124 2.06 -14.64 40.91
C ARG D 124 2.02 -15.99 41.62
N GLU D 125 1.32 -16.96 41.06
CA GLU D 125 1.25 -18.30 41.64
C GLU D 125 1.06 -19.34 40.53
N THR D 126 1.55 -20.55 40.83
CA THR D 126 1.24 -21.76 40.08
C THR D 126 1.20 -22.97 41.01
N SER D 127 0.02 -23.31 41.52
CA SER D 127 -0.09 -24.47 42.39
C SER D 127 -1.48 -25.09 42.31
N GLN D 128 -1.62 -26.12 41.48
CA GLN D 128 -2.94 -26.52 40.98
C GLN D 128 -3.92 -26.79 42.11
N THR D 129 -3.55 -27.70 43.02
CA THR D 129 -4.44 -28.03 44.13
C THR D 129 -4.72 -26.79 44.96
N LYS D 130 -3.66 -26.05 45.31
CA LYS D 130 -3.83 -24.85 46.12
C LYS D 130 -4.62 -23.79 45.37
N VAL D 131 -4.38 -23.67 44.05
CA VAL D 131 -5.14 -22.74 43.24
C VAL D 131 -6.63 -23.06 43.35
N LEU D 132 -7.00 -24.31 43.08
CA LEU D 132 -8.39 -24.70 43.16
C LEU D 132 -8.95 -24.48 44.55
N LYS D 133 -8.20 -24.86 45.58
CA LYS D 133 -8.60 -24.69 46.97
C LYS D 133 -8.95 -23.24 47.26
N GLN D 134 -7.99 -22.35 47.04
CA GLN D 134 -8.16 -20.95 47.37
C GLN D 134 -9.25 -20.32 46.52
N LEU D 135 -9.30 -20.69 45.24
CA LEU D 135 -10.38 -20.26 44.36
C LEU D 135 -11.74 -20.57 44.98
N LEU D 136 -12.00 -21.86 45.21
CA LEU D 136 -13.30 -22.29 45.71
C LEU D 136 -13.62 -21.65 47.04
N MET D 137 -12.68 -21.68 47.99
CA MET D 137 -12.91 -21.05 49.28
C MET D 137 -13.13 -19.55 49.15
N LEU D 138 -12.63 -18.93 48.08
CA LEU D 138 -12.84 -17.52 47.84
C LEU D 138 -13.79 -17.29 46.66
N GLN D 139 -14.34 -18.35 46.10
CA GLN D 139 -15.44 -18.24 45.14
C GLN D 139 -16.74 -18.19 45.94
N SER D 140 -16.59 -17.79 47.20
CA SER D 140 -17.68 -17.67 48.15
C SER D 140 -17.58 -16.35 48.89
N LEU D 141 -16.90 -15.38 48.28
CA LEU D 141 -16.57 -14.11 48.93
C LEU D 141 -17.50 -13.03 48.42
N GLU D 142 -18.47 -12.64 49.25
CA GLU D 142 -19.33 -11.52 48.93
C GLU D 142 -18.80 -10.24 49.55
#